data_1TX7
# 
_entry.id   1TX7 
# 
_audit_conform.dict_name       mmcif_pdbx.dic 
_audit_conform.dict_version    5.398 
_audit_conform.dict_location   http://mmcif.pdb.org/dictionaries/ascii/mmcif_pdbx.dic 
# 
loop_
_database_2.database_id 
_database_2.database_code 
_database_2.pdbx_database_accession 
_database_2.pdbx_DOI 
PDB   1TX7         pdb_00001tx7 10.2210/pdb1tx7/pdb 
RCSB  RCSB022994   ?            ?                   
WWPDB D_1000022994 ?            ?                   
# 
loop_
_pdbx_audit_revision_history.ordinal 
_pdbx_audit_revision_history.data_content_type 
_pdbx_audit_revision_history.major_revision 
_pdbx_audit_revision_history.minor_revision 
_pdbx_audit_revision_history.revision_date 
1 'Structure model' 1 0 2005-09-20 
2 'Structure model' 1 1 2008-04-30 
3 'Structure model' 1 2 2011-07-13 
4 'Structure model' 1 3 2018-04-04 
5 'Structure model' 1 4 2024-11-13 
# 
_pdbx_audit_revision_details.ordinal             1 
_pdbx_audit_revision_details.revision_ordinal    1 
_pdbx_audit_revision_details.data_content_type   'Structure model' 
_pdbx_audit_revision_details.provider            repository 
_pdbx_audit_revision_details.type                'Initial release' 
_pdbx_audit_revision_details.description         ? 
_pdbx_audit_revision_details.details             ? 
# 
loop_
_pdbx_audit_revision_group.ordinal 
_pdbx_audit_revision_group.revision_ordinal 
_pdbx_audit_revision_group.data_content_type 
_pdbx_audit_revision_group.group 
1 2 'Structure model' 'Version format compliance' 
2 3 'Structure model' 'Version format compliance' 
3 4 'Structure model' 'Data collection'           
4 5 'Structure model' 'Data collection'           
5 5 'Structure model' 'Database references'       
6 5 'Structure model' 'Derived calculations'      
7 5 'Structure model' 'Structure summary'         
# 
loop_
_pdbx_audit_revision_category.ordinal 
_pdbx_audit_revision_category.revision_ordinal 
_pdbx_audit_revision_category.data_content_type 
_pdbx_audit_revision_category.category 
1 4 'Structure model' diffrn_source             
2 5 'Structure model' chem_comp_atom            
3 5 'Structure model' chem_comp_bond            
4 5 'Structure model' database_2                
5 5 'Structure model' pdbx_entry_details        
6 5 'Structure model' pdbx_modification_feature 
7 5 'Structure model' pdbx_struct_conn_angle    
8 5 'Structure model' struct_conn               
9 5 'Structure model' struct_site               
# 
loop_
_pdbx_audit_revision_item.ordinal 
_pdbx_audit_revision_item.revision_ordinal 
_pdbx_audit_revision_item.data_content_type 
_pdbx_audit_revision_item.item 
1  4 'Structure model' '_diffrn_source.type'                         
2  5 'Structure model' '_database_2.pdbx_DOI'                        
3  5 'Structure model' '_database_2.pdbx_database_accession'         
4  5 'Structure model' '_pdbx_struct_conn_angle.ptnr1_auth_comp_id'  
5  5 'Structure model' '_pdbx_struct_conn_angle.ptnr1_auth_seq_id'   
6  5 'Structure model' '_pdbx_struct_conn_angle.ptnr1_label_asym_id' 
7  5 'Structure model' '_pdbx_struct_conn_angle.ptnr1_label_atom_id' 
8  5 'Structure model' '_pdbx_struct_conn_angle.ptnr1_label_comp_id' 
9  5 'Structure model' '_pdbx_struct_conn_angle.ptnr1_label_seq_id'  
10 5 'Structure model' '_pdbx_struct_conn_angle.ptnr3_auth_comp_id'  
11 5 'Structure model' '_pdbx_struct_conn_angle.ptnr3_auth_seq_id'   
12 5 'Structure model' '_pdbx_struct_conn_angle.ptnr3_label_asym_id' 
13 5 'Structure model' '_pdbx_struct_conn_angle.ptnr3_label_atom_id' 
14 5 'Structure model' '_pdbx_struct_conn_angle.ptnr3_label_comp_id' 
15 5 'Structure model' '_pdbx_struct_conn_angle.ptnr3_label_seq_id'  
16 5 'Structure model' '_pdbx_struct_conn_angle.value'               
17 5 'Structure model' '_struct_conn.pdbx_dist_value'                
18 5 'Structure model' '_struct_conn.ptnr1_auth_comp_id'             
19 5 'Structure model' '_struct_conn.ptnr1_auth_seq_id'              
20 5 'Structure model' '_struct_conn.ptnr1_label_asym_id'            
21 5 'Structure model' '_struct_conn.ptnr1_label_atom_id'            
22 5 'Structure model' '_struct_conn.ptnr1_label_comp_id'            
23 5 'Structure model' '_struct_conn.ptnr1_label_seq_id'             
24 5 'Structure model' '_struct_conn.ptnr2_auth_comp_id'             
25 5 'Structure model' '_struct_conn.ptnr2_auth_seq_id'              
26 5 'Structure model' '_struct_conn.ptnr2_label_asym_id'            
27 5 'Structure model' '_struct_conn.ptnr2_label_atom_id'            
28 5 'Structure model' '_struct_conn.ptnr2_label_comp_id'            
29 5 'Structure model' '_struct_conn.ptnr2_label_seq_id'             
30 5 'Structure model' '_struct_site.pdbx_auth_asym_id'              
31 5 'Structure model' '_struct_site.pdbx_auth_comp_id'              
32 5 'Structure model' '_struct_site.pdbx_auth_seq_id'               
# 
_pdbx_database_status.status_code                     REL 
_pdbx_database_status.entry_id                        1TX7 
_pdbx_database_status.recvd_initial_deposition_date   2004-07-02 
_pdbx_database_status.deposit_site                    RCSB 
_pdbx_database_status.process_site                    RCSB 
_pdbx_database_status.status_code_sf                  REL 
_pdbx_database_status.status_code_mr                  ? 
_pdbx_database_status.SG_entry                        ? 
_pdbx_database_status.pdb_format_compatible           Y 
_pdbx_database_status.status_code_cs                  ? 
_pdbx_database_status.methods_development_category    ? 
_pdbx_database_status.status_code_nmr_data            ? 
# 
loop_
_audit_author.name 
_audit_author.pdbx_ordinal 
'Cui, J.'       1 
'Marankan, F.'  2 
'Fu, W.'        3 
'Crich, D.'     4 
'Mesecar, A.'   5 
'Johnson, M.E.' 6 
# 
_citation.id                        primary 
_citation.title                     'An oxyanion-hole selective serine protease inhibitor in complex with trypsin.' 
_citation.journal_abbrev            Bioorg.Med.Chem. 
_citation.journal_volume            10 
_citation.page_first                41 
_citation.page_last                 46 
_citation.year                      2002 
_citation.journal_id_ASTM           BMECEP 
_citation.country                   UK 
_citation.journal_id_ISSN           0968-0896 
_citation.journal_id_CSD            1200 
_citation.book_publisher            ? 
_citation.pdbx_database_id_PubMed   11738605 
_citation.pdbx_database_id_DOI      '10.1016/S0968-0896(01)00259-0' 
# 
loop_
_citation_author.citation_id 
_citation_author.name 
_citation_author.ordinal 
_citation_author.identifier_ORCID 
primary 'Cui, J.'       1 ? 
primary 'Marankan, F.'  2 ? 
primary 'Fu, W.'        3 ? 
primary 'Crich, D.'     4 ? 
primary 'Mesecar, A.'   5 ? 
primary 'Johnson, M.E.' 6 ? 
# 
loop_
_entity.id 
_entity.type 
_entity.src_method 
_entity.pdbx_description 
_entity.formula_weight 
_entity.pdbx_number_of_molecules 
_entity.pdbx_ec 
_entity.pdbx_mutation 
_entity.pdbx_fragment 
_entity.details 
1 polymer     nat Trypsinogen                                      23324.287 1  3.4.21.4 ? 'beta Trypsin' ? 
2 non-polymer syn 'CALCIUM ION'                                    40.078    1  ?        ? ?              ? 
3 non-polymer syn '(4-CARBAMIMIDOYLPHENYL)-METHYL-PHOSPHINIC ACID' 198.159   1  ?        ? ?              ? 
4 water       nat water                                            18.015    93 ?        ? ?              ? 
# 
_entity_name_com.entity_id   1 
_entity_name_com.name        'Beta-trypsin, Fragment' 
# 
_entity_poly.entity_id                      1 
_entity_poly.type                           'polypeptide(L)' 
_entity_poly.nstd_linkage                   no 
_entity_poly.nstd_monomer                   no 
_entity_poly.pdbx_seq_one_letter_code       
;IVGGYTCGANTVPYQVSLNSGYHFCGGSLINSQWVVSAAHCYKSGIQVRLGEDNINVVEGNEQFISASKSIVHPSYNSNT
LNNDIMLIKLKSAASLNSRVASISLPTSCASAGTQCLISGWGNTKSSGTSYPDVLKCLKAPILSDSSCKSAYPGQITSNM
FCAGYLEGGKDSCQGDSGGPVVCSGKLQGIVSWGSGCAQKNKPGVYTKVCNYVSWIKQTIASN
;
_entity_poly.pdbx_seq_one_letter_code_can   
;IVGGYTCGANTVPYQVSLNSGYHFCGGSLINSQWVVSAAHCYKSGIQVRLGEDNINVVEGNEQFISASKSIVHPSYNSNT
LNNDIMLIKLKSAASLNSRVASISLPTSCASAGTQCLISGWGNTKSSGTSYPDVLKCLKAPILSDSSCKSAYPGQITSNM
FCAGYLEGGKDSCQGDSGGPVVCSGKLQGIVSWGSGCAQKNKPGVYTKVCNYVSWIKQTIASN
;
_entity_poly.pdbx_strand_id                 A 
_entity_poly.pdbx_target_identifier         ? 
# 
loop_
_pdbx_entity_nonpoly.entity_id 
_pdbx_entity_nonpoly.name 
_pdbx_entity_nonpoly.comp_id 
2 'CALCIUM ION'                                    CA  
3 '(4-CARBAMIMIDOYLPHENYL)-METHYL-PHOSPHINIC ACID' 4CM 
4 water                                            HOH 
# 
loop_
_entity_poly_seq.entity_id 
_entity_poly_seq.num 
_entity_poly_seq.mon_id 
_entity_poly_seq.hetero 
1 1   ILE n 
1 2   VAL n 
1 3   GLY n 
1 4   GLY n 
1 5   TYR n 
1 6   THR n 
1 7   CYS n 
1 8   GLY n 
1 9   ALA n 
1 10  ASN n 
1 11  THR n 
1 12  VAL n 
1 13  PRO n 
1 14  TYR n 
1 15  GLN n 
1 16  VAL n 
1 17  SER n 
1 18  LEU n 
1 19  ASN n 
1 20  SER n 
1 21  GLY n 
1 22  TYR n 
1 23  HIS n 
1 24  PHE n 
1 25  CYS n 
1 26  GLY n 
1 27  GLY n 
1 28  SER n 
1 29  LEU n 
1 30  ILE n 
1 31  ASN n 
1 32  SER n 
1 33  GLN n 
1 34  TRP n 
1 35  VAL n 
1 36  VAL n 
1 37  SER n 
1 38  ALA n 
1 39  ALA n 
1 40  HIS n 
1 41  CYS n 
1 42  TYR n 
1 43  LYS n 
1 44  SER n 
1 45  GLY n 
1 46  ILE n 
1 47  GLN n 
1 48  VAL n 
1 49  ARG n 
1 50  LEU n 
1 51  GLY n 
1 52  GLU n 
1 53  ASP n 
1 54  ASN n 
1 55  ILE n 
1 56  ASN n 
1 57  VAL n 
1 58  VAL n 
1 59  GLU n 
1 60  GLY n 
1 61  ASN n 
1 62  GLU n 
1 63  GLN n 
1 64  PHE n 
1 65  ILE n 
1 66  SER n 
1 67  ALA n 
1 68  SER n 
1 69  LYS n 
1 70  SER n 
1 71  ILE n 
1 72  VAL n 
1 73  HIS n 
1 74  PRO n 
1 75  SER n 
1 76  TYR n 
1 77  ASN n 
1 78  SER n 
1 79  ASN n 
1 80  THR n 
1 81  LEU n 
1 82  ASN n 
1 83  ASN n 
1 84  ASP n 
1 85  ILE n 
1 86  MET n 
1 87  LEU n 
1 88  ILE n 
1 89  LYS n 
1 90  LEU n 
1 91  LYS n 
1 92  SER n 
1 93  ALA n 
1 94  ALA n 
1 95  SER n 
1 96  LEU n 
1 97  ASN n 
1 98  SER n 
1 99  ARG n 
1 100 VAL n 
1 101 ALA n 
1 102 SER n 
1 103 ILE n 
1 104 SER n 
1 105 LEU n 
1 106 PRO n 
1 107 THR n 
1 108 SER n 
1 109 CYS n 
1 110 ALA n 
1 111 SER n 
1 112 ALA n 
1 113 GLY n 
1 114 THR n 
1 115 GLN n 
1 116 CYS n 
1 117 LEU n 
1 118 ILE n 
1 119 SER n 
1 120 GLY n 
1 121 TRP n 
1 122 GLY n 
1 123 ASN n 
1 124 THR n 
1 125 LYS n 
1 126 SER n 
1 127 SER n 
1 128 GLY n 
1 129 THR n 
1 130 SER n 
1 131 TYR n 
1 132 PRO n 
1 133 ASP n 
1 134 VAL n 
1 135 LEU n 
1 136 LYS n 
1 137 CYS n 
1 138 LEU n 
1 139 LYS n 
1 140 ALA n 
1 141 PRO n 
1 142 ILE n 
1 143 LEU n 
1 144 SER n 
1 145 ASP n 
1 146 SER n 
1 147 SER n 
1 148 CYS n 
1 149 LYS n 
1 150 SER n 
1 151 ALA n 
1 152 TYR n 
1 153 PRO n 
1 154 GLY n 
1 155 GLN n 
1 156 ILE n 
1 157 THR n 
1 158 SER n 
1 159 ASN n 
1 160 MET n 
1 161 PHE n 
1 162 CYS n 
1 163 ALA n 
1 164 GLY n 
1 165 TYR n 
1 166 LEU n 
1 167 GLU n 
1 168 GLY n 
1 169 GLY n 
1 170 LYS n 
1 171 ASP n 
1 172 SER n 
1 173 CYS n 
1 174 GLN n 
1 175 GLY n 
1 176 ASP n 
1 177 SER n 
1 178 GLY n 
1 179 GLY n 
1 180 PRO n 
1 181 VAL n 
1 182 VAL n 
1 183 CYS n 
1 184 SER n 
1 185 GLY n 
1 186 LYS n 
1 187 LEU n 
1 188 GLN n 
1 189 GLY n 
1 190 ILE n 
1 191 VAL n 
1 192 SER n 
1 193 TRP n 
1 194 GLY n 
1 195 SER n 
1 196 GLY n 
1 197 CYS n 
1 198 ALA n 
1 199 GLN n 
1 200 LYS n 
1 201 ASN n 
1 202 LYS n 
1 203 PRO n 
1 204 GLY n 
1 205 VAL n 
1 206 TYR n 
1 207 THR n 
1 208 LYS n 
1 209 VAL n 
1 210 CYS n 
1 211 ASN n 
1 212 TYR n 
1 213 VAL n 
1 214 SER n 
1 215 TRP n 
1 216 ILE n 
1 217 LYS n 
1 218 GLN n 
1 219 THR n 
1 220 ILE n 
1 221 ALA n 
1 222 SER n 
1 223 ASN n 
# 
_entity_src_nat.entity_id                  1 
_entity_src_nat.pdbx_src_id                1 
_entity_src_nat.pdbx_alt_source_flag       sample 
_entity_src_nat.pdbx_beg_seq_num           ? 
_entity_src_nat.pdbx_end_seq_num           ? 
_entity_src_nat.common_name                cattle 
_entity_src_nat.pdbx_organism_scientific   'Bos taurus' 
_entity_src_nat.pdbx_ncbi_taxonomy_id      9913 
_entity_src_nat.genus                      Bos 
_entity_src_nat.species                    ? 
_entity_src_nat.strain                     ? 
_entity_src_nat.tissue                     ? 
_entity_src_nat.tissue_fraction            ? 
_entity_src_nat.pdbx_secretion             ? 
_entity_src_nat.pdbx_fragment              ? 
_entity_src_nat.pdbx_variant               ? 
_entity_src_nat.pdbx_cell_line             ? 
_entity_src_nat.pdbx_atcc                  ? 
_entity_src_nat.pdbx_cellular_location     ? 
_entity_src_nat.pdbx_organ                 ? 
_entity_src_nat.pdbx_organelle             ? 
_entity_src_nat.pdbx_cell                  ? 
_entity_src_nat.pdbx_plasmid_name          ? 
_entity_src_nat.pdbx_plasmid_details       ? 
_entity_src_nat.details                    ? 
# 
loop_
_chem_comp.id 
_chem_comp.type 
_chem_comp.mon_nstd_flag 
_chem_comp.name 
_chem_comp.pdbx_synonyms 
_chem_comp.formula 
_chem_comp.formula_weight 
4CM non-polymer         . '(4-CARBAMIMIDOYLPHENYL)-METHYL-PHOSPHINIC ACID' ? 'C8 H11 N2 O2 P' 198.159 
ALA 'L-peptide linking' y ALANINE                                          ? 'C3 H7 N O2'     89.093  
ARG 'L-peptide linking' y ARGININE                                         ? 'C6 H15 N4 O2 1' 175.209 
ASN 'L-peptide linking' y ASPARAGINE                                       ? 'C4 H8 N2 O3'    132.118 
ASP 'L-peptide linking' y 'ASPARTIC ACID'                                  ? 'C4 H7 N O4'     133.103 
CA  non-polymer         . 'CALCIUM ION'                                    ? 'Ca 2'           40.078  
CYS 'L-peptide linking' y CYSTEINE                                         ? 'C3 H7 N O2 S'   121.158 
GLN 'L-peptide linking' y GLUTAMINE                                        ? 'C5 H10 N2 O3'   146.144 
GLU 'L-peptide linking' y 'GLUTAMIC ACID'                                  ? 'C5 H9 N O4'     147.129 
GLY 'peptide linking'   y GLYCINE                                          ? 'C2 H5 N O2'     75.067  
HIS 'L-peptide linking' y HISTIDINE                                        ? 'C6 H10 N3 O2 1' 156.162 
HOH non-polymer         . WATER                                            ? 'H2 O'           18.015  
ILE 'L-peptide linking' y ISOLEUCINE                                       ? 'C6 H13 N O2'    131.173 
LEU 'L-peptide linking' y LEUCINE                                          ? 'C6 H13 N O2'    131.173 
LYS 'L-peptide linking' y LYSINE                                           ? 'C6 H15 N2 O2 1' 147.195 
MET 'L-peptide linking' y METHIONINE                                       ? 'C5 H11 N O2 S'  149.211 
PHE 'L-peptide linking' y PHENYLALANINE                                    ? 'C9 H11 N O2'    165.189 
PRO 'L-peptide linking' y PROLINE                                          ? 'C5 H9 N O2'     115.130 
SER 'L-peptide linking' y SERINE                                           ? 'C3 H7 N O3'     105.093 
THR 'L-peptide linking' y THREONINE                                        ? 'C4 H9 N O3'     119.119 
TRP 'L-peptide linking' y TRYPTOPHAN                                       ? 'C11 H12 N2 O2'  204.225 
TYR 'L-peptide linking' y TYROSINE                                         ? 'C9 H11 N O3'    181.189 
VAL 'L-peptide linking' y VALINE                                           ? 'C5 H11 N O2'    117.146 
# 
loop_
_pdbx_poly_seq_scheme.asym_id 
_pdbx_poly_seq_scheme.entity_id 
_pdbx_poly_seq_scheme.seq_id 
_pdbx_poly_seq_scheme.mon_id 
_pdbx_poly_seq_scheme.ndb_seq_num 
_pdbx_poly_seq_scheme.pdb_seq_num 
_pdbx_poly_seq_scheme.auth_seq_num 
_pdbx_poly_seq_scheme.pdb_mon_id 
_pdbx_poly_seq_scheme.auth_mon_id 
_pdbx_poly_seq_scheme.pdb_strand_id 
_pdbx_poly_seq_scheme.pdb_ins_code 
_pdbx_poly_seq_scheme.hetero 
A 1 1   ILE 1   16  16  ILE ILE A . n 
A 1 2   VAL 2   17  17  VAL VAL A . n 
A 1 3   GLY 3   18  18  GLY GLY A . n 
A 1 4   GLY 4   19  19  GLY GLY A . n 
A 1 5   TYR 5   20  20  TYR TYR A . n 
A 1 6   THR 6   21  21  THR THR A . n 
A 1 7   CYS 7   22  22  CYS CYS A . n 
A 1 8   GLY 8   23  23  GLY GLY A . n 
A 1 9   ALA 9   24  24  ALA ALA A . n 
A 1 10  ASN 10  25  25  ASN ASN A . n 
A 1 11  THR 11  26  26  THR THR A . n 
A 1 12  VAL 12  27  27  VAL VAL A . n 
A 1 13  PRO 13  28  28  PRO PRO A . n 
A 1 14  TYR 14  29  29  TYR TYR A . n 
A 1 15  GLN 15  30  30  GLN GLN A . n 
A 1 16  VAL 16  31  31  VAL VAL A . n 
A 1 17  SER 17  32  32  SER SER A . n 
A 1 18  LEU 18  33  33  LEU LEU A . n 
A 1 19  ASN 19  34  34  ASN ASN A . n 
A 1 20  SER 20  37  37  SER SER A . n 
A 1 21  GLY 21  38  38  GLY GLY A . n 
A 1 22  TYR 22  39  39  TYR TYR A . n 
A 1 23  HIS 23  40  40  HIS HIS A . n 
A 1 24  PHE 24  41  41  PHE PHE A . n 
A 1 25  CYS 25  42  42  CYS CYS A . n 
A 1 26  GLY 26  43  43  GLY GLY A . n 
A 1 27  GLY 27  44  44  GLY GLY A . n 
A 1 28  SER 28  45  45  SER SER A . n 
A 1 29  LEU 29  46  46  LEU LEU A . n 
A 1 30  ILE 30  47  47  ILE ILE A . n 
A 1 31  ASN 31  48  48  ASN ASN A . n 
A 1 32  SER 32  49  49  SER SER A . n 
A 1 33  GLN 33  50  50  GLN GLN A . n 
A 1 34  TRP 34  51  51  TRP TRP A . n 
A 1 35  VAL 35  52  52  VAL VAL A . n 
A 1 36  VAL 36  53  53  VAL VAL A . n 
A 1 37  SER 37  54  54  SER SER A . n 
A 1 38  ALA 38  55  55  ALA ALA A . n 
A 1 39  ALA 39  56  56  ALA ALA A . n 
A 1 40  HIS 40  57  57  HIS HIS A . n 
A 1 41  CYS 41  58  58  CYS CYS A . n 
A 1 42  TYR 42  59  59  TYR TYR A . n 
A 1 43  LYS 43  60  60  LYS LYS A . n 
A 1 44  SER 44  61  61  SER SER A . n 
A 1 45  GLY 45  62  62  GLY GLY A . n 
A 1 46  ILE 46  63  63  ILE ILE A . n 
A 1 47  GLN 47  64  64  GLN GLN A . n 
A 1 48  VAL 48  65  65  VAL VAL A . n 
A 1 49  ARG 49  65  65  ARG ARG A A n 
A 1 50  LEU 50  66  66  LEU LEU A . n 
A 1 51  GLY 51  69  69  GLY GLY A . n 
A 1 52  GLU 52  70  70  GLU GLU A . n 
A 1 53  ASP 53  71  71  ASP ASP A . n 
A 1 54  ASN 54  72  72  ASN ASN A . n 
A 1 55  ILE 55  73  73  ILE ILE A . n 
A 1 56  ASN 56  74  74  ASN ASN A . n 
A 1 57  VAL 57  75  75  VAL VAL A . n 
A 1 58  VAL 58  76  76  VAL VAL A . n 
A 1 59  GLU 59  77  77  GLU GLU A . n 
A 1 60  GLY 60  78  78  GLY GLY A . n 
A 1 61  ASN 61  79  79  ASN ASN A . n 
A 1 62  GLU 62  80  80  GLU GLU A . n 
A 1 63  GLN 63  81  81  GLN GLN A . n 
A 1 64  PHE 64  82  82  PHE PHE A . n 
A 1 65  ILE 65  83  83  ILE ILE A . n 
A 1 66  SER 66  84  84  SER SER A . n 
A 1 67  ALA 67  85  85  ALA ALA A . n 
A 1 68  SER 68  86  86  SER SER A . n 
A 1 69  LYS 69  87  87  LYS LYS A . n 
A 1 70  SER 70  88  88  SER SER A . n 
A 1 71  ILE 71  89  89  ILE ILE A . n 
A 1 72  VAL 72  90  90  VAL VAL A . n 
A 1 73  HIS 73  91  91  HIS HIS A . n 
A 1 74  PRO 74  92  92  PRO PRO A . n 
A 1 75  SER 75  93  93  SER SER A . n 
A 1 76  TYR 76  94  94  TYR TYR A . n 
A 1 77  ASN 77  95  95  ASN ASN A . n 
A 1 78  SER 78  96  96  SER SER A . n 
A 1 79  ASN 79  97  97  ASN ASN A . n 
A 1 80  THR 80  98  98  THR THR A . n 
A 1 81  LEU 81  99  99  LEU LEU A . n 
A 1 82  ASN 82  100 100 ASN ASN A . n 
A 1 83  ASN 83  101 101 ASN ASN A . n 
A 1 84  ASP 84  102 102 ASP ASP A . n 
A 1 85  ILE 85  103 103 ILE ILE A . n 
A 1 86  MET 86  104 104 MET MET A . n 
A 1 87  LEU 87  105 105 LEU LEU A . n 
A 1 88  ILE 88  106 106 ILE ILE A . n 
A 1 89  LYS 89  107 107 LYS LYS A . n 
A 1 90  LEU 90  108 108 LEU LEU A . n 
A 1 91  LYS 91  109 109 LYS LYS A . n 
A 1 92  SER 92  110 110 SER SER A . n 
A 1 93  ALA 93  111 111 ALA ALA A . n 
A 1 94  ALA 94  112 112 ALA ALA A . n 
A 1 95  SER 95  113 113 SER SER A . n 
A 1 96  LEU 96  114 114 LEU LEU A . n 
A 1 97  ASN 97  115 115 ASN ASN A . n 
A 1 98  SER 98  116 116 SER SER A . n 
A 1 99  ARG 99  117 117 ARG ARG A . n 
A 1 100 VAL 100 118 118 VAL VAL A . n 
A 1 101 ALA 101 119 119 ALA ALA A . n 
A 1 102 SER 102 120 120 SER SER A . n 
A 1 103 ILE 103 121 121 ILE ILE A . n 
A 1 104 SER 104 122 122 SER SER A . n 
A 1 105 LEU 105 123 123 LEU LEU A . n 
A 1 106 PRO 106 124 124 PRO PRO A . n 
A 1 107 THR 107 125 125 THR THR A . n 
A 1 108 SER 108 127 127 SER SER A . n 
A 1 109 CYS 109 128 128 CYS CYS A . n 
A 1 110 ALA 110 129 129 ALA ALA A . n 
A 1 111 SER 111 130 130 SER SER A . n 
A 1 112 ALA 112 132 132 ALA ALA A . n 
A 1 113 GLY 113 133 133 GLY GLY A . n 
A 1 114 THR 114 134 134 THR THR A . n 
A 1 115 GLN 115 135 135 GLN GLN A . n 
A 1 116 CYS 116 136 136 CYS CYS A . n 
A 1 117 LEU 117 137 137 LEU LEU A . n 
A 1 118 ILE 118 138 138 ILE ILE A . n 
A 1 119 SER 119 139 139 SER SER A . n 
A 1 120 GLY 120 140 140 GLY GLY A . n 
A 1 121 TRP 121 141 141 TRP TRP A . n 
A 1 122 GLY 122 142 142 GLY GLY A . n 
A 1 123 ASN 123 143 143 ASN ASN A . n 
A 1 124 THR 124 144 144 THR THR A . n 
A 1 125 LYS 125 145 145 LYS LYS A . n 
A 1 126 SER 126 146 146 SER SER A . n 
A 1 127 SER 127 147 147 SER SER A . n 
A 1 128 GLY 128 148 148 GLY GLY A . n 
A 1 129 THR 129 149 149 THR THR A . n 
A 1 130 SER 130 150 150 SER SER A . n 
A 1 131 TYR 131 151 151 TYR TYR A . n 
A 1 132 PRO 132 152 152 PRO PRO A . n 
A 1 133 ASP 133 153 153 ASP ASP A . n 
A 1 134 VAL 134 154 154 VAL VAL A . n 
A 1 135 LEU 135 155 155 LEU LEU A . n 
A 1 136 LYS 136 156 156 LYS LYS A . n 
A 1 137 CYS 137 157 157 CYS CYS A . n 
A 1 138 LEU 138 158 158 LEU LEU A . n 
A 1 139 LYS 139 159 159 LYS LYS A . n 
A 1 140 ALA 140 160 160 ALA ALA A . n 
A 1 141 PRO 141 161 161 PRO PRO A . n 
A 1 142 ILE 142 162 162 ILE ILE A . n 
A 1 143 LEU 143 163 163 LEU LEU A . n 
A 1 144 SER 144 164 164 SER SER A . n 
A 1 145 ASP 145 165 165 ASP ASP A . n 
A 1 146 SER 146 166 166 SER SER A . n 
A 1 147 SER 147 167 167 SER SER A . n 
A 1 148 CYS 148 168 168 CYS CYS A . n 
A 1 149 LYS 149 169 169 LYS LYS A . n 
A 1 150 SER 150 170 170 SER SER A . n 
A 1 151 ALA 151 171 171 ALA ALA A . n 
A 1 152 TYR 152 172 172 TYR TYR A . n 
A 1 153 PRO 153 173 173 PRO PRO A . n 
A 1 154 GLY 154 174 174 GLY GLY A . n 
A 1 155 GLN 155 175 175 GLN GLN A . n 
A 1 156 ILE 156 176 176 ILE ILE A . n 
A 1 157 THR 157 177 177 THR THR A . n 
A 1 158 SER 158 178 178 SER SER A . n 
A 1 159 ASN 159 179 179 ASN ASN A . n 
A 1 160 MET 160 180 180 MET MET A . n 
A 1 161 PHE 161 181 181 PHE PHE A . n 
A 1 162 CYS 162 182 182 CYS CYS A . n 
A 1 163 ALA 163 183 183 ALA ALA A . n 
A 1 164 GLY 164 184 184 GLY GLY A . n 
A 1 165 TYR 165 184 184 TYR TYR A A n 
A 1 166 LEU 166 185 185 LEU LEU A . n 
A 1 167 GLU 167 186 186 GLU GLU A . n 
A 1 168 GLY 168 187 187 GLY GLY A . n 
A 1 169 GLY 169 188 188 GLY GLY A . n 
A 1 170 LYS 170 188 188 LYS LYS A A n 
A 1 171 ASP 171 189 189 ASP ASP A . n 
A 1 172 SER 172 190 190 SER SER A . n 
A 1 173 CYS 173 191 191 CYS CYS A . n 
A 1 174 GLN 174 192 192 GLN GLN A . n 
A 1 175 GLY 175 193 193 GLY GLY A . n 
A 1 176 ASP 176 194 194 ASP ASP A . n 
A 1 177 SER 177 195 195 SER SER A . n 
A 1 178 GLY 178 196 196 GLY GLY A . n 
A 1 179 GLY 179 197 197 GLY GLY A . n 
A 1 180 PRO 180 198 198 PRO PRO A . n 
A 1 181 VAL 181 199 199 VAL VAL A . n 
A 1 182 VAL 182 200 200 VAL VAL A . n 
A 1 183 CYS 183 201 201 CYS CYS A . n 
A 1 184 SER 184 202 202 SER SER A . n 
A 1 185 GLY 185 203 203 GLY GLY A . n 
A 1 186 LYS 186 204 204 LYS LYS A . n 
A 1 187 LEU 187 209 209 LEU LEU A . n 
A 1 188 GLN 188 210 210 GLN GLN A . n 
A 1 189 GLY 189 211 211 GLY GLY A . n 
A 1 190 ILE 190 212 212 ILE ILE A . n 
A 1 191 VAL 191 213 213 VAL VAL A . n 
A 1 192 SER 192 214 214 SER SER A . n 
A 1 193 TRP 193 215 215 TRP TRP A . n 
A 1 194 GLY 194 216 216 GLY GLY A . n 
A 1 195 SER 195 217 217 SER SER A . n 
A 1 196 GLY 196 219 219 GLY GLY A . n 
A 1 197 CYS 197 220 220 CYS CYS A . n 
A 1 198 ALA 198 221 221 ALA ALA A . n 
A 1 199 GLN 199 221 221 GLN GLN A A n 
A 1 200 LYS 200 222 222 LYS LYS A . n 
A 1 201 ASN 201 223 223 ASN ASN A . n 
A 1 202 LYS 202 224 224 LYS LYS A . n 
A 1 203 PRO 203 225 225 PRO PRO A . n 
A 1 204 GLY 204 226 226 GLY GLY A . n 
A 1 205 VAL 205 227 227 VAL VAL A . n 
A 1 206 TYR 206 228 228 TYR TYR A . n 
A 1 207 THR 207 229 229 THR THR A . n 
A 1 208 LYS 208 230 230 LYS LYS A . n 
A 1 209 VAL 209 231 231 VAL VAL A . n 
A 1 210 CYS 210 232 232 CYS CYS A . n 
A 1 211 ASN 211 233 233 ASN ASN A . n 
A 1 212 TYR 212 234 234 TYR TYR A . n 
A 1 213 VAL 213 235 235 VAL VAL A . n 
A 1 214 SER 214 236 236 SER SER A . n 
A 1 215 TRP 215 237 237 TRP TRP A . n 
A 1 216 ILE 216 238 238 ILE ILE A . n 
A 1 217 LYS 217 239 239 LYS LYS A . n 
A 1 218 GLN 218 240 240 GLN GLN A . n 
A 1 219 THR 219 241 241 THR THR A . n 
A 1 220 ILE 220 242 242 ILE ILE A . n 
A 1 221 ALA 221 243 243 ALA ALA A . n 
A 1 222 SER 222 244 244 SER SER A . n 
A 1 223 ASN 223 245 245 ASN ASN A . n 
# 
loop_
_pdbx_nonpoly_scheme.asym_id 
_pdbx_nonpoly_scheme.entity_id 
_pdbx_nonpoly_scheme.mon_id 
_pdbx_nonpoly_scheme.ndb_seq_num 
_pdbx_nonpoly_scheme.pdb_seq_num 
_pdbx_nonpoly_scheme.auth_seq_num 
_pdbx_nonpoly_scheme.pdb_mon_id 
_pdbx_nonpoly_scheme.auth_mon_id 
_pdbx_nonpoly_scheme.pdb_strand_id 
_pdbx_nonpoly_scheme.pdb_ins_code 
B 2 CA  1  246 101 CA  CA  A . 
C 3 4CM 1  247 201 4CM 4CM A . 
D 4 HOH 1  248 2   HOH HOH A . 
D 4 HOH 2  249 3   HOH HOH A . 
D 4 HOH 3  250 4   HOH HOH A . 
D 4 HOH 4  251 5   HOH HOH A . 
D 4 HOH 5  252 6   HOH HOH A . 
D 4 HOH 6  253 7   HOH HOH A . 
D 4 HOH 7  254 8   HOH HOH A . 
D 4 HOH 8  255 9   HOH HOH A . 
D 4 HOH 9  256 10  HOH HOH A . 
D 4 HOH 10 257 11  HOH HOH A . 
D 4 HOH 11 258 12  HOH HOH A . 
D 4 HOH 12 259 13  HOH HOH A . 
D 4 HOH 13 260 14  HOH HOH A . 
D 4 HOH 14 261 15  HOH HOH A . 
D 4 HOH 15 262 16  HOH HOH A . 
D 4 HOH 16 263 17  HOH HOH A . 
D 4 HOH 17 264 18  HOH HOH A . 
D 4 HOH 18 265 19  HOH HOH A . 
D 4 HOH 19 266 20  HOH HOH A . 
D 4 HOH 20 267 21  HOH HOH A . 
D 4 HOH 21 268 22  HOH HOH A . 
D 4 HOH 22 269 23  HOH HOH A . 
D 4 HOH 23 270 24  HOH HOH A . 
D 4 HOH 24 271 25  HOH HOH A . 
D 4 HOH 25 272 26  HOH HOH A . 
D 4 HOH 26 273 27  HOH HOH A . 
D 4 HOH 27 274 28  HOH HOH A . 
D 4 HOH 28 275 29  HOH HOH A . 
D 4 HOH 29 276 30  HOH HOH A . 
D 4 HOH 30 277 31  HOH HOH A . 
D 4 HOH 31 278 32  HOH HOH A . 
D 4 HOH 32 279 33  HOH HOH A . 
D 4 HOH 33 280 34  HOH HOH A . 
D 4 HOH 34 281 35  HOH HOH A . 
D 4 HOH 35 282 36  HOH HOH A . 
D 4 HOH 36 283 37  HOH HOH A . 
D 4 HOH 37 284 38  HOH HOH A . 
D 4 HOH 38 285 39  HOH HOH A . 
D 4 HOH 39 286 40  HOH HOH A . 
D 4 HOH 40 287 41  HOH HOH A . 
D 4 HOH 41 288 42  HOH HOH A . 
D 4 HOH 42 289 43  HOH HOH A . 
D 4 HOH 43 290 44  HOH HOH A . 
D 4 HOH 44 291 45  HOH HOH A . 
D 4 HOH 45 292 46  HOH HOH A . 
D 4 HOH 46 293 47  HOH HOH A . 
D 4 HOH 47 294 48  HOH HOH A . 
D 4 HOH 48 295 49  HOH HOH A . 
D 4 HOH 49 296 50  HOH HOH A . 
D 4 HOH 50 297 51  HOH HOH A . 
D 4 HOH 51 298 52  HOH HOH A . 
D 4 HOH 52 299 53  HOH HOH A . 
D 4 HOH 53 300 54  HOH HOH A . 
D 4 HOH 54 301 55  HOH HOH A . 
D 4 HOH 55 302 56  HOH HOH A . 
D 4 HOH 56 303 57  HOH HOH A . 
D 4 HOH 57 304 58  HOH HOH A . 
D 4 HOH 58 305 59  HOH HOH A . 
D 4 HOH 59 306 60  HOH HOH A . 
D 4 HOH 60 307 61  HOH HOH A . 
D 4 HOH 61 308 62  HOH HOH A . 
D 4 HOH 62 309 63  HOH HOH A . 
D 4 HOH 63 310 64  HOH HOH A . 
D 4 HOH 64 311 65  HOH HOH A . 
D 4 HOH 65 312 66  HOH HOH A . 
D 4 HOH 66 313 67  HOH HOH A . 
D 4 HOH 67 314 68  HOH HOH A . 
D 4 HOH 68 315 69  HOH HOH A . 
D 4 HOH 69 316 70  HOH HOH A . 
D 4 HOH 70 317 71  HOH HOH A . 
D 4 HOH 71 318 72  HOH HOH A . 
D 4 HOH 72 319 73  HOH HOH A . 
D 4 HOH 73 320 74  HOH HOH A . 
D 4 HOH 74 321 75  HOH HOH A . 
D 4 HOH 75 322 76  HOH HOH A . 
D 4 HOH 76 323 77  HOH HOH A . 
D 4 HOH 77 324 78  HOH HOH A . 
D 4 HOH 78 325 79  HOH HOH A . 
D 4 HOH 79 326 80  HOH HOH A . 
D 4 HOH 80 327 81  HOH HOH A . 
D 4 HOH 81 328 82  HOH HOH A . 
D 4 HOH 82 329 83  HOH HOH A . 
D 4 HOH 83 330 84  HOH HOH A . 
D 4 HOH 84 331 85  HOH HOH A . 
D 4 HOH 85 332 86  HOH HOH A . 
D 4 HOH 86 333 87  HOH HOH A . 
D 4 HOH 87 334 88  HOH HOH A . 
D 4 HOH 88 335 89  HOH HOH A . 
D 4 HOH 89 336 90  HOH HOH A . 
D 4 HOH 90 337 91  HOH HOH A . 
D 4 HOH 91 338 92  HOH HOH A . 
D 4 HOH 92 339 93  HOH HOH A . 
D 4 HOH 93 340 94  HOH HOH A . 
# 
_cell.entry_id           1TX7 
_cell.length_a           54.870 
_cell.length_b           58.440 
_cell.length_c           67.520 
_cell.angle_alpha        90.00 
_cell.angle_beta         90.00 
_cell.angle_gamma        90.00 
_cell.Z_PDB              4 
_cell.pdbx_unique_axis   ? 
# 
_symmetry.entry_id                         1TX7 
_symmetry.space_group_name_H-M             'P 21 21 21' 
_symmetry.pdbx_full_space_group_name_H-M   ? 
_symmetry.cell_setting                     ? 
_symmetry.Int_Tables_number                19 
_symmetry.space_group_name_Hall            ? 
# 
_exptl.entry_id          1TX7 
_exptl.method            'X-RAY DIFFRACTION' 
_exptl.crystals_number   1 
# 
_exptl_crystal.id                    1 
_exptl_crystal.density_meas          ? 
_exptl_crystal.density_Matthews      2.32 
_exptl_crystal.density_percent_sol   46.6 
_exptl_crystal.description           ? 
_exptl_crystal.F_000                 ? 
_exptl_crystal.preparation           ? 
# 
_diffrn.id                     1 
_diffrn.ambient_temp           100.0 
_diffrn.ambient_temp_details   ? 
_diffrn.crystal_id             1 
# 
_diffrn_detector.diffrn_id              1 
_diffrn_detector.detector               'IMAGE PLATE' 
_diffrn_detector.type                   'RIGAKU RAXIS IIC' 
_diffrn_detector.pdbx_collection_date   2002-01-01 
_diffrn_detector.details                ? 
# 
_diffrn_radiation.diffrn_id                        1 
_diffrn_radiation.wavelength_id                    1 
_diffrn_radiation.pdbx_monochromatic_or_laue_m_l   M 
_diffrn_radiation.monochromator                    'yale mirrors' 
_diffrn_radiation.pdbx_diffrn_protocol             'SINGLE WAVELENGTH' 
_diffrn_radiation.pdbx_scattering_type             x-ray 
# 
_diffrn_radiation_wavelength.id           1 
_diffrn_radiation_wavelength.wavelength   1.5418 
_diffrn_radiation_wavelength.wt           1.0 
# 
_diffrn_source.diffrn_id                   1 
_diffrn_source.source                      'ROTATING ANODE' 
_diffrn_source.type                        'RIGAKU RU200' 
_diffrn_source.pdbx_synchrotron_site       ? 
_diffrn_source.pdbx_synchrotron_beamline   ? 
_diffrn_source.pdbx_wavelength             1.5418 
_diffrn_source.pdbx_wavelength_list        1.5418 
# 
_refine.entry_id                                 1TX7 
_refine.ls_d_res_high                            1.75 
_refine.ls_d_res_low                             50 
_refine.pdbx_ls_sigma_F                          0.0 
_refine.pdbx_ls_sigma_I                          0.0 
_refine.ls_number_reflns_all                     ? 
_refine.ls_number_reflns_obs                     ? 
_refine.ls_number_reflns_R_free                  ? 
_refine.ls_percent_reflns_obs                    ? 
_refine.ls_R_factor_all                          0.183 
_refine.ls_R_factor_obs                          0.183 
_refine.ls_R_factor_R_work                       0.183 
_refine.ls_R_factor_R_free                       0.229 
_refine.ls_redundancy_reflns_obs                 ? 
_refine.pdbx_data_cutoff_high_absF               ? 
_refine.pdbx_data_cutoff_low_absF                ? 
_refine.ls_number_parameters                     ? 
_refine.ls_number_restraints                     ? 
_refine.ls_percent_reflns_R_free                 ? 
_refine.ls_R_factor_R_free_error                 ? 
_refine.ls_R_factor_R_free_error_details         ? 
_refine.pdbx_method_to_determine_struct          'MOLECULAR REPLACEMENT' 
_refine.pdbx_starting_model                      ? 
_refine.pdbx_ls_cross_valid_method               ? 
_refine.pdbx_R_Free_selection_details            random 
_refine.pdbx_stereochem_target_val_spec_case     ? 
_refine.pdbx_stereochemistry_target_values       'Engh & Huber' 
_refine.solvent_model_details                    ? 
_refine.solvent_model_param_bsol                 ? 
_refine.solvent_model_param_ksol                 ? 
_refine.occupancy_max                            ? 
_refine.occupancy_min                            ? 
_refine.pdbx_isotropic_thermal_model             ? 
_refine.B_iso_mean                               ? 
_refine.aniso_B[1][1]                            ? 
_refine.aniso_B[1][2]                            ? 
_refine.aniso_B[1][3]                            ? 
_refine.aniso_B[2][2]                            ? 
_refine.aniso_B[2][3]                            ? 
_refine.aniso_B[3][3]                            ? 
_refine.details                                  ? 
_refine.B_iso_min                                ? 
_refine.B_iso_max                                ? 
_refine.correlation_coeff_Fo_to_Fc               ? 
_refine.correlation_coeff_Fo_to_Fc_free          ? 
_refine.pdbx_solvent_vdw_probe_radii             ? 
_refine.pdbx_solvent_ion_probe_radii             ? 
_refine.pdbx_solvent_shrinkage_radii             ? 
_refine.overall_SU_R_Cruickshank_DPI             ? 
_refine.overall_SU_R_free                        ? 
_refine.overall_SU_ML                            ? 
_refine.overall_SU_B                             ? 
_refine.pdbx_overall_ESU_R_Free                  ? 
_refine.pdbx_data_cutoff_high_rms_absF           ? 
_refine.pdbx_overall_ESU_R                       ? 
_refine.ls_wR_factor_R_free                      ? 
_refine.ls_wR_factor_R_work                      ? 
_refine.overall_FOM_free_R_set                   ? 
_refine.overall_FOM_work_R_set                   ? 
_refine.pdbx_refine_id                           'X-RAY DIFFRACTION' 
_refine.pdbx_diffrn_id                           1 
_refine.pdbx_TLS_residual_ADP_flag               ? 
_refine.pdbx_overall_phase_error                 ? 
_refine.pdbx_overall_SU_R_free_Cruickshank_DPI   ? 
_refine.pdbx_overall_SU_R_Blow_DPI               ? 
_refine.pdbx_overall_SU_R_free_Blow_DPI          ? 
# 
_refine_hist.pdbx_refine_id                   'X-RAY DIFFRACTION' 
_refine_hist.cycle_id                         LAST 
_refine_hist.pdbx_number_atoms_protein        1628 
_refine_hist.pdbx_number_atoms_nucleic_acid   0 
_refine_hist.pdbx_number_atoms_ligand         14 
_refine_hist.number_atoms_solvent             93 
_refine_hist.number_atoms_total               1735 
_refine_hist.d_res_high                       1.75 
_refine_hist.d_res_low                        50 
# 
_struct.entry_id                  1TX7 
_struct.title                     'Bovine Trypsin complexed with p-amidinophenylmethylphosphinic acid (AMPA)' 
_struct.pdbx_model_details        ? 
_struct.pdbx_CASP_flag            ? 
_struct.pdbx_model_type_details   ? 
# 
_struct_keywords.entry_id        1TX7 
_struct_keywords.pdbx_keywords   HYDROLASE 
_struct_keywords.text            'trypsin, bovine, p-amidinophenylmethylphosphinic acid (AMPA), HYDROLASE' 
# 
loop_
_struct_asym.id 
_struct_asym.pdbx_blank_PDB_chainid_flag 
_struct_asym.pdbx_modified 
_struct_asym.entity_id 
_struct_asym.details 
A N N 1 ? 
B N N 2 ? 
C N N 3 ? 
D N N 4 ? 
# 
_struct_ref.id                         1 
_struct_ref.db_name                    UNP 
_struct_ref.db_code                    TRY1_BOVIN 
_struct_ref.pdbx_db_accession          P00760 
_struct_ref.entity_id                  1 
_struct_ref.pdbx_seq_one_letter_code   
;IVGGYTCGANTVPYQVSLNSGYHFCGGSLINSQWVVSAAHCYKSGIQVRLGEDNINVVEGNEQFISASKSIVHPSYNSNT
LNNDIMLIKLKSAASLNSRVASISLPTSCASAGTQCLISGWGNTKSSGTSYPDVLKCLKAPILSDSSCKSAYPGQITSNM
FCAGYLEGGKDSCQGDSGGPVVCSGKLQGIVSWGSGCAQKNKPGVYTKVCNYVSWIKQTIASN
;
_struct_ref.pdbx_align_begin           21 
_struct_ref.pdbx_db_isoform            ? 
# 
_struct_ref_seq.align_id                      1 
_struct_ref_seq.ref_id                        1 
_struct_ref_seq.pdbx_PDB_id_code              1TX7 
_struct_ref_seq.pdbx_strand_id                A 
_struct_ref_seq.seq_align_beg                 1 
_struct_ref_seq.pdbx_seq_align_beg_ins_code   ? 
_struct_ref_seq.seq_align_end                 216 
_struct_ref_seq.pdbx_seq_align_end_ins_code   ? 
_struct_ref_seq.pdbx_db_accession             P00760 
_struct_ref_seq.db_align_beg                  21 
_struct_ref_seq.pdbx_db_align_beg_ins_code    ? 
_struct_ref_seq.db_align_end                  243 
_struct_ref_seq.pdbx_db_align_end_ins_code    ? 
_struct_ref_seq.pdbx_auth_seq_align_beg       16 
_struct_ref_seq.pdbx_auth_seq_align_end       238 
# 
_pdbx_struct_assembly.id                   1 
_pdbx_struct_assembly.details              author_defined_assembly 
_pdbx_struct_assembly.method_details       ? 
_pdbx_struct_assembly.oligomeric_details   monomeric 
_pdbx_struct_assembly.oligomeric_count     1 
# 
_pdbx_struct_assembly_gen.assembly_id       1 
_pdbx_struct_assembly_gen.oper_expression   1 
_pdbx_struct_assembly_gen.asym_id_list      A,B,C,D 
# 
_pdbx_struct_oper_list.id                   1 
_pdbx_struct_oper_list.type                 'identity operation' 
_pdbx_struct_oper_list.name                 1_555 
_pdbx_struct_oper_list.symmetry_operation   x,y,z 
_pdbx_struct_oper_list.matrix[1][1]         1.0000000000 
_pdbx_struct_oper_list.matrix[1][2]         0.0000000000 
_pdbx_struct_oper_list.matrix[1][3]         0.0000000000 
_pdbx_struct_oper_list.vector[1]            0.0000000000 
_pdbx_struct_oper_list.matrix[2][1]         0.0000000000 
_pdbx_struct_oper_list.matrix[2][2]         1.0000000000 
_pdbx_struct_oper_list.matrix[2][3]         0.0000000000 
_pdbx_struct_oper_list.vector[2]            0.0000000000 
_pdbx_struct_oper_list.matrix[3][1]         0.0000000000 
_pdbx_struct_oper_list.matrix[3][2]         0.0000000000 
_pdbx_struct_oper_list.matrix[3][3]         1.0000000000 
_pdbx_struct_oper_list.vector[3]            0.0000000000 
# 
_struct_biol.id                    1 
_struct_biol.pdbx_parent_biol_id   ? 
_struct_biol.details               ? 
# 
loop_
_struct_conf.conf_type_id 
_struct_conf.id 
_struct_conf.pdbx_PDB_helix_id 
_struct_conf.beg_label_comp_id 
_struct_conf.beg_label_asym_id 
_struct_conf.beg_label_seq_id 
_struct_conf.pdbx_beg_PDB_ins_code 
_struct_conf.end_label_comp_id 
_struct_conf.end_label_asym_id 
_struct_conf.end_label_seq_id 
_struct_conf.pdbx_end_PDB_ins_code 
_struct_conf.beg_auth_comp_id 
_struct_conf.beg_auth_asym_id 
_struct_conf.beg_auth_seq_id 
_struct_conf.end_auth_comp_id 
_struct_conf.end_auth_asym_id 
_struct_conf.end_auth_seq_id 
_struct_conf.pdbx_PDB_helix_class 
_struct_conf.details 
_struct_conf.pdbx_PDB_helix_length 
HELX_P HELX_P1 1 ALA A 38  ? TYR A 42  ? ALA A 55  TYR A 59  5 ? 5  
HELX_P HELX_P2 2 SER A 144 ? TYR A 152 ? SER A 164 TYR A 172 1 ? 9  
HELX_P HELX_P3 3 TYR A 212 ? ASN A 223 ? TYR A 234 ASN A 245 1 ? 12 
# 
_struct_conf_type.id          HELX_P 
_struct_conf_type.criteria    ? 
_struct_conf_type.reference   ? 
# 
loop_
_struct_conn.id 
_struct_conn.conn_type_id 
_struct_conn.pdbx_leaving_atom_flag 
_struct_conn.pdbx_PDB_id 
_struct_conn.ptnr1_label_asym_id 
_struct_conn.ptnr1_label_comp_id 
_struct_conn.ptnr1_label_seq_id 
_struct_conn.ptnr1_label_atom_id 
_struct_conn.pdbx_ptnr1_label_alt_id 
_struct_conn.pdbx_ptnr1_PDB_ins_code 
_struct_conn.pdbx_ptnr1_standard_comp_id 
_struct_conn.ptnr1_symmetry 
_struct_conn.ptnr2_label_asym_id 
_struct_conn.ptnr2_label_comp_id 
_struct_conn.ptnr2_label_seq_id 
_struct_conn.ptnr2_label_atom_id 
_struct_conn.pdbx_ptnr2_label_alt_id 
_struct_conn.pdbx_ptnr2_PDB_ins_code 
_struct_conn.ptnr1_auth_asym_id 
_struct_conn.ptnr1_auth_comp_id 
_struct_conn.ptnr1_auth_seq_id 
_struct_conn.ptnr2_auth_asym_id 
_struct_conn.ptnr2_auth_comp_id 
_struct_conn.ptnr2_auth_seq_id 
_struct_conn.ptnr2_symmetry 
_struct_conn.pdbx_ptnr3_label_atom_id 
_struct_conn.pdbx_ptnr3_label_seq_id 
_struct_conn.pdbx_ptnr3_label_comp_id 
_struct_conn.pdbx_ptnr3_label_asym_id 
_struct_conn.pdbx_ptnr3_label_alt_id 
_struct_conn.pdbx_ptnr3_PDB_ins_code 
_struct_conn.details 
_struct_conn.pdbx_dist_value 
_struct_conn.pdbx_value_order 
_struct_conn.pdbx_role 
disulf1 disulf ? ? A CYS 7   SG  ? ? ? 1_555 A CYS 137 SG ? ? A CYS 22  A CYS 157 1_555 ? ? ? ? ? ? ? 2.139 ? ? 
disulf2 disulf ? ? A CYS 25  SG  ? ? ? 1_555 A CYS 41  SG ? ? A CYS 42  A CYS 58  1_555 ? ? ? ? ? ? ? 2.044 ? ? 
disulf3 disulf ? ? A CYS 109 SG  ? ? ? 1_555 A CYS 210 SG ? ? A CYS 128 A CYS 232 1_555 ? ? ? ? ? ? ? 2.081 ? ? 
disulf4 disulf ? ? A CYS 116 SG  ? ? ? 1_555 A CYS 183 SG ? ? A CYS 136 A CYS 201 1_555 ? ? ? ? ? ? ? 2.093 ? ? 
disulf5 disulf ? ? A CYS 148 SG  ? ? ? 1_555 A CYS 162 SG ? ? A CYS 168 A CYS 182 1_555 ? ? ? ? ? ? ? 2.006 ? ? 
disulf6 disulf ? ? A CYS 173 SG  ? ? ? 1_555 A CYS 197 SG ? ? A CYS 191 A CYS 220 1_555 ? ? ? ? ? ? ? 2.109 ? ? 
metalc1 metalc ? ? A GLU 52  OE1 ? ? ? 1_555 B CA  .   CA ? ? A GLU 70  A CA  246 1_555 ? ? ? ? ? ? ? 2.344 ? ? 
metalc2 metalc ? ? A ASN 54  O   ? ? ? 1_555 B CA  .   CA ? ? A ASN 72  A CA  246 1_555 ? ? ? ? ? ? ? 2.368 ? ? 
metalc3 metalc ? ? A VAL 57  O   ? ? ? 1_555 B CA  .   CA ? ? A VAL 75  A CA  246 1_555 ? ? ? ? ? ? ? 2.264 ? ? 
metalc4 metalc ? ? A GLU 62  OE2 ? ? ? 1_555 B CA  .   CA ? ? A GLU 80  A CA  246 1_555 ? ? ? ? ? ? ? 2.491 ? ? 
metalc5 metalc ? ? B CA  .   CA  ? ? ? 1_555 D HOH .   O  ? ? A CA  246 A HOH 255 1_555 ? ? ? ? ? ? ? 2.491 ? ? 
metalc6 metalc ? ? B CA  .   CA  ? ? ? 1_555 D HOH .   O  ? ? A CA  246 A HOH 274 1_555 ? ? ? ? ? ? ? 2.470 ? ? 
# 
loop_
_struct_conn_type.id 
_struct_conn_type.criteria 
_struct_conn_type.reference 
disulf ? ? 
metalc ? ? 
# 
loop_
_pdbx_struct_conn_angle.id 
_pdbx_struct_conn_angle.ptnr1_label_atom_id 
_pdbx_struct_conn_angle.ptnr1_label_alt_id 
_pdbx_struct_conn_angle.ptnr1_label_asym_id 
_pdbx_struct_conn_angle.ptnr1_label_comp_id 
_pdbx_struct_conn_angle.ptnr1_label_seq_id 
_pdbx_struct_conn_angle.ptnr1_auth_atom_id 
_pdbx_struct_conn_angle.ptnr1_auth_asym_id 
_pdbx_struct_conn_angle.ptnr1_auth_comp_id 
_pdbx_struct_conn_angle.ptnr1_auth_seq_id 
_pdbx_struct_conn_angle.ptnr1_PDB_ins_code 
_pdbx_struct_conn_angle.ptnr1_symmetry 
_pdbx_struct_conn_angle.ptnr2_label_atom_id 
_pdbx_struct_conn_angle.ptnr2_label_alt_id 
_pdbx_struct_conn_angle.ptnr2_label_asym_id 
_pdbx_struct_conn_angle.ptnr2_label_comp_id 
_pdbx_struct_conn_angle.ptnr2_label_seq_id 
_pdbx_struct_conn_angle.ptnr2_auth_atom_id 
_pdbx_struct_conn_angle.ptnr2_auth_asym_id 
_pdbx_struct_conn_angle.ptnr2_auth_comp_id 
_pdbx_struct_conn_angle.ptnr2_auth_seq_id 
_pdbx_struct_conn_angle.ptnr2_PDB_ins_code 
_pdbx_struct_conn_angle.ptnr2_symmetry 
_pdbx_struct_conn_angle.ptnr3_label_atom_id 
_pdbx_struct_conn_angle.ptnr3_label_alt_id 
_pdbx_struct_conn_angle.ptnr3_label_asym_id 
_pdbx_struct_conn_angle.ptnr3_label_comp_id 
_pdbx_struct_conn_angle.ptnr3_label_seq_id 
_pdbx_struct_conn_angle.ptnr3_auth_atom_id 
_pdbx_struct_conn_angle.ptnr3_auth_asym_id 
_pdbx_struct_conn_angle.ptnr3_auth_comp_id 
_pdbx_struct_conn_angle.ptnr3_auth_seq_id 
_pdbx_struct_conn_angle.ptnr3_PDB_ins_code 
_pdbx_struct_conn_angle.ptnr3_symmetry 
_pdbx_struct_conn_angle.value 
_pdbx_struct_conn_angle.value_esd 
1  OE1 ? A GLU 52 ? A GLU 70  ? 1_555 CA ? B CA . ? A CA 246 ? 1_555 O   ? A ASN 54 ? A ASN 72  ? 1_555 89.8  ? 
2  OE1 ? A GLU 52 ? A GLU 70  ? 1_555 CA ? B CA . ? A CA 246 ? 1_555 O   ? A VAL 57 ? A VAL 75  ? 1_555 163.1 ? 
3  O   ? A ASN 54 ? A ASN 72  ? 1_555 CA ? B CA . ? A CA 246 ? 1_555 O   ? A VAL 57 ? A VAL 75  ? 1_555 83.3  ? 
4  OE1 ? A GLU 52 ? A GLU 70  ? 1_555 CA ? B CA . ? A CA 246 ? 1_555 OE2 ? A GLU 62 ? A GLU 80  ? 1_555 102.3 ? 
5  O   ? A ASN 54 ? A ASN 72  ? 1_555 CA ? B CA . ? A CA 246 ? 1_555 OE2 ? A GLU 62 ? A GLU 80  ? 1_555 160.7 ? 
6  O   ? A VAL 57 ? A VAL 75  ? 1_555 CA ? B CA . ? A CA 246 ? 1_555 OE2 ? A GLU 62 ? A GLU 80  ? 1_555 88.7  ? 
7  OE1 ? A GLU 52 ? A GLU 70  ? 1_555 CA ? B CA . ? A CA 246 ? 1_555 O   ? D HOH .  ? A HOH 255 ? 1_555 87.6  ? 
8  O   ? A ASN 54 ? A ASN 72  ? 1_555 CA ? B CA . ? A CA 246 ? 1_555 O   ? D HOH .  ? A HOH 255 ? 1_555 91.3  ? 
9  O   ? A VAL 57 ? A VAL 75  ? 1_555 CA ? B CA . ? A CA 246 ? 1_555 O   ? D HOH .  ? A HOH 255 ? 1_555 107.8 ? 
10 OE2 ? A GLU 62 ? A GLU 80  ? 1_555 CA ? B CA . ? A CA 246 ? 1_555 O   ? D HOH .  ? A HOH 255 ? 1_555 74.5  ? 
11 OE1 ? A GLU 52 ? A GLU 70  ? 1_555 CA ? B CA . ? A CA 246 ? 1_555 O   ? D HOH .  ? A HOH 274 ? 1_555 78.5  ? 
12 O   ? A ASN 54 ? A ASN 72  ? 1_555 CA ? B CA . ? A CA 246 ? 1_555 O   ? D HOH .  ? A HOH 274 ? 1_555 104.1 ? 
13 O   ? A VAL 57 ? A VAL 75  ? 1_555 CA ? B CA . ? A CA 246 ? 1_555 O   ? D HOH .  ? A HOH 274 ? 1_555 88.3  ? 
14 OE2 ? A GLU 62 ? A GLU 80  ? 1_555 CA ? B CA . ? A CA 246 ? 1_555 O   ? D HOH .  ? A HOH 274 ? 1_555 93.1  ? 
15 O   ? D HOH .  ? A HOH 255 ? 1_555 CA ? B CA . ? A CA 246 ? 1_555 O   ? D HOH .  ? A HOH 274 ? 1_555 159.1 ? 
# 
loop_
_pdbx_modification_feature.ordinal 
_pdbx_modification_feature.label_comp_id 
_pdbx_modification_feature.label_asym_id 
_pdbx_modification_feature.label_seq_id 
_pdbx_modification_feature.label_alt_id 
_pdbx_modification_feature.modified_residue_label_comp_id 
_pdbx_modification_feature.modified_residue_label_asym_id 
_pdbx_modification_feature.modified_residue_label_seq_id 
_pdbx_modification_feature.modified_residue_label_alt_id 
_pdbx_modification_feature.auth_comp_id 
_pdbx_modification_feature.auth_asym_id 
_pdbx_modification_feature.auth_seq_id 
_pdbx_modification_feature.PDB_ins_code 
_pdbx_modification_feature.symmetry 
_pdbx_modification_feature.modified_residue_auth_comp_id 
_pdbx_modification_feature.modified_residue_auth_asym_id 
_pdbx_modification_feature.modified_residue_auth_seq_id 
_pdbx_modification_feature.modified_residue_PDB_ins_code 
_pdbx_modification_feature.modified_residue_symmetry 
_pdbx_modification_feature.comp_id_linking_atom 
_pdbx_modification_feature.modified_residue_id_linking_atom 
_pdbx_modification_feature.modified_residue_id 
_pdbx_modification_feature.ref_pcm_id 
_pdbx_modification_feature.ref_comp_id 
_pdbx_modification_feature.type 
_pdbx_modification_feature.category 
1 CYS A 7   ? CYS A 137 ? CYS A 22  ? 1_555 CYS A 157 ? 1_555 SG SG . . . None 'Disulfide bridge' 
2 CYS A 25  ? CYS A 41  ? CYS A 42  ? 1_555 CYS A 58  ? 1_555 SG SG . . . None 'Disulfide bridge' 
3 CYS A 109 ? CYS A 210 ? CYS A 128 ? 1_555 CYS A 232 ? 1_555 SG SG . . . None 'Disulfide bridge' 
4 CYS A 116 ? CYS A 183 ? CYS A 136 ? 1_555 CYS A 201 ? 1_555 SG SG . . . None 'Disulfide bridge' 
5 CYS A 148 ? CYS A 162 ? CYS A 168 ? 1_555 CYS A 182 ? 1_555 SG SG . . . None 'Disulfide bridge' 
6 CYS A 173 ? CYS A 197 ? CYS A 191 ? 1_555 CYS A 220 ? 1_555 SG SG . . . None 'Disulfide bridge' 
# 
loop_
_struct_sheet.id 
_struct_sheet.type 
_struct_sheet.number_strands 
_struct_sheet.details 
A ? 7 ? 
B ? 7 ? 
# 
loop_
_struct_sheet_order.sheet_id 
_struct_sheet_order.range_id_1 
_struct_sheet_order.range_id_2 
_struct_sheet_order.offset 
_struct_sheet_order.sense 
A 1 2 ? anti-parallel 
A 2 3 ? anti-parallel 
A 3 4 ? anti-parallel 
A 4 5 ? anti-parallel 
A 5 6 ? anti-parallel 
A 6 7 ? anti-parallel 
B 1 2 ? anti-parallel 
B 2 3 ? anti-parallel 
B 3 4 ? anti-parallel 
B 4 5 ? anti-parallel 
B 5 6 ? anti-parallel 
B 6 7 ? anti-parallel 
# 
loop_
_struct_sheet_range.sheet_id 
_struct_sheet_range.id 
_struct_sheet_range.beg_label_comp_id 
_struct_sheet_range.beg_label_asym_id 
_struct_sheet_range.beg_label_seq_id 
_struct_sheet_range.pdbx_beg_PDB_ins_code 
_struct_sheet_range.end_label_comp_id 
_struct_sheet_range.end_label_asym_id 
_struct_sheet_range.end_label_seq_id 
_struct_sheet_range.pdbx_end_PDB_ins_code 
_struct_sheet_range.beg_auth_comp_id 
_struct_sheet_range.beg_auth_asym_id 
_struct_sheet_range.beg_auth_seq_id 
_struct_sheet_range.end_auth_comp_id 
_struct_sheet_range.end_auth_asym_id 
_struct_sheet_range.end_auth_seq_id 
A 1 TYR A 5   ? THR A 6   ? TYR A 20  THR A 21  
A 2 LYS A 136 ? PRO A 141 ? LYS A 156 PRO A 161 
A 3 GLN A 115 ? GLY A 120 ? GLN A 135 GLY A 140 
A 4 PRO A 180 ? CYS A 183 ? PRO A 198 CYS A 201 
A 5 LYS A 186 ? TRP A 193 ? LYS A 204 TRP A 215 
A 6 GLY A 204 ? LYS A 208 ? GLY A 226 LYS A 230 
A 7 MET A 160 ? ALA A 163 ? MET A 180 ALA A 183 
B 1 GLN A 15  ? ASN A 19  ? GLN A 30  ASN A 34  
B 2 HIS A 23  ? ASN A 31  ? HIS A 40  ASN A 48  
B 3 TRP A 34  ? SER A 37  ? TRP A 51  SER A 54  
B 4 MET A 86  ? LEU A 90  ? MET A 104 LEU A 108 
B 5 GLN A 63  ? VAL A 72  ? GLN A 81  VAL A 90  
B 6 GLN A 47  ? LEU A 50  ? GLN A 64  LEU A 66  
B 7 GLN A 15  ? ASN A 19  ? GLN A 30  ASN A 34  
# 
loop_
_pdbx_struct_sheet_hbond.sheet_id 
_pdbx_struct_sheet_hbond.range_id_1 
_pdbx_struct_sheet_hbond.range_id_2 
_pdbx_struct_sheet_hbond.range_1_label_atom_id 
_pdbx_struct_sheet_hbond.range_1_label_comp_id 
_pdbx_struct_sheet_hbond.range_1_label_asym_id 
_pdbx_struct_sheet_hbond.range_1_label_seq_id 
_pdbx_struct_sheet_hbond.range_1_PDB_ins_code 
_pdbx_struct_sheet_hbond.range_1_auth_atom_id 
_pdbx_struct_sheet_hbond.range_1_auth_comp_id 
_pdbx_struct_sheet_hbond.range_1_auth_asym_id 
_pdbx_struct_sheet_hbond.range_1_auth_seq_id 
_pdbx_struct_sheet_hbond.range_2_label_atom_id 
_pdbx_struct_sheet_hbond.range_2_label_comp_id 
_pdbx_struct_sheet_hbond.range_2_label_asym_id 
_pdbx_struct_sheet_hbond.range_2_label_seq_id 
_pdbx_struct_sheet_hbond.range_2_PDB_ins_code 
_pdbx_struct_sheet_hbond.range_2_auth_atom_id 
_pdbx_struct_sheet_hbond.range_2_auth_comp_id 
_pdbx_struct_sheet_hbond.range_2_auth_asym_id 
_pdbx_struct_sheet_hbond.range_2_auth_seq_id 
A 1 2 N TYR A 5   ? N TYR A 20  O CYS A 137 ? O CYS A 157 
A 2 3 O LEU A 138 ? O LEU A 158 N ILE A 118 ? N ILE A 138 
A 3 4 N LEU A 117 ? N LEU A 137 O VAL A 182 ? O VAL A 200 
A 4 5 N VAL A 181 ? N VAL A 199 O GLN A 188 ? O GLN A 210 
A 5 6 N TRP A 193 ? N TRP A 215 O VAL A 205 ? O VAL A 227 
A 6 7 O TYR A 206 ? O TYR A 228 N PHE A 161 ? N PHE A 181 
B 1 2 N LEU A 18  ? N LEU A 33  O CYS A 25  ? O CYS A 42  
B 2 3 N SER A 28  ? N SER A 45  O VAL A 36  ? O VAL A 53  
B 3 4 N VAL A 35  ? N VAL A 52  O ILE A 88  ? O ILE A 106 
B 4 5 O LEU A 87  ? O LEU A 105 N ILE A 71  ? N ILE A 89  
B 5 6 O ILE A 65  ? O ILE A 83  N VAL A 48  ? N VAL A 65  
B 6 7 O ARG A 49  A O ARG A 65  N SER A 17  ? N SER A 32  
# 
loop_
_struct_site.id 
_struct_site.pdbx_evidence_code 
_struct_site.pdbx_auth_asym_id 
_struct_site.pdbx_auth_comp_id 
_struct_site.pdbx_auth_seq_id 
_struct_site.pdbx_auth_ins_code 
_struct_site.pdbx_num_residues 
_struct_site.details 
AC1 Software A CA  246 ? 6  'BINDING SITE FOR RESIDUE CA A 246'  
AC2 Software A 4CM 247 ? 10 'BINDING SITE FOR RESIDUE 4CM A 247' 
# 
loop_
_struct_site_gen.id 
_struct_site_gen.site_id 
_struct_site_gen.pdbx_num_res 
_struct_site_gen.label_comp_id 
_struct_site_gen.label_asym_id 
_struct_site_gen.label_seq_id 
_struct_site_gen.pdbx_auth_ins_code 
_struct_site_gen.auth_comp_id 
_struct_site_gen.auth_asym_id 
_struct_site_gen.auth_seq_id 
_struct_site_gen.label_atom_id 
_struct_site_gen.label_alt_id 
_struct_site_gen.symmetry 
_struct_site_gen.details 
1  AC1 6  GLU A 52  ? GLU A 70  . ? 1_555 ? 
2  AC1 6  ASN A 54  ? ASN A 72  . ? 1_555 ? 
3  AC1 6  VAL A 57  ? VAL A 75  . ? 1_555 ? 
4  AC1 6  GLU A 62  ? GLU A 80  . ? 1_555 ? 
5  AC1 6  HOH D .   ? HOH A 255 . ? 1_555 ? 
6  AC1 6  HOH D .   ? HOH A 274 . ? 1_555 ? 
7  AC2 10 HIS A 40  ? HIS A 57  . ? 1_555 ? 
8  AC2 10 ASP A 171 ? ASP A 189 . ? 1_555 ? 
9  AC2 10 SER A 172 ? SER A 190 . ? 1_555 ? 
10 AC2 10 SER A 177 ? SER A 195 . ? 1_555 ? 
11 AC2 10 SER A 192 ? SER A 214 . ? 1_555 ? 
12 AC2 10 TRP A 193 ? TRP A 215 . ? 1_555 ? 
13 AC2 10 GLY A 194 ? GLY A 216 . ? 1_555 ? 
14 AC2 10 GLY A 196 ? GLY A 219 . ? 1_555 ? 
15 AC2 10 GLY A 204 ? GLY A 226 . ? 1_555 ? 
16 AC2 10 HOH D .   ? HOH A 269 . ? 1_555 ? 
# 
_pdbx_entry_details.entry_id                   1TX7 
_pdbx_entry_details.compound_details           ? 
_pdbx_entry_details.source_details             ? 
_pdbx_entry_details.nonpolymer_details         ? 
_pdbx_entry_details.sequence_details           ? 
_pdbx_entry_details.has_ligand_of_interest     ? 
_pdbx_entry_details.has_protein_modification   Y 
# 
_pdbx_validate_close_contact.id               1 
_pdbx_validate_close_contact.PDB_model_num    1 
_pdbx_validate_close_contact.auth_atom_id_1   O 
_pdbx_validate_close_contact.auth_asym_id_1   A 
_pdbx_validate_close_contact.auth_comp_id_1   HOH 
_pdbx_validate_close_contact.auth_seq_id_1    302 
_pdbx_validate_close_contact.PDB_ins_code_1   ? 
_pdbx_validate_close_contact.label_alt_id_1   ? 
_pdbx_validate_close_contact.auth_atom_id_2   O 
_pdbx_validate_close_contact.auth_asym_id_2   A 
_pdbx_validate_close_contact.auth_comp_id_2   HOH 
_pdbx_validate_close_contact.auth_seq_id_2    309 
_pdbx_validate_close_contact.PDB_ins_code_2   ? 
_pdbx_validate_close_contact.label_alt_id_2   ? 
_pdbx_validate_close_contact.dist             2.11 
# 
_pdbx_validate_symm_contact.id                1 
_pdbx_validate_symm_contact.PDB_model_num     1 
_pdbx_validate_symm_contact.auth_atom_id_1    OH 
_pdbx_validate_symm_contact.auth_asym_id_1    A 
_pdbx_validate_symm_contact.auth_comp_id_1    TYR 
_pdbx_validate_symm_contact.auth_seq_id_1     59 
_pdbx_validate_symm_contact.PDB_ins_code_1    ? 
_pdbx_validate_symm_contact.label_alt_id_1    ? 
_pdbx_validate_symm_contact.site_symmetry_1   1_555 
_pdbx_validate_symm_contact.auth_atom_id_2    OD2 
_pdbx_validate_symm_contact.auth_asym_id_2    A 
_pdbx_validate_symm_contact.auth_comp_id_2    ASP 
_pdbx_validate_symm_contact.auth_seq_id_2     153 
_pdbx_validate_symm_contact.PDB_ins_code_2    ? 
_pdbx_validate_symm_contact.label_alt_id_2    ? 
_pdbx_validate_symm_contact.site_symmetry_2   4_556 
_pdbx_validate_symm_contact.dist              1.98 
# 
_pdbx_validate_torsion.id              1 
_pdbx_validate_torsion.PDB_model_num   1 
_pdbx_validate_torsion.auth_comp_id    ASP 
_pdbx_validate_torsion.auth_asym_id    A 
_pdbx_validate_torsion.auth_seq_id     71 
_pdbx_validate_torsion.PDB_ins_code    ? 
_pdbx_validate_torsion.label_alt_id    ? 
_pdbx_validate_torsion.phi             -119.11 
_pdbx_validate_torsion.psi             -81.14 
# 
loop_
_chem_comp_atom.comp_id 
_chem_comp_atom.atom_id 
_chem_comp_atom.type_symbol 
_chem_comp_atom.pdbx_aromatic_flag 
_chem_comp_atom.pdbx_stereo_config 
_chem_comp_atom.pdbx_ordinal 
4CM C1   C  Y N 1   
4CM O1   O  N N 2   
4CM C2   C  Y N 3   
4CM O2   O  N N 4   
4CM C3   C  Y N 5   
4CM N1   N  N N 6   
4CM N2   N  N N 7   
4CM C4   C  Y N 8   
4CM C5   C  Y N 9   
4CM C6   C  Y N 10  
4CM C7   C  N N 11  
4CM P1   P  N R 12  
4CM C8   C  N N 13  
4CM HO1  H  N N 14  
4CM H2   H  N N 15  
4CM H3   H  N N 16  
4CM HN11 H  N N 17  
4CM HN12 H  N N 18  
4CM HN2  H  N N 19  
4CM H5   H  N N 20  
4CM H6   H  N N 21  
4CM H81  H  N N 22  
4CM H82  H  N N 23  
4CM H83  H  N N 24  
ALA N    N  N N 25  
ALA CA   C  N S 26  
ALA C    C  N N 27  
ALA O    O  N N 28  
ALA CB   C  N N 29  
ALA OXT  O  N N 30  
ALA H    H  N N 31  
ALA H2   H  N N 32  
ALA HA   H  N N 33  
ALA HB1  H  N N 34  
ALA HB2  H  N N 35  
ALA HB3  H  N N 36  
ALA HXT  H  N N 37  
ARG N    N  N N 38  
ARG CA   C  N S 39  
ARG C    C  N N 40  
ARG O    O  N N 41  
ARG CB   C  N N 42  
ARG CG   C  N N 43  
ARG CD   C  N N 44  
ARG NE   N  N N 45  
ARG CZ   C  N N 46  
ARG NH1  N  N N 47  
ARG NH2  N  N N 48  
ARG OXT  O  N N 49  
ARG H    H  N N 50  
ARG H2   H  N N 51  
ARG HA   H  N N 52  
ARG HB2  H  N N 53  
ARG HB3  H  N N 54  
ARG HG2  H  N N 55  
ARG HG3  H  N N 56  
ARG HD2  H  N N 57  
ARG HD3  H  N N 58  
ARG HE   H  N N 59  
ARG HH11 H  N N 60  
ARG HH12 H  N N 61  
ARG HH21 H  N N 62  
ARG HH22 H  N N 63  
ARG HXT  H  N N 64  
ASN N    N  N N 65  
ASN CA   C  N S 66  
ASN C    C  N N 67  
ASN O    O  N N 68  
ASN CB   C  N N 69  
ASN CG   C  N N 70  
ASN OD1  O  N N 71  
ASN ND2  N  N N 72  
ASN OXT  O  N N 73  
ASN H    H  N N 74  
ASN H2   H  N N 75  
ASN HA   H  N N 76  
ASN HB2  H  N N 77  
ASN HB3  H  N N 78  
ASN HD21 H  N N 79  
ASN HD22 H  N N 80  
ASN HXT  H  N N 81  
ASP N    N  N N 82  
ASP CA   C  N S 83  
ASP C    C  N N 84  
ASP O    O  N N 85  
ASP CB   C  N N 86  
ASP CG   C  N N 87  
ASP OD1  O  N N 88  
ASP OD2  O  N N 89  
ASP OXT  O  N N 90  
ASP H    H  N N 91  
ASP H2   H  N N 92  
ASP HA   H  N N 93  
ASP HB2  H  N N 94  
ASP HB3  H  N N 95  
ASP HD2  H  N N 96  
ASP HXT  H  N N 97  
CA  CA   CA N N 98  
CYS N    N  N N 99  
CYS CA   C  N R 100 
CYS C    C  N N 101 
CYS O    O  N N 102 
CYS CB   C  N N 103 
CYS SG   S  N N 104 
CYS OXT  O  N N 105 
CYS H    H  N N 106 
CYS H2   H  N N 107 
CYS HA   H  N N 108 
CYS HB2  H  N N 109 
CYS HB3  H  N N 110 
CYS HG   H  N N 111 
CYS HXT  H  N N 112 
GLN N    N  N N 113 
GLN CA   C  N S 114 
GLN C    C  N N 115 
GLN O    O  N N 116 
GLN CB   C  N N 117 
GLN CG   C  N N 118 
GLN CD   C  N N 119 
GLN OE1  O  N N 120 
GLN NE2  N  N N 121 
GLN OXT  O  N N 122 
GLN H    H  N N 123 
GLN H2   H  N N 124 
GLN HA   H  N N 125 
GLN HB2  H  N N 126 
GLN HB3  H  N N 127 
GLN HG2  H  N N 128 
GLN HG3  H  N N 129 
GLN HE21 H  N N 130 
GLN HE22 H  N N 131 
GLN HXT  H  N N 132 
GLU N    N  N N 133 
GLU CA   C  N S 134 
GLU C    C  N N 135 
GLU O    O  N N 136 
GLU CB   C  N N 137 
GLU CG   C  N N 138 
GLU CD   C  N N 139 
GLU OE1  O  N N 140 
GLU OE2  O  N N 141 
GLU OXT  O  N N 142 
GLU H    H  N N 143 
GLU H2   H  N N 144 
GLU HA   H  N N 145 
GLU HB2  H  N N 146 
GLU HB3  H  N N 147 
GLU HG2  H  N N 148 
GLU HG3  H  N N 149 
GLU HE2  H  N N 150 
GLU HXT  H  N N 151 
GLY N    N  N N 152 
GLY CA   C  N N 153 
GLY C    C  N N 154 
GLY O    O  N N 155 
GLY OXT  O  N N 156 
GLY H    H  N N 157 
GLY H2   H  N N 158 
GLY HA2  H  N N 159 
GLY HA3  H  N N 160 
GLY HXT  H  N N 161 
HIS N    N  N N 162 
HIS CA   C  N S 163 
HIS C    C  N N 164 
HIS O    O  N N 165 
HIS CB   C  N N 166 
HIS CG   C  Y N 167 
HIS ND1  N  Y N 168 
HIS CD2  C  Y N 169 
HIS CE1  C  Y N 170 
HIS NE2  N  Y N 171 
HIS OXT  O  N N 172 
HIS H    H  N N 173 
HIS H2   H  N N 174 
HIS HA   H  N N 175 
HIS HB2  H  N N 176 
HIS HB3  H  N N 177 
HIS HD1  H  N N 178 
HIS HD2  H  N N 179 
HIS HE1  H  N N 180 
HIS HE2  H  N N 181 
HIS HXT  H  N N 182 
HOH O    O  N N 183 
HOH H1   H  N N 184 
HOH H2   H  N N 185 
ILE N    N  N N 186 
ILE CA   C  N S 187 
ILE C    C  N N 188 
ILE O    O  N N 189 
ILE CB   C  N S 190 
ILE CG1  C  N N 191 
ILE CG2  C  N N 192 
ILE CD1  C  N N 193 
ILE OXT  O  N N 194 
ILE H    H  N N 195 
ILE H2   H  N N 196 
ILE HA   H  N N 197 
ILE HB   H  N N 198 
ILE HG12 H  N N 199 
ILE HG13 H  N N 200 
ILE HG21 H  N N 201 
ILE HG22 H  N N 202 
ILE HG23 H  N N 203 
ILE HD11 H  N N 204 
ILE HD12 H  N N 205 
ILE HD13 H  N N 206 
ILE HXT  H  N N 207 
LEU N    N  N N 208 
LEU CA   C  N S 209 
LEU C    C  N N 210 
LEU O    O  N N 211 
LEU CB   C  N N 212 
LEU CG   C  N N 213 
LEU CD1  C  N N 214 
LEU CD2  C  N N 215 
LEU OXT  O  N N 216 
LEU H    H  N N 217 
LEU H2   H  N N 218 
LEU HA   H  N N 219 
LEU HB2  H  N N 220 
LEU HB3  H  N N 221 
LEU HG   H  N N 222 
LEU HD11 H  N N 223 
LEU HD12 H  N N 224 
LEU HD13 H  N N 225 
LEU HD21 H  N N 226 
LEU HD22 H  N N 227 
LEU HD23 H  N N 228 
LEU HXT  H  N N 229 
LYS N    N  N N 230 
LYS CA   C  N S 231 
LYS C    C  N N 232 
LYS O    O  N N 233 
LYS CB   C  N N 234 
LYS CG   C  N N 235 
LYS CD   C  N N 236 
LYS CE   C  N N 237 
LYS NZ   N  N N 238 
LYS OXT  O  N N 239 
LYS H    H  N N 240 
LYS H2   H  N N 241 
LYS HA   H  N N 242 
LYS HB2  H  N N 243 
LYS HB3  H  N N 244 
LYS HG2  H  N N 245 
LYS HG3  H  N N 246 
LYS HD2  H  N N 247 
LYS HD3  H  N N 248 
LYS HE2  H  N N 249 
LYS HE3  H  N N 250 
LYS HZ1  H  N N 251 
LYS HZ2  H  N N 252 
LYS HZ3  H  N N 253 
LYS HXT  H  N N 254 
MET N    N  N N 255 
MET CA   C  N S 256 
MET C    C  N N 257 
MET O    O  N N 258 
MET CB   C  N N 259 
MET CG   C  N N 260 
MET SD   S  N N 261 
MET CE   C  N N 262 
MET OXT  O  N N 263 
MET H    H  N N 264 
MET H2   H  N N 265 
MET HA   H  N N 266 
MET HB2  H  N N 267 
MET HB3  H  N N 268 
MET HG2  H  N N 269 
MET HG3  H  N N 270 
MET HE1  H  N N 271 
MET HE2  H  N N 272 
MET HE3  H  N N 273 
MET HXT  H  N N 274 
PHE N    N  N N 275 
PHE CA   C  N S 276 
PHE C    C  N N 277 
PHE O    O  N N 278 
PHE CB   C  N N 279 
PHE CG   C  Y N 280 
PHE CD1  C  Y N 281 
PHE CD2  C  Y N 282 
PHE CE1  C  Y N 283 
PHE CE2  C  Y N 284 
PHE CZ   C  Y N 285 
PHE OXT  O  N N 286 
PHE H    H  N N 287 
PHE H2   H  N N 288 
PHE HA   H  N N 289 
PHE HB2  H  N N 290 
PHE HB3  H  N N 291 
PHE HD1  H  N N 292 
PHE HD2  H  N N 293 
PHE HE1  H  N N 294 
PHE HE2  H  N N 295 
PHE HZ   H  N N 296 
PHE HXT  H  N N 297 
PRO N    N  N N 298 
PRO CA   C  N S 299 
PRO C    C  N N 300 
PRO O    O  N N 301 
PRO CB   C  N N 302 
PRO CG   C  N N 303 
PRO CD   C  N N 304 
PRO OXT  O  N N 305 
PRO H    H  N N 306 
PRO HA   H  N N 307 
PRO HB2  H  N N 308 
PRO HB3  H  N N 309 
PRO HG2  H  N N 310 
PRO HG3  H  N N 311 
PRO HD2  H  N N 312 
PRO HD3  H  N N 313 
PRO HXT  H  N N 314 
SER N    N  N N 315 
SER CA   C  N S 316 
SER C    C  N N 317 
SER O    O  N N 318 
SER CB   C  N N 319 
SER OG   O  N N 320 
SER OXT  O  N N 321 
SER H    H  N N 322 
SER H2   H  N N 323 
SER HA   H  N N 324 
SER HB2  H  N N 325 
SER HB3  H  N N 326 
SER HG   H  N N 327 
SER HXT  H  N N 328 
THR N    N  N N 329 
THR CA   C  N S 330 
THR C    C  N N 331 
THR O    O  N N 332 
THR CB   C  N R 333 
THR OG1  O  N N 334 
THR CG2  C  N N 335 
THR OXT  O  N N 336 
THR H    H  N N 337 
THR H2   H  N N 338 
THR HA   H  N N 339 
THR HB   H  N N 340 
THR HG1  H  N N 341 
THR HG21 H  N N 342 
THR HG22 H  N N 343 
THR HG23 H  N N 344 
THR HXT  H  N N 345 
TRP N    N  N N 346 
TRP CA   C  N S 347 
TRP C    C  N N 348 
TRP O    O  N N 349 
TRP CB   C  N N 350 
TRP CG   C  Y N 351 
TRP CD1  C  Y N 352 
TRP CD2  C  Y N 353 
TRP NE1  N  Y N 354 
TRP CE2  C  Y N 355 
TRP CE3  C  Y N 356 
TRP CZ2  C  Y N 357 
TRP CZ3  C  Y N 358 
TRP CH2  C  Y N 359 
TRP OXT  O  N N 360 
TRP H    H  N N 361 
TRP H2   H  N N 362 
TRP HA   H  N N 363 
TRP HB2  H  N N 364 
TRP HB3  H  N N 365 
TRP HD1  H  N N 366 
TRP HE1  H  N N 367 
TRP HE3  H  N N 368 
TRP HZ2  H  N N 369 
TRP HZ3  H  N N 370 
TRP HH2  H  N N 371 
TRP HXT  H  N N 372 
TYR N    N  N N 373 
TYR CA   C  N S 374 
TYR C    C  N N 375 
TYR O    O  N N 376 
TYR CB   C  N N 377 
TYR CG   C  Y N 378 
TYR CD1  C  Y N 379 
TYR CD2  C  Y N 380 
TYR CE1  C  Y N 381 
TYR CE2  C  Y N 382 
TYR CZ   C  Y N 383 
TYR OH   O  N N 384 
TYR OXT  O  N N 385 
TYR H    H  N N 386 
TYR H2   H  N N 387 
TYR HA   H  N N 388 
TYR HB2  H  N N 389 
TYR HB3  H  N N 390 
TYR HD1  H  N N 391 
TYR HD2  H  N N 392 
TYR HE1  H  N N 393 
TYR HE2  H  N N 394 
TYR HH   H  N N 395 
TYR HXT  H  N N 396 
VAL N    N  N N 397 
VAL CA   C  N S 398 
VAL C    C  N N 399 
VAL O    O  N N 400 
VAL CB   C  N N 401 
VAL CG1  C  N N 402 
VAL CG2  C  N N 403 
VAL OXT  O  N N 404 
VAL H    H  N N 405 
VAL H2   H  N N 406 
VAL HA   H  N N 407 
VAL HB   H  N N 408 
VAL HG11 H  N N 409 
VAL HG12 H  N N 410 
VAL HG13 H  N N 411 
VAL HG21 H  N N 412 
VAL HG22 H  N N 413 
VAL HG23 H  N N 414 
VAL HXT  H  N N 415 
# 
loop_
_chem_comp_bond.comp_id 
_chem_comp_bond.atom_id_1 
_chem_comp_bond.atom_id_2 
_chem_comp_bond.value_order 
_chem_comp_bond.pdbx_aromatic_flag 
_chem_comp_bond.pdbx_stereo_config 
_chem_comp_bond.pdbx_ordinal 
4CM C1  C2   doub Y N 1   
4CM C1  C6   sing Y N 2   
4CM C1  C7   sing N N 3   
4CM O1  P1   sing N N 4   
4CM O1  HO1  sing N N 5   
4CM C2  C3   sing Y N 6   
4CM C2  H2   sing N N 7   
4CM O2  P1   doub N N 8   
4CM C3  C4   doub Y N 9   
4CM C3  H3   sing N N 10  
4CM N1  C7   sing N N 11  
4CM N1  HN11 sing N N 12  
4CM N1  HN12 sing N N 13  
4CM N2  C7   doub N N 14  
4CM N2  HN2  sing N N 15  
4CM C4  C5   sing Y N 16  
4CM C4  P1   sing N N 17  
4CM C5  C6   doub Y N 18  
4CM C5  H5   sing N N 19  
4CM C6  H6   sing N N 20  
4CM P1  C8   sing N N 21  
4CM C8  H81  sing N N 22  
4CM C8  H82  sing N N 23  
4CM C8  H83  sing N N 24  
ALA N   CA   sing N N 25  
ALA N   H    sing N N 26  
ALA N   H2   sing N N 27  
ALA CA  C    sing N N 28  
ALA CA  CB   sing N N 29  
ALA CA  HA   sing N N 30  
ALA C   O    doub N N 31  
ALA C   OXT  sing N N 32  
ALA CB  HB1  sing N N 33  
ALA CB  HB2  sing N N 34  
ALA CB  HB3  sing N N 35  
ALA OXT HXT  sing N N 36  
ARG N   CA   sing N N 37  
ARG N   H    sing N N 38  
ARG N   H2   sing N N 39  
ARG CA  C    sing N N 40  
ARG CA  CB   sing N N 41  
ARG CA  HA   sing N N 42  
ARG C   O    doub N N 43  
ARG C   OXT  sing N N 44  
ARG CB  CG   sing N N 45  
ARG CB  HB2  sing N N 46  
ARG CB  HB3  sing N N 47  
ARG CG  CD   sing N N 48  
ARG CG  HG2  sing N N 49  
ARG CG  HG3  sing N N 50  
ARG CD  NE   sing N N 51  
ARG CD  HD2  sing N N 52  
ARG CD  HD3  sing N N 53  
ARG NE  CZ   sing N N 54  
ARG NE  HE   sing N N 55  
ARG CZ  NH1  sing N N 56  
ARG CZ  NH2  doub N N 57  
ARG NH1 HH11 sing N N 58  
ARG NH1 HH12 sing N N 59  
ARG NH2 HH21 sing N N 60  
ARG NH2 HH22 sing N N 61  
ARG OXT HXT  sing N N 62  
ASN N   CA   sing N N 63  
ASN N   H    sing N N 64  
ASN N   H2   sing N N 65  
ASN CA  C    sing N N 66  
ASN CA  CB   sing N N 67  
ASN CA  HA   sing N N 68  
ASN C   O    doub N N 69  
ASN C   OXT  sing N N 70  
ASN CB  CG   sing N N 71  
ASN CB  HB2  sing N N 72  
ASN CB  HB3  sing N N 73  
ASN CG  OD1  doub N N 74  
ASN CG  ND2  sing N N 75  
ASN ND2 HD21 sing N N 76  
ASN ND2 HD22 sing N N 77  
ASN OXT HXT  sing N N 78  
ASP N   CA   sing N N 79  
ASP N   H    sing N N 80  
ASP N   H2   sing N N 81  
ASP CA  C    sing N N 82  
ASP CA  CB   sing N N 83  
ASP CA  HA   sing N N 84  
ASP C   O    doub N N 85  
ASP C   OXT  sing N N 86  
ASP CB  CG   sing N N 87  
ASP CB  HB2  sing N N 88  
ASP CB  HB3  sing N N 89  
ASP CG  OD1  doub N N 90  
ASP CG  OD2  sing N N 91  
ASP OD2 HD2  sing N N 92  
ASP OXT HXT  sing N N 93  
CYS N   CA   sing N N 94  
CYS N   H    sing N N 95  
CYS N   H2   sing N N 96  
CYS CA  C    sing N N 97  
CYS CA  CB   sing N N 98  
CYS CA  HA   sing N N 99  
CYS C   O    doub N N 100 
CYS C   OXT  sing N N 101 
CYS CB  SG   sing N N 102 
CYS CB  HB2  sing N N 103 
CYS CB  HB3  sing N N 104 
CYS SG  HG   sing N N 105 
CYS OXT HXT  sing N N 106 
GLN N   CA   sing N N 107 
GLN N   H    sing N N 108 
GLN N   H2   sing N N 109 
GLN CA  C    sing N N 110 
GLN CA  CB   sing N N 111 
GLN CA  HA   sing N N 112 
GLN C   O    doub N N 113 
GLN C   OXT  sing N N 114 
GLN CB  CG   sing N N 115 
GLN CB  HB2  sing N N 116 
GLN CB  HB3  sing N N 117 
GLN CG  CD   sing N N 118 
GLN CG  HG2  sing N N 119 
GLN CG  HG3  sing N N 120 
GLN CD  OE1  doub N N 121 
GLN CD  NE2  sing N N 122 
GLN NE2 HE21 sing N N 123 
GLN NE2 HE22 sing N N 124 
GLN OXT HXT  sing N N 125 
GLU N   CA   sing N N 126 
GLU N   H    sing N N 127 
GLU N   H2   sing N N 128 
GLU CA  C    sing N N 129 
GLU CA  CB   sing N N 130 
GLU CA  HA   sing N N 131 
GLU C   O    doub N N 132 
GLU C   OXT  sing N N 133 
GLU CB  CG   sing N N 134 
GLU CB  HB2  sing N N 135 
GLU CB  HB3  sing N N 136 
GLU CG  CD   sing N N 137 
GLU CG  HG2  sing N N 138 
GLU CG  HG3  sing N N 139 
GLU CD  OE1  doub N N 140 
GLU CD  OE2  sing N N 141 
GLU OE2 HE2  sing N N 142 
GLU OXT HXT  sing N N 143 
GLY N   CA   sing N N 144 
GLY N   H    sing N N 145 
GLY N   H2   sing N N 146 
GLY CA  C    sing N N 147 
GLY CA  HA2  sing N N 148 
GLY CA  HA3  sing N N 149 
GLY C   O    doub N N 150 
GLY C   OXT  sing N N 151 
GLY OXT HXT  sing N N 152 
HIS N   CA   sing N N 153 
HIS N   H    sing N N 154 
HIS N   H2   sing N N 155 
HIS CA  C    sing N N 156 
HIS CA  CB   sing N N 157 
HIS CA  HA   sing N N 158 
HIS C   O    doub N N 159 
HIS C   OXT  sing N N 160 
HIS CB  CG   sing N N 161 
HIS CB  HB2  sing N N 162 
HIS CB  HB3  sing N N 163 
HIS CG  ND1  sing Y N 164 
HIS CG  CD2  doub Y N 165 
HIS ND1 CE1  doub Y N 166 
HIS ND1 HD1  sing N N 167 
HIS CD2 NE2  sing Y N 168 
HIS CD2 HD2  sing N N 169 
HIS CE1 NE2  sing Y N 170 
HIS CE1 HE1  sing N N 171 
HIS NE2 HE2  sing N N 172 
HIS OXT HXT  sing N N 173 
HOH O   H1   sing N N 174 
HOH O   H2   sing N N 175 
ILE N   CA   sing N N 176 
ILE N   H    sing N N 177 
ILE N   H2   sing N N 178 
ILE CA  C    sing N N 179 
ILE CA  CB   sing N N 180 
ILE CA  HA   sing N N 181 
ILE C   O    doub N N 182 
ILE C   OXT  sing N N 183 
ILE CB  CG1  sing N N 184 
ILE CB  CG2  sing N N 185 
ILE CB  HB   sing N N 186 
ILE CG1 CD1  sing N N 187 
ILE CG1 HG12 sing N N 188 
ILE CG1 HG13 sing N N 189 
ILE CG2 HG21 sing N N 190 
ILE CG2 HG22 sing N N 191 
ILE CG2 HG23 sing N N 192 
ILE CD1 HD11 sing N N 193 
ILE CD1 HD12 sing N N 194 
ILE CD1 HD13 sing N N 195 
ILE OXT HXT  sing N N 196 
LEU N   CA   sing N N 197 
LEU N   H    sing N N 198 
LEU N   H2   sing N N 199 
LEU CA  C    sing N N 200 
LEU CA  CB   sing N N 201 
LEU CA  HA   sing N N 202 
LEU C   O    doub N N 203 
LEU C   OXT  sing N N 204 
LEU CB  CG   sing N N 205 
LEU CB  HB2  sing N N 206 
LEU CB  HB3  sing N N 207 
LEU CG  CD1  sing N N 208 
LEU CG  CD2  sing N N 209 
LEU CG  HG   sing N N 210 
LEU CD1 HD11 sing N N 211 
LEU CD1 HD12 sing N N 212 
LEU CD1 HD13 sing N N 213 
LEU CD2 HD21 sing N N 214 
LEU CD2 HD22 sing N N 215 
LEU CD2 HD23 sing N N 216 
LEU OXT HXT  sing N N 217 
LYS N   CA   sing N N 218 
LYS N   H    sing N N 219 
LYS N   H2   sing N N 220 
LYS CA  C    sing N N 221 
LYS CA  CB   sing N N 222 
LYS CA  HA   sing N N 223 
LYS C   O    doub N N 224 
LYS C   OXT  sing N N 225 
LYS CB  CG   sing N N 226 
LYS CB  HB2  sing N N 227 
LYS CB  HB3  sing N N 228 
LYS CG  CD   sing N N 229 
LYS CG  HG2  sing N N 230 
LYS CG  HG3  sing N N 231 
LYS CD  CE   sing N N 232 
LYS CD  HD2  sing N N 233 
LYS CD  HD3  sing N N 234 
LYS CE  NZ   sing N N 235 
LYS CE  HE2  sing N N 236 
LYS CE  HE3  sing N N 237 
LYS NZ  HZ1  sing N N 238 
LYS NZ  HZ2  sing N N 239 
LYS NZ  HZ3  sing N N 240 
LYS OXT HXT  sing N N 241 
MET N   CA   sing N N 242 
MET N   H    sing N N 243 
MET N   H2   sing N N 244 
MET CA  C    sing N N 245 
MET CA  CB   sing N N 246 
MET CA  HA   sing N N 247 
MET C   O    doub N N 248 
MET C   OXT  sing N N 249 
MET CB  CG   sing N N 250 
MET CB  HB2  sing N N 251 
MET CB  HB3  sing N N 252 
MET CG  SD   sing N N 253 
MET CG  HG2  sing N N 254 
MET CG  HG3  sing N N 255 
MET SD  CE   sing N N 256 
MET CE  HE1  sing N N 257 
MET CE  HE2  sing N N 258 
MET CE  HE3  sing N N 259 
MET OXT HXT  sing N N 260 
PHE N   CA   sing N N 261 
PHE N   H    sing N N 262 
PHE N   H2   sing N N 263 
PHE CA  C    sing N N 264 
PHE CA  CB   sing N N 265 
PHE CA  HA   sing N N 266 
PHE C   O    doub N N 267 
PHE C   OXT  sing N N 268 
PHE CB  CG   sing N N 269 
PHE CB  HB2  sing N N 270 
PHE CB  HB3  sing N N 271 
PHE CG  CD1  doub Y N 272 
PHE CG  CD2  sing Y N 273 
PHE CD1 CE1  sing Y N 274 
PHE CD1 HD1  sing N N 275 
PHE CD2 CE2  doub Y N 276 
PHE CD2 HD2  sing N N 277 
PHE CE1 CZ   doub Y N 278 
PHE CE1 HE1  sing N N 279 
PHE CE2 CZ   sing Y N 280 
PHE CE2 HE2  sing N N 281 
PHE CZ  HZ   sing N N 282 
PHE OXT HXT  sing N N 283 
PRO N   CA   sing N N 284 
PRO N   CD   sing N N 285 
PRO N   H    sing N N 286 
PRO CA  C    sing N N 287 
PRO CA  CB   sing N N 288 
PRO CA  HA   sing N N 289 
PRO C   O    doub N N 290 
PRO C   OXT  sing N N 291 
PRO CB  CG   sing N N 292 
PRO CB  HB2  sing N N 293 
PRO CB  HB3  sing N N 294 
PRO CG  CD   sing N N 295 
PRO CG  HG2  sing N N 296 
PRO CG  HG3  sing N N 297 
PRO CD  HD2  sing N N 298 
PRO CD  HD3  sing N N 299 
PRO OXT HXT  sing N N 300 
SER N   CA   sing N N 301 
SER N   H    sing N N 302 
SER N   H2   sing N N 303 
SER CA  C    sing N N 304 
SER CA  CB   sing N N 305 
SER CA  HA   sing N N 306 
SER C   O    doub N N 307 
SER C   OXT  sing N N 308 
SER CB  OG   sing N N 309 
SER CB  HB2  sing N N 310 
SER CB  HB3  sing N N 311 
SER OG  HG   sing N N 312 
SER OXT HXT  sing N N 313 
THR N   CA   sing N N 314 
THR N   H    sing N N 315 
THR N   H2   sing N N 316 
THR CA  C    sing N N 317 
THR CA  CB   sing N N 318 
THR CA  HA   sing N N 319 
THR C   O    doub N N 320 
THR C   OXT  sing N N 321 
THR CB  OG1  sing N N 322 
THR CB  CG2  sing N N 323 
THR CB  HB   sing N N 324 
THR OG1 HG1  sing N N 325 
THR CG2 HG21 sing N N 326 
THR CG2 HG22 sing N N 327 
THR CG2 HG23 sing N N 328 
THR OXT HXT  sing N N 329 
TRP N   CA   sing N N 330 
TRP N   H    sing N N 331 
TRP N   H2   sing N N 332 
TRP CA  C    sing N N 333 
TRP CA  CB   sing N N 334 
TRP CA  HA   sing N N 335 
TRP C   O    doub N N 336 
TRP C   OXT  sing N N 337 
TRP CB  CG   sing N N 338 
TRP CB  HB2  sing N N 339 
TRP CB  HB3  sing N N 340 
TRP CG  CD1  doub Y N 341 
TRP CG  CD2  sing Y N 342 
TRP CD1 NE1  sing Y N 343 
TRP CD1 HD1  sing N N 344 
TRP CD2 CE2  doub Y N 345 
TRP CD2 CE3  sing Y N 346 
TRP NE1 CE2  sing Y N 347 
TRP NE1 HE1  sing N N 348 
TRP CE2 CZ2  sing Y N 349 
TRP CE3 CZ3  doub Y N 350 
TRP CE3 HE3  sing N N 351 
TRP CZ2 CH2  doub Y N 352 
TRP CZ2 HZ2  sing N N 353 
TRP CZ3 CH2  sing Y N 354 
TRP CZ3 HZ3  sing N N 355 
TRP CH2 HH2  sing N N 356 
TRP OXT HXT  sing N N 357 
TYR N   CA   sing N N 358 
TYR N   H    sing N N 359 
TYR N   H2   sing N N 360 
TYR CA  C    sing N N 361 
TYR CA  CB   sing N N 362 
TYR CA  HA   sing N N 363 
TYR C   O    doub N N 364 
TYR C   OXT  sing N N 365 
TYR CB  CG   sing N N 366 
TYR CB  HB2  sing N N 367 
TYR CB  HB3  sing N N 368 
TYR CG  CD1  doub Y N 369 
TYR CG  CD2  sing Y N 370 
TYR CD1 CE1  sing Y N 371 
TYR CD1 HD1  sing N N 372 
TYR CD2 CE2  doub Y N 373 
TYR CD2 HD2  sing N N 374 
TYR CE1 CZ   doub Y N 375 
TYR CE1 HE1  sing N N 376 
TYR CE2 CZ   sing Y N 377 
TYR CE2 HE2  sing N N 378 
TYR CZ  OH   sing N N 379 
TYR OH  HH   sing N N 380 
TYR OXT HXT  sing N N 381 
VAL N   CA   sing N N 382 
VAL N   H    sing N N 383 
VAL N   H2   sing N N 384 
VAL CA  C    sing N N 385 
VAL CA  CB   sing N N 386 
VAL CA  HA   sing N N 387 
VAL C   O    doub N N 388 
VAL C   OXT  sing N N 389 
VAL CB  CG1  sing N N 390 
VAL CB  CG2  sing N N 391 
VAL CB  HB   sing N N 392 
VAL CG1 HG11 sing N N 393 
VAL CG1 HG12 sing N N 394 
VAL CG1 HG13 sing N N 395 
VAL CG2 HG21 sing N N 396 
VAL CG2 HG22 sing N N 397 
VAL CG2 HG23 sing N N 398 
VAL OXT HXT  sing N N 399 
# 
_atom_sites.entry_id                    1TX7 
_atom_sites.fract_transf_matrix[1][1]   -0.01241511 
_atom_sites.fract_transf_matrix[1][2]   -0.01303266 
_atom_sites.fract_transf_matrix[1][3]   0.00285752 
_atom_sites.fract_transf_matrix[2][1]   -0.01220198 
_atom_sites.fract_transf_matrix[2][2]   0.01192058 
_atom_sites.fract_transf_matrix[2][3]   0.00135359 
_atom_sites.fract_transf_matrix[3][1]   -0.00245535 
_atom_sites.fract_transf_matrix[3][2]   -0.00085776 
_atom_sites.fract_transf_matrix[3][3]   -0.01457984 
_atom_sites.fract_transf_vector[1]      0.043047 
_atom_sites.fract_transf_vector[2]      0.374560 
_atom_sites.fract_transf_vector[3]      0.653319 
# 
loop_
_atom_type.symbol 
C  
CA 
N  
O  
P  
S  
# 
loop_
_atom_site.group_PDB 
_atom_site.id 
_atom_site.type_symbol 
_atom_site.label_atom_id 
_atom_site.label_alt_id 
_atom_site.label_comp_id 
_atom_site.label_asym_id 
_atom_site.label_entity_id 
_atom_site.label_seq_id 
_atom_site.pdbx_PDB_ins_code 
_atom_site.Cartn_x 
_atom_site.Cartn_y 
_atom_site.Cartn_z 
_atom_site.occupancy 
_atom_site.B_iso_or_equiv 
_atom_site.pdbx_formal_charge 
_atom_site.auth_seq_id 
_atom_site.auth_comp_id 
_atom_site.auth_asym_id 
_atom_site.auth_atom_id 
_atom_site.pdbx_PDB_model_num 
ATOM   1    N  N   . ILE A 1 1   ? 8.165   5.679   -4.938  1.00 9.55  ? 16  ILE A N   1 
ATOM   2    C  CA  . ILE A 1 1   ? 7.335   6.316   -5.997  1.00 8.91  ? 16  ILE A CA  1 
ATOM   3    C  C   . ILE A 1 1   ? 8.306   6.995   -6.991  1.00 9.72  ? 16  ILE A C   1 
ATOM   4    O  O   . ILE A 1 1   ? 9.101   7.844   -6.609  1.00 9.49  ? 16  ILE A O   1 
ATOM   5    C  CB  . ILE A 1 1   ? 6.357   7.363   -5.399  1.00 7.32  ? 16  ILE A CB  1 
ATOM   6    C  CG1 . ILE A 1 1   ? 5.442   6.699   -4.347  1.00 8.11  ? 16  ILE A CG1 1 
ATOM   7    C  CG2 . ILE A 1 1   ? 5.546   8.018   -6.540  1.00 7.83  ? 16  ILE A CG2 1 
ATOM   8    C  CD1 . ILE A 1 1   ? 4.445   5.715   -4.854  1.00 8.63  ? 16  ILE A CD1 1 
ATOM   9    N  N   . VAL A 1 2   ? 8.221   6.574   -8.263  1.00 9.37  ? 17  VAL A N   1 
ATOM   10   C  CA  . VAL A 1 2   ? 9.011   7.140   -9.362  1.00 8.91  ? 17  VAL A CA  1 
ATOM   11   C  C   . VAL A 1 2   ? 8.088   8.057   -10.133 1.00 8.29  ? 17  VAL A C   1 
ATOM   12   O  O   . VAL A 1 2   ? 6.961   7.705   -10.462 1.00 9.07  ? 17  VAL A O   1 
ATOM   13   C  CB  . VAL A 1 2   ? 9.514   6.031   -10.307 1.00 10.53 ? 17  VAL A CB  1 
ATOM   14   C  CG1 . VAL A 1 2   ? 10.334  6.660   -11.394 1.00 12.00 ? 17  VAL A CG1 1 
ATOM   15   C  CG2 . VAL A 1 2   ? 10.374  4.913   -9.546  1.00 10.62 ? 17  VAL A CG2 1 
ATOM   16   N  N   . GLY A 1 3   ? 8.548   9.240   -10.421 1.00 8.29  ? 18  GLY A N   1 
ATOM   17   C  CA  . GLY A 1 3   ? 7.754   10.170  -11.192 1.00 10.24 ? 18  GLY A CA  1 
ATOM   18   C  C   . GLY A 1 3   ? 6.582   10.825  -10.495 1.00 11.83 ? 18  GLY A C   1 
ATOM   19   O  O   . GLY A 1 3   ? 5.655   11.271  -11.172 1.00 12.98 ? 18  GLY A O   1 
ATOM   20   N  N   . GLY A 1 4   ? 6.607   10.904  -9.164  1.00 11.49 ? 19  GLY A N   1 
ATOM   21   C  CA  . GLY A 1 4   ? 5.477   11.513  -8.502  1.00 12.81 ? 19  GLY A CA  1 
ATOM   22   C  C   . GLY A 1 4   ? 5.770   12.890  -7.914  1.00 13.16 ? 19  GLY A C   1 
ATOM   23   O  O   . GLY A 1 4   ? 6.626   13.609  -8.394  1.00 14.57 ? 19  GLY A O   1 
ATOM   24   N  N   . TYR A 1 5   ? 5.045   13.276  -6.882  1.00 10.83 ? 20  TYR A N   1 
ATOM   25   C  CA  . TYR A 1 5   ? 5.267   14.553  -6.309  1.00 10.84 ? 20  TYR A CA  1 
ATOM   26   C  C   . TYR A 1 5   ? 5.286   14.411  -4.768  1.00 9.33  ? 20  TYR A C   1 
ATOM   27   O  O   . TYR A 1 5   ? 4.854   13.412  -4.243  1.00 9.20  ? 20  TYR A O   1 
ATOM   28   C  CB  . TYR A 1 5   ? 4.174   15.528  -6.802  1.00 10.04 ? 20  TYR A CB  1 
ATOM   29   C  CG  . TYR A 1 5   ? 2.781   15.099  -6.471  1.00 10.15 ? 20  TYR A CG  1 
ATOM   30   C  CD1 . TYR A 1 5   ? 2.131   14.146  -7.236  1.00 10.93 ? 20  TYR A CD1 1 
ATOM   31   C  CD2 . TYR A 1 5   ? 2.108   15.632  -5.377  1.00 11.75 ? 20  TYR A CD2 1 
ATOM   32   C  CE1 . TYR A 1 5   ? 0.838   13.724  -6.925  1.00 11.66 ? 20  TYR A CE1 1 
ATOM   33   C  CE2 . TYR A 1 5   ? 0.824   15.221  -5.066  1.00 12.40 ? 20  TYR A CE2 1 
ATOM   34   C  CZ  . TYR A 1 5   ? 0.211   14.275  -5.846  1.00 12.00 ? 20  TYR A CZ  1 
ATOM   35   O  OH  . TYR A 1 5   ? -1.066  13.897  -5.577  1.00 13.48 ? 20  TYR A OH  1 
ATOM   36   N  N   . THR A 1 6   ? 5.832   15.390  -4.059  1.00 10.51 ? 21  THR A N   1 
ATOM   37   C  CA  . THR A 1 6   ? 5.821   15.423  -2.561  1.00 9.87  ? 21  THR A CA  1 
ATOM   38   C  C   . THR A 1 6   ? 4.370   15.674  -2.093  1.00 7.82  ? 21  THR A C   1 
ATOM   39   O  O   . THR A 1 6   ? 3.723   16.730  -2.399  1.00 9.93  ? 21  THR A O   1 
ATOM   40   C  CB  . THR A 1 6   ? 6.751   16.579  -2.071  1.00 10.67 ? 21  THR A CB  1 
ATOM   41   O  OG1 . THR A 1 6   ? 8.063   16.274  -2.538  1.00 14.42 ? 21  THR A OG1 1 
ATOM   42   C  CG2 . THR A 1 6   ? 6.736   16.717  -0.535  1.00 9.88  ? 21  THR A CG2 1 
ATOM   43   N  N   . CYS A 1 7   ? 3.823   14.710  -1.380  1.00 8.15  ? 22  CYS A N   1 
ATOM   44   C  CA  . CYS A 1 7   ? 2.424   14.848  -0.956  1.00 8.84  ? 22  CYS A CA  1 
ATOM   45   C  C   . CYS A 1 7   ? 2.065   16.106  -0.159  1.00 9.36  ? 22  CYS A C   1 
ATOM   46   O  O   . CYS A 1 7   ? 1.059   16.743  -0.383  1.00 8.96  ? 22  CYS A O   1 
ATOM   47   C  CB  . CYS A 1 7   ? 2.008   13.657  -0.094  1.00 9.24  ? 22  CYS A CB  1 
ATOM   48   S  SG  . CYS A 1 7   ? 2.362   12.007  -0.740  1.00 10.16 ? 22  CYS A SG  1 
ATOM   49   N  N   . GLY A 1 8   ? 2.906   16.396  0.824   1.00 10.61 ? 23  GLY A N   1 
ATOM   50   C  CA  . GLY A 1 8   ? 2.717   17.515  1.739   1.00 11.07 ? 23  GLY A CA  1 
ATOM   51   C  C   . GLY A 1 8   ? 2.507   16.829  3.087   1.00 10.24 ? 23  GLY A C   1 
ATOM   52   O  O   . GLY A 1 8   ? 1.832   15.779  3.162   1.00 10.24 ? 23  GLY A O   1 
ATOM   53   N  N   . ALA A 1 9   ? 3.079   17.364  4.160   1.00 11.03 ? 24  ALA A N   1 
ATOM   54   C  CA  . ALA A 1 9   ? 2.913   16.707  5.450   1.00 10.64 ? 24  ALA A CA  1 
ATOM   55   C  C   . ALA A 1 9   ? 1.463   16.465  5.938   1.00 11.12 ? 24  ALA A C   1 
ATOM   56   O  O   . ALA A 1 9   ? 0.604   17.363  6.018   1.00 11.25 ? 24  ALA A O   1 
ATOM   57   C  CB  . ALA A 1 9   ? 3.690   17.447  6.479   1.00 11.07 ? 24  ALA A CB  1 
ATOM   58   N  N   . ASN A 1 10  ? 1.233   15.189  6.263   1.00 11.54 ? 25  ASN A N   1 
ATOM   59   C  CA  . ASN A 1 10  ? -0.017  14.660  6.778   1.00 11.27 ? 25  ASN A CA  1 
ATOM   60   C  C   . ASN A 1 10  ? -1.196  14.850  5.862   1.00 11.67 ? 25  ASN A C   1 
ATOM   61   O  O   . ASN A 1 10  ? -2.356  14.879  6.352   1.00 11.69 ? 25  ASN A O   1 
ATOM   62   C  CB  . ASN A 1 10  ? -0.307  15.226  8.175   1.00 13.85 ? 25  ASN A CB  1 
ATOM   63   C  CG  . ASN A 1 10  ? 0.928   15.103  9.129   1.00 16.01 ? 25  ASN A CG  1 
ATOM   64   O  OD1 . ASN A 1 10  ? 1.419   13.970  9.448   1.00 18.45 ? 25  ASN A OD1 1 
ATOM   65   N  ND2 . ASN A 1 10  ? 1.432   16.224  9.558   1.00 15.39 ? 25  ASN A ND2 1 
ATOM   66   N  N   . THR A 1 11  ? -0.936  14.935  4.536   1.00 9.62  ? 26  THR A N   1 
ATOM   67   C  CA  . THR A 1 11  ? -2.086  15.066  3.611   1.00 9.70  ? 26  THR A CA  1 
ATOM   68   C  C   . THR A 1 11  ? -2.660  13.711  3.241   1.00 9.71  ? 26  THR A C   1 
ATOM   69   O  O   . THR A 1 11  ? -3.705  13.638  2.617   1.00 11.57 ? 26  THR A O   1 
ATOM   70   C  CB  . THR A 1 11  ? -1.751  15.845  2.312   1.00 9.56  ? 26  THR A CB  1 
ATOM   71   O  OG1 . THR A 1 11  ? -0.709  15.136  1.641   1.00 12.37 ? 26  THR A OG1 1 
ATOM   72   C  CG2 . THR A 1 11  ? -1.252  17.246  2.593   1.00 9.88  ? 26  THR A CG2 1 
ATOM   73   N  N   . VAL A 1 12  ? -1.966  12.607  3.602   1.00 10.11 ? 27  VAL A N   1 
ATOM   74   C  CA  . VAL A 1 12  ? -2.410  11.191  3.352   1.00 8.96  ? 27  VAL A CA  1 
ATOM   75   C  C   . VAL A 1 12  ? -2.438  10.597  4.787   1.00 9.35  ? 27  VAL A C   1 
ATOM   76   O  O   . VAL A 1 12  ? -1.599  9.760   5.144   1.00 9.38  ? 27  VAL A O   1 
ATOM   77   C  CB  . VAL A 1 12  ? -1.376  10.420  2.471   1.00 7.16  ? 27  VAL A CB  1 
ATOM   78   C  CG1 . VAL A 1 12  ? -2.029  9.159   1.968   1.00 7.02  ? 27  VAL A CG1 1 
ATOM   79   C  CG2 . VAL A 1 12  ? -0.912  11.268  1.319   1.00 8.79  ? 27  VAL A CG2 1 
ATOM   80   N  N   . PRO A 1 13  ? -3.469  10.945  5.574   1.00 10.82 ? 28  PRO A N   1 
ATOM   81   C  CA  . PRO A 1 13  ? -3.554  10.510  6.973   1.00 10.48 ? 28  PRO A CA  1 
ATOM   82   C  C   . PRO A 1 13  ? -3.628  9.054   7.342   1.00 10.28 ? 28  PRO A C   1 
ATOM   83   O  O   . PRO A 1 13  ? -3.382  8.732   8.520   1.00 9.49  ? 28  PRO A O   1 
ATOM   84   C  CB  . PRO A 1 13  ? -4.781  11.306  7.520   1.00 10.95 ? 28  PRO A CB  1 
ATOM   85   C  CG  . PRO A 1 13  ? -5.630  11.532  6.416   1.00 10.67 ? 28  PRO A CG  1 
ATOM   86   C  CD  . PRO A 1 13  ? -4.739  11.626  5.176   1.00 11.95 ? 28  PRO A CD  1 
ATOM   87   N  N   . TYR A 1 14  ? -3.989  8.188   6.386   1.00 8.72  ? 29  TYR A N   1 
ATOM   88   C  CA  . TYR A 1 14  ? -4.127  6.764   6.636   1.00 8.52  ? 29  TYR A CA  1 
ATOM   89   C  C   . TYR A 1 14  ? -2.841  6.037   6.257   1.00 7.28  ? 29  TYR A C   1 
ATOM   90   O  O   . TYR A 1 14  ? -2.747  4.823   6.420   1.00 8.75  ? 29  TYR A O   1 
ATOM   91   C  CB  . TYR A 1 14  ? -5.309  6.201   5.800   1.00 10.18 ? 29  TYR A CB  1 
ATOM   92   C  CG  . TYR A 1 14  ? -5.259  6.634   4.349   1.00 9.53  ? 29  TYR A CG  1 
ATOM   93   C  CD1 . TYR A 1 14  ? -4.376  6.030   3.442   1.00 10.52 ? 29  TYR A CD1 1 
ATOM   94   C  CD2 . TYR A 1 14  ? -6.004  7.729   3.911   1.00 10.67 ? 29  TYR A CD2 1 
ATOM   95   C  CE1 . TYR A 1 14  ? -4.196  6.499   2.130   1.00 9.00  ? 29  TYR A CE1 1 
ATOM   96   C  CE2 . TYR A 1 14  ? -5.855  8.229   2.586   1.00 10.88 ? 29  TYR A CE2 1 
ATOM   97   C  CZ  . TYR A 1 14  ? -4.953  7.622   1.692   1.00 10.51 ? 29  TYR A CZ  1 
ATOM   98   O  OH  . TYR A 1 14  ? -4.894  8.083   0.374   1.00 7.61  ? 29  TYR A OH  1 
ATOM   99   N  N   . GLN A 1 15  ? -1.850  6.759   5.785   1.00 6.58  ? 30  GLN A N   1 
ATOM   100  C  CA  . GLN A 1 15  ? -0.613  6.122   5.386   1.00 6.40  ? 30  GLN A CA  1 
ATOM   101  C  C   . GLN A 1 15  ? 0.240   5.774   6.601   1.00 7.73  ? 30  GLN A C   1 
ATOM   102  O  O   . GLN A 1 15  ? 0.482   6.630   7.478   1.00 6.98  ? 30  GLN A O   1 
ATOM   103  C  CB  . GLN A 1 15  ? 0.187   7.059   4.451   1.00 6.17  ? 30  GLN A CB  1 
ATOM   104  C  CG  . GLN A 1 15  ? 1.624   6.556   4.212   1.00 7.64  ? 30  GLN A CG  1 
ATOM   105  C  CD  . GLN A 1 15  ? 1.760   5.523   3.090   1.00 9.75  ? 30  GLN A CD  1 
ATOM   106  O  OE1 . GLN A 1 15  ? 2.427   4.464   3.227   1.00 11.70 ? 30  GLN A OE1 1 
ATOM   107  N  NE2 . GLN A 1 15  ? 1.164   5.820   1.995   1.00 10.21 ? 30  GLN A NE2 1 
ATOM   108  N  N   . VAL A 1 16  ? 0.718   4.539   6.671   1.00 7.81  ? 31  VAL A N   1 
ATOM   109  C  CA  . VAL A 1 16  ? 1.608   4.170   7.796   1.00 8.15  ? 31  VAL A CA  1 
ATOM   110  C  C   . VAL A 1 16  ? 2.941   3.669   7.305   1.00 8.02  ? 31  VAL A C   1 
ATOM   111  O  O   . VAL A 1 16  ? 3.041   3.237   6.143   1.00 7.02  ? 31  VAL A O   1 
ATOM   112  C  CB  . VAL A 1 16  ? 0.939   3.074   8.792   1.00 11.65 ? 31  VAL A CB  1 
ATOM   113  C  CG1 . VAL A 1 16  ? -0.585  3.109   8.667   1.00 13.93 ? 31  VAL A CG1 1 
ATOM   114  C  CG2 . VAL A 1 16  ? 1.471   1.659   8.618   1.00 10.66 ? 31  VAL A CG2 1 
ATOM   115  N  N   . SER A 1 17  ? 3.958   3.721   8.164   1.00 6.62  ? 32  SER A N   1 
ATOM   116  C  CA  . SER A 1 17  ? 5.270   3.165   7.815   1.00 7.08  ? 32  SER A CA  1 
ATOM   117  C  C   . SER A 1 17  ? 5.421   1.962   8.756   1.00 8.55  ? 32  SER A C   1 
ATOM   118  O  O   . SER A 1 17  ? 5.081   2.087   9.952   1.00 10.25 ? 32  SER A O   1 
ATOM   119  C  CB  . SER A 1 17  ? 6.381   4.164   8.073   1.00 5.14  ? 32  SER A CB  1 
ATOM   120  O  OG  . SER A 1 17  ? 7.645   3.511   8.135   1.00 7.11  ? 32  SER A OG  1 
ATOM   121  N  N   . LEU A 1 18  ? 5.880   0.812   8.254   1.00 7.77  ? 33  LEU A N   1 
ATOM   122  C  CA  . LEU A 1 18  ? 6.109   -0.377  9.056   1.00 8.53  ? 33  LEU A CA  1 
ATOM   123  C  C   . LEU A 1 18  ? 7.626   -0.267  9.309   1.00 8.78  ? 33  LEU A C   1 
ATOM   124  O  O   . LEU A 1 18  ? 8.398   -0.191  8.353   1.00 8.68  ? 33  LEU A O   1 
ATOM   125  C  CB  . LEU A 1 18  ? 5.812   -1.656  8.280   1.00 7.27  ? 33  LEU A CB  1 
ATOM   126  C  CG  . LEU A 1 18  ? 4.342   -1.846  7.869   1.00 9.08  ? 33  LEU A CG  1 
ATOM   127  C  CD1 . LEU A 1 18  ? 4.051   -3.319  7.579   1.00 10.58 ? 33  LEU A CD1 1 
ATOM   128  C  CD2 . LEU A 1 18  ? 3.434   -1.313  8.947   1.00 8.37  ? 33  LEU A CD2 1 
ATOM   129  N  N   . ASN A 1 19  ? 8.006   -0.228  10.594  1.00 7.81  ? 34  ASN A N   1 
ATOM   130  C  CA  . ASN A 1 19  ? 9.378   -0.055  11.014  1.00 8.19  ? 34  ASN A CA  1 
ATOM   131  C  C   . ASN A 1 19  ? 9.903   -1.273  11.804  1.00 9.18  ? 34  ASN A C   1 
ATOM   132  O  O   . ASN A 1 19  ? 9.260   -1.802  12.709  1.00 8.31  ? 34  ASN A O   1 
ATOM   133  C  CB  . ASN A 1 19  ? 9.472   1.258   11.842  1.00 8.05  ? 34  ASN A CB  1 
ATOM   134  C  CG  . ASN A 1 19  ? 10.914  1.661   12.203  1.00 9.13  ? 34  ASN A CG  1 
ATOM   135  O  OD1 . ASN A 1 19  ? 11.452  2.671   11.665  1.00 11.64 ? 34  ASN A OD1 1 
ATOM   136  N  ND2 . ASN A 1 19  ? 11.559  0.887   13.093  1.00 5.85  ? 34  ASN A ND2 1 
ATOM   137  N  N   . SER A 1 20  ? 11.080  -1.746  11.435  1.00 9.65  ? 37  SER A N   1 
ATOM   138  C  CA  . SER A 1 20  ? 11.656  -2.786  12.222  1.00 10.91 ? 37  SER A CA  1 
ATOM   139  C  C   . SER A 1 20  ? 13.073  -2.298  12.492  1.00 11.02 ? 37  SER A C   1 
ATOM   140  O  O   . SER A 1 20  ? 14.021  -3.070  12.354  1.00 12.79 ? 37  SER A O   1 
ATOM   141  C  CB  . SER A 1 20  ? 11.608  -4.122  11.460  1.00 12.66 ? 37  SER A CB  1 
ATOM   142  O  OG  . SER A 1 20  ? 12.269  -4.045  10.197  1.00 16.68 ? 37  SER A OG  1 
ATOM   143  N  N   . GLY A 1 21  ? 13.233  -1.040  12.895  1.00 9.30  ? 38  GLY A N   1 
ATOM   144  C  CA  . GLY A 1 21  ? 14.583  -0.503  13.074  1.00 9.92  ? 38  GLY A CA  1 
ATOM   145  C  C   . GLY A 1 21  ? 14.900  0.493   11.962  1.00 10.18 ? 38  GLY A C   1 
ATOM   146  O  O   . GLY A 1 21  ? 15.829  1.347   12.018  1.00 10.71 ? 38  GLY A O   1 
ATOM   147  N  N   . TYR A 1 22  ? 14.104  0.347   10.907  1.00 9.37  ? 39  TYR A N   1 
ATOM   148  C  CA  . TYR A 1 22  ? 14.186  1.192   9.722   1.00 9.78  ? 39  TYR A CA  1 
ATOM   149  C  C   . TYR A 1 22  ? 12.822  0.988   8.992   1.00 9.51  ? 39  TYR A C   1 
ATOM   150  O  O   . TYR A 1 22  ? 12.135  -0.007  9.240   1.00 8.30  ? 39  TYR A O   1 
ATOM   151  C  CB  . TYR A 1 22  ? 15.315  0.720   8.793   1.00 10.53 ? 39  TYR A CB  1 
ATOM   152  C  CG  . TYR A 1 22  ? 15.302  -0.784  8.562   1.00 11.52 ? 39  TYR A CG  1 
ATOM   153  C  CD1 . TYR A 1 22  ? 14.538  -1.385  7.503   1.00 13.22 ? 39  TYR A CD1 1 
ATOM   154  C  CD2 . TYR A 1 22  ? 15.979  -1.619  9.456   1.00 12.41 ? 39  TYR A CD2 1 
ATOM   155  C  CE1 . TYR A 1 22  ? 14.456  -2.764  7.405   1.00 13.00 ? 39  TYR A CE1 1 
ATOM   156  C  CE2 . TYR A 1 22  ? 15.903  -2.945  9.372   1.00 13.48 ? 39  TYR A CE2 1 
ATOM   157  C  CZ  . TYR A 1 22  ? 15.136  -3.520  8.365   1.00 15.62 ? 39  TYR A CZ  1 
ATOM   158  O  OH  . TYR A 1 22  ? 15.060  -4.893  8.469   1.00 20.69 ? 39  TYR A OH  1 
ATOM   159  N  N   . HIS A 1 23  ? 12.446  1.922   8.098   1.00 9.75  ? 40  HIS A N   1 
ATOM   160  C  CA  . HIS A 1 23  ? 11.204  1.780   7.313   1.00 9.08  ? 40  HIS A CA  1 
ATOM   161  C  C   . HIS A 1 23  ? 11.411  0.647   6.339   1.00 9.79  ? 40  HIS A C   1 
ATOM   162  O  O   . HIS A 1 23  ? 12.424  0.662   5.636   1.00 11.12 ? 40  HIS A O   1 
ATOM   163  C  CB  . HIS A 1 23  ? 10.938  3.064   6.494   1.00 9.41  ? 40  HIS A CB  1 
ATOM   164  C  CG  . HIS A 1 23  ? 9.878   2.882   5.429   1.00 9.43  ? 40  HIS A CG  1 
ATOM   165  N  ND1 . HIS A 1 23  ? 8.527   2.965   5.692   1.00 10.52 ? 40  HIS A ND1 1 
ATOM   166  C  CD2 . HIS A 1 23  ? 9.976   2.571   4.115   1.00 9.86  ? 40  HIS A CD2 1 
ATOM   167  C  CE1 . HIS A 1 23  ? 7.847   2.718   4.597   1.00 10.09 ? 40  HIS A CE1 1 
ATOM   168  N  NE2 . HIS A 1 23  ? 8.697   2.472   3.625   1.00 8.99  ? 40  HIS A NE2 1 
ATOM   169  N  N   . PHE A 1 24  ? 10.496  -0.324  6.271   1.00 8.66  ? 41  PHE A N   1 
ATOM   170  C  CA  . PHE A 1 24  ? 10.618  -1.414  5.327   1.00 8.70  ? 41  PHE A CA  1 
ATOM   171  C  C   . PHE A 1 24  ? 9.355   -1.657  4.416   1.00 10.18 ? 41  PHE A C   1 
ATOM   172  O  O   . PHE A 1 24  ? 9.454   -2.328  3.414   1.00 9.27  ? 41  PHE A O   1 
ATOM   173  C  CB  . PHE A 1 24  ? 11.070  -2.697  6.040   1.00 10.27 ? 41  PHE A CB  1 
ATOM   174  C  CG  . PHE A 1 24  ? 9.994   -3.378  6.859   1.00 9.93  ? 41  PHE A CG  1 
ATOM   175  C  CD1 . PHE A 1 24  ? 9.820   -3.066  8.199   1.00 9.38  ? 41  PHE A CD1 1 
ATOM   176  C  CD2 . PHE A 1 24  ? 9.107   -4.316  6.260   1.00 9.68  ? 41  PHE A CD2 1 
ATOM   177  C  CE1 . PHE A 1 24  ? 8.788   -3.644  8.939   1.00 9.91  ? 41  PHE A CE1 1 
ATOM   178  C  CE2 . PHE A 1 24  ? 8.058   -4.896  7.001   1.00 7.99  ? 41  PHE A CE2 1 
ATOM   179  C  CZ  . PHE A 1 24  ? 7.905   -4.553  8.326   1.00 9.88  ? 41  PHE A CZ  1 
ATOM   180  N  N   . CYS A 1 25  ? 8.197   -1.070  4.712   1.00 8.40  ? 42  CYS A N   1 
ATOM   181  C  CA  . CYS A 1 25  ? 7.015   -1.279  3.901   1.00 8.62  ? 42  CYS A CA  1 
ATOM   182  C  C   . CYS A 1 25  ? 6.003   -0.236  4.349   1.00 7.85  ? 42  CYS A C   1 
ATOM   183  O  O   . CYS A 1 25  ? 6.176   0.352   5.397   1.00 8.70  ? 42  CYS A O   1 
ATOM   184  C  CB  . CYS A 1 25  ? 6.442   -2.661  4.193   1.00 6.91  ? 42  CYS A CB  1 
ATOM   185  S  SG  . CYS A 1 25  ? 7.014   -3.930  3.084   1.00 7.81  ? 42  CYS A SG  1 
ATOM   186  N  N   . GLY A 1 26  ? 4.984   -0.004  3.540   1.00 7.49  ? 43  GLY A N   1 
ATOM   187  C  CA  . GLY A 1 26  ? 3.924   0.914   3.877   1.00 6.02  ? 43  GLY A CA  1 
ATOM   188  C  C   . GLY A 1 26  ? 2.741   0.095   4.352   1.00 6.30  ? 43  GLY A C   1 
ATOM   189  O  O   . GLY A 1 26  ? 2.786   -1.151  4.420   1.00 7.74  ? 43  GLY A O   1 
ATOM   190  N  N   . GLY A 1 27  ? 1.652   0.791   4.655   1.00 5.99  ? 44  GLY A N   1 
ATOM   191  C  CA  . GLY A 1 27  ? 0.470   0.117   5.104   1.00 4.76  ? 44  GLY A CA  1 
ATOM   192  C  C   . GLY A 1 27  ? -0.585  1.181   5.214   1.00 4.73  ? 44  GLY A C   1 
ATOM   193  O  O   . GLY A 1 27  ? -0.283  2.356   5.061   1.00 5.47  ? 44  GLY A O   1 
ATOM   194  N  N   . SER A 1 28  ? -1.811  0.771   5.511   1.00 6.39  ? 45  SER A N   1 
ATOM   195  C  CA  . SER A 1 28  ? -2.977  1.712   5.573   1.00 8.09  ? 45  SER A CA  1 
ATOM   196  C  C   . SER A 1 28  ? -3.768  1.460   6.838   1.00 8.88  ? 45  SER A C   1 
ATOM   197  O  O   . SER A 1 28  ? -4.059  0.285   7.172   1.00 10.17 ? 45  SER A O   1 
ATOM   198  C  CB  . SER A 1 28  ? -3.984  1.513   4.396   1.00 7.73  ? 45  SER A CB  1 
ATOM   199  O  OG  . SER A 1 28  ? -3.364  1.581   3.136   1.00 12.01 ? 45  SER A OG  1 
ATOM   200  N  N   . LEU A 1 29  ? -4.150  2.547   7.495   1.00 8.56  ? 46  LEU A N   1 
ATOM   201  C  CA  . LEU A 1 29  ? -4.920  2.440   8.727   1.00 9.00  ? 46  LEU A CA  1 
ATOM   202  C  C   . LEU A 1 29  ? -6.371  2.255   8.378   1.00 8.52  ? 46  LEU A C   1 
ATOM   203  O  O   . LEU A 1 29  ? -6.914  3.123   7.738   1.00 8.80  ? 46  LEU A O   1 
ATOM   204  C  CB  . LEU A 1 29  ? -4.720  3.704   9.551   1.00 9.65  ? 46  LEU A CB  1 
ATOM   205  C  CG  . LEU A 1 29  ? -5.267  3.569   10.989  1.00 10.70 ? 46  LEU A CG  1 
ATOM   206  C  CD1 . LEU A 1 29  ? -4.437  2.632   11.834  1.00 10.37 ? 46  LEU A CD1 1 
ATOM   207  C  CD2 . LEU A 1 29  ? -5.279  4.915   11.647  1.00 13.15 ? 46  LEU A CD2 1 
ATOM   208  N  N   . ILE A 1 30  ? -6.989  1.136   8.781   1.00 9.97  ? 47  ILE A N   1 
ATOM   209  C  CA  . ILE A 1 30  ? -8.417  0.888   8.468   1.00 11.74 ? 47  ILE A CA  1 
ATOM   210  C  C   . ILE A 1 30  ? -9.414  1.090   9.612   1.00 12.89 ? 47  ILE A C   1 
ATOM   211  O  O   . ILE A 1 30  ? -10.633 1.090   9.392   1.00 12.73 ? 47  ILE A O   1 
ATOM   212  C  CB  . ILE A 1 30  ? -8.685  -0.481  7.755   1.00 12.47 ? 47  ILE A CB  1 
ATOM   213  C  CG1 . ILE A 1 30  ? -8.200  -1.658  8.607   1.00 12.25 ? 47  ILE A CG1 1 
ATOM   214  C  CG2 . ILE A 1 30  ? -8.126  -0.398  6.323   1.00 12.36 ? 47  ILE A CG2 1 
ATOM   215  C  CD1 . ILE A 1 30  ? -8.630  -3.048  8.059   1.00 12.41 ? 47  ILE A CD1 1 
ATOM   216  N  N   . ASN A 1 31  ? -8.900  1.208   10.839  1.00 13.67 ? 48  ASN A N   1 
ATOM   217  C  CA  . ASN A 1 31  ? -9.719  1.594   12.025  1.00 14.04 ? 48  ASN A CA  1 
ATOM   218  C  C   . ASN A 1 31  ? -8.713  1.922   13.063  1.00 14.32 ? 48  ASN A C   1 
ATOM   219  O  O   . ASN A 1 31  ? -7.534  1.850   12.744  1.00 15.23 ? 48  ASN A O   1 
ATOM   220  C  CB  . ASN A 1 31  ? -10.815 0.579   12.501  1.00 14.51 ? 48  ASN A CB  1 
ATOM   221  C  CG  . ASN A 1 31  ? -10.295 -0.754  12.946  1.00 15.11 ? 48  ASN A CG  1 
ATOM   222  O  OD1 . ASN A 1 31  ? -9.247  -0.888  13.538  1.00 15.10 ? 48  ASN A OD1 1 
ATOM   223  N  ND2 . ASN A 1 31  ? -11.081 -1.774  12.650  1.00 17.77 ? 48  ASN A ND2 1 
ATOM   224  N  N   . SER A 1 32  ? -9.107  2.282   14.285  1.00 14.29 ? 49  SER A N   1 
ATOM   225  C  CA  . SER A 1 32  ? -8.113  2.691   15.285  1.00 14.23 ? 49  SER A CA  1 
ATOM   226  C  C   . SER A 1 32  ? -7.111  1.597   15.764  1.00 13.82 ? 49  SER A C   1 
ATOM   227  O  O   . SER A 1 32  ? -6.033  1.895   16.279  1.00 16.04 ? 49  SER A O   1 
ATOM   228  C  CB  . SER A 1 32  ? -8.826  3.345   16.468  1.00 15.02 ? 49  SER A CB  1 
ATOM   229  O  OG  . SER A 1 32  ? -9.483  2.353   17.167  1.00 15.78 ? 49  SER A OG  1 
ATOM   230  N  N   . GLN A 1 33  ? -7.393  0.342   15.496  1.00 12.42 ? 50  GLN A N   1 
ATOM   231  C  CA  . GLN A 1 33  ? -6.509  -0.706  15.966  1.00 12.70 ? 50  GLN A CA  1 
ATOM   232  C  C   . GLN A 1 33  ? -5.959  -1.689  14.915  1.00 10.84 ? 50  GLN A C   1 
ATOM   233  O  O   . GLN A 1 33  ? -5.274  -2.642  15.283  1.00 11.34 ? 50  GLN A O   1 
ATOM   234  C  CB  . GLN A 1 33  ? -7.285  -1.532  16.956  1.00 16.81 ? 50  GLN A CB  1 
ATOM   235  C  CG  . GLN A 1 33  ? -7.495  -0.944  18.305  1.00 23.17 ? 50  GLN A CG  1 
ATOM   236  C  CD  . GLN A 1 33  ? -7.587  -2.080  19.279  1.00 25.79 ? 50  GLN A CD  1 
ATOM   237  O  OE1 . GLN A 1 33  ? -8.690  -2.697  19.404  1.00 28.33 ? 50  GLN A OE1 1 
ATOM   238  N  NE2 . GLN A 1 33  ? -6.411  -2.442  19.924  1.00 24.43 ? 50  GLN A NE2 1 
ATOM   239  N  N   . TRP A 1 34  ? -6.276  -1.486  13.629  1.00 9.38  ? 51  TRP A N   1 
ATOM   240  C  CA  . TRP A 1 34  ? -5.855  -2.407  12.572  1.00 8.13  ? 51  TRP A CA  1 
ATOM   241  C  C   . TRP A 1 34  ? -5.239  -1.709  11.338  1.00 7.66  ? 51  TRP A C   1 
ATOM   242  O  O   . TRP A 1 34  ? -5.723  -0.694  10.884  1.00 8.56  ? 51  TRP A O   1 
ATOM   243  C  CB  . TRP A 1 34  ? -7.040  -3.195  12.100  1.00 7.04  ? 51  TRP A CB  1 
ATOM   244  C  CG  . TRP A 1 34  ? -7.539  -4.204  13.098  1.00 9.50  ? 51  TRP A CG  1 
ATOM   245  C  CD1 . TRP A 1 34  ? -8.543  -4.023  14.033  1.00 10.95 ? 51  TRP A CD1 1 
ATOM   246  C  CD2 . TRP A 1 34  ? -7.092  -5.566  13.236  1.00 10.43 ? 51  TRP A CD2 1 
ATOM   247  N  NE1 . TRP A 1 34  ? -8.735  -5.201  14.737  1.00 10.36 ? 51  TRP A NE1 1 
ATOM   248  C  CE2 . TRP A 1 34  ? -7.866  -6.165  14.273  1.00 10.79 ? 51  TRP A CE2 1 
ATOM   249  C  CE3 . TRP A 1 34  ? -6.107  -6.351  12.580  1.00 9.43  ? 51  TRP A CE3 1 
ATOM   250  C  CZ2 . TRP A 1 34  ? -7.679  -7.531  14.678  1.00 9.26  ? 51  TRP A CZ2 1 
ATOM   251  C  CZ3 . TRP A 1 34  ? -5.929  -7.673  12.963  1.00 10.51 ? 51  TRP A CZ3 1 
ATOM   252  C  CH2 . TRP A 1 34  ? -6.717  -8.258  14.021  1.00 10.69 ? 51  TRP A CH2 1 
ATOM   253  N  N   . VAL A 1 35  ? -4.209  -2.324  10.797  1.00 8.24  ? 52  VAL A N   1 
ATOM   254  C  CA  . VAL A 1 35  ? -3.508  -1.865  9.636   1.00 8.68  ? 52  VAL A CA  1 
ATOM   255  C  C   . VAL A 1 35  ? -3.540  -2.959  8.575   1.00 8.52  ? 52  VAL A C   1 
ATOM   256  O  O   . VAL A 1 35  ? -3.456  -4.159  8.929   1.00 7.20  ? 52  VAL A O   1 
ATOM   257  C  CB  . VAL A 1 35  ? -2.095  -1.630  10.012  1.00 8.89  ? 52  VAL A CB  1 
ATOM   258  C  CG1 . VAL A 1 35  ? -1.180  -1.599  8.757   1.00 8.72  ? 52  VAL A CG1 1 
ATOM   259  C  CG2 . VAL A 1 35  ? -2.022  -0.318  10.861  1.00 9.94  ? 52  VAL A CG2 1 
ATOM   260  N  N   . VAL A 1 36  ? -3.724  -2.571  7.283   1.00 8.79  ? 53  VAL A N   1 
ATOM   261  C  CA  . VAL A 1 36  ? -3.659  -3.607  6.182   1.00 9.30  ? 53  VAL A CA  1 
ATOM   262  C  C   . VAL A 1 36  ? -2.346  -3.346  5.418   1.00 7.85  ? 53  VAL A C   1 
ATOM   263  O  O   . VAL A 1 36  ? -1.959  -2.198  5.244   1.00 8.47  ? 53  VAL A O   1 
ATOM   264  C  CB  . VAL A 1 36  ? -4.817  -3.533  5.177   1.00 9.55  ? 53  VAL A CB  1 
ATOM   265  C  CG1 . VAL A 1 36  ? -4.949  -4.830  4.460   1.00 12.56 ? 53  VAL A CG1 1 
ATOM   266  C  CG2 . VAL A 1 36  ? -6.077  -3.331  5.888   1.00 16.86 ? 53  VAL A CG2 1 
ATOM   267  N  N   . SER A 1 37  ? -1.602  -4.392  5.066   1.00 7.20  ? 54  SER A N   1 
ATOM   268  C  CA  . SER A 1 37  ? -0.367  -4.199  4.277   1.00 6.98  ? 54  SER A CA  1 
ATOM   269  C  C   . SER A 1 37  ? -0.294  -5.411  3.287   1.00 6.46  ? 54  SER A C   1 
ATOM   270  O  O   . SER A 1 37  ? -1.286  -6.131  3.100   1.00 7.08  ? 54  SER A O   1 
ATOM   271  C  CB  . SER A 1 37  ? 0.860   -4.195  5.210   1.00 5.64  ? 54  SER A CB  1 
ATOM   272  O  OG  . SER A 1 37  ? 2.087   -3.819  4.534   1.00 6.37  ? 54  SER A OG  1 
ATOM   273  N  N   . ALA A 1 38  ? 0.883   -5.670  2.735   1.00 6.33  ? 55  ALA A N   1 
ATOM   274  C  CA  . ALA A 1 38  ? 1.104   -6.760  1.800   1.00 5.48  ? 55  ALA A CA  1 
ATOM   275  C  C   . ALA A 1 38  ? 1.653   -7.909  2.630   1.00 6.46  ? 55  ALA A C   1 
ATOM   276  O  O   . ALA A 1 38  ? 2.399   -7.686  3.533   1.00 6.78  ? 55  ALA A O   1 
ATOM   277  C  CB  . ALA A 1 38  ? 2.137   -6.313  0.686   1.00 4.83  ? 55  ALA A CB  1 
ATOM   278  N  N   . ALA A 1 39  ? 1.190   -9.122  2.377   1.00 6.16  ? 56  ALA A N   1 
ATOM   279  C  CA  . ALA A 1 39  ? 1.719   -10.283 3.060   1.00 7.09  ? 56  ALA A CA  1 
ATOM   280  C  C   . ALA A 1 39  ? 3.237   -10.408 2.779   1.00 6.89  ? 56  ALA A C   1 
ATOM   281  O  O   . ALA A 1 39  ? 3.948   -10.909 3.625   1.00 7.31  ? 56  ALA A O   1 
ATOM   282  C  CB  . ALA A 1 39  ? 1.044   -11.568 2.608   1.00 5.92  ? 56  ALA A CB  1 
ATOM   283  N  N   . HIS A 1 40  ? 3.745   -9.994  1.626   1.00 6.28  ? 57  HIS A N   1 
ATOM   284  C  CA  . HIS A 1 40  ? 5.177   -10.072 1.415   1.00 6.71  ? 57  HIS A CA  1 
ATOM   285  C  C   . HIS A 1 40  ? 5.987   -9.092  2.308   1.00 7.53  ? 57  HIS A C   1 
ATOM   286  O  O   . HIS A 1 40  ? 7.205   -9.104  2.347   1.00 8.66  ? 57  HIS A O   1 
ATOM   287  C  CB  . HIS A 1 40  ? 5.497   -9.943  -0.100  1.00 8.68  ? 57  HIS A CB  1 
ATOM   288  C  CG  . HIS A 1 40  ? 5.557   -8.530  -0.644  1.00 8.88  ? 57  HIS A CG  1 
ATOM   289  N  ND1 . HIS A 1 40  ? 4.516   -7.947  -1.333  1.00 8.92  ? 57  HIS A ND1 1 
ATOM   290  C  CD2 . HIS A 1 40  ? 6.588   -7.647  -0.732  1.00 10.75 ? 57  HIS A CD2 1 
ATOM   291  C  CE1 . HIS A 1 40  ? 4.888   -6.774  -1.820  1.00 8.89  ? 57  HIS A CE1 1 
ATOM   292  N  NE2 . HIS A 1 40  ? 6.143   -6.567  -1.472  1.00 11.83 ? 57  HIS A NE2 1 
ATOM   293  N  N   . CYS A 1 41  ? 5.311   -8.268  3.047   1.00 6.84  ? 58  CYS A N   1 
ATOM   294  C  CA  . CYS A 1 41  ? 5.927   -7.370  3.978   1.00 7.26  ? 58  CYS A CA  1 
ATOM   295  C  C   . CYS A 1 41  ? 6.038   -8.033  5.380   1.00 9.53  ? 58  CYS A C   1 
ATOM   296  O  O   . CYS A 1 41  ? 6.603   -7.430  6.280   1.00 11.71 ? 58  CYS A O   1 
ATOM   297  C  CB  . CYS A 1 41  ? 5.036   -6.125  4.104   1.00 7.02  ? 58  CYS A CB  1 
ATOM   298  S  SG  . CYS A 1 41  ? 5.320   -5.019  2.733   1.00 8.33  ? 58  CYS A SG  1 
ATOM   299  N  N   . TYR A 1 42  ? 5.513   -9.249  5.573   1.00 9.72  ? 59  TYR A N   1 
ATOM   300  C  CA  . TYR A 1 42  ? 5.510   -9.875  6.886   1.00 10.55 ? 59  TYR A CA  1 
ATOM   301  C  C   . TYR A 1 42  ? 6.875   -10.066 7.517   1.00 12.57 ? 59  TYR A C   1 
ATOM   302  O  O   . TYR A 1 42  ? 7.860   -10.462 6.856   1.00 12.02 ? 59  TYR A O   1 
ATOM   303  C  CB  . TYR A 1 42  ? 4.790   -11.227 6.851   1.00 11.26 ? 59  TYR A CB  1 
ATOM   304  C  CG  . TYR A 1 42  ? 5.062   -12.095 8.085   1.00 9.51  ? 59  TYR A CG  1 
ATOM   305  C  CD1 . TYR A 1 42  ? 4.303   -11.972 9.245   1.00 13.31 ? 59  TYR A CD1 1 
ATOM   306  C  CD2 . TYR A 1 42  ? 6.175   -12.920 8.113   1.00 11.18 ? 59  TYR A CD2 1 
ATOM   307  C  CE1 . TYR A 1 42  ? 4.689   -12.670 10.433  1.00 14.87 ? 59  TYR A CE1 1 
ATOM   308  C  CE2 . TYR A 1 42  ? 6.568   -13.601 9.246   1.00 14.31 ? 59  TYR A CE2 1 
ATOM   309  C  CZ  . TYR A 1 42  ? 5.825   -13.470 10.397  1.00 15.55 ? 59  TYR A CZ  1 
ATOM   310  O  OH  . TYR A 1 42  ? 6.294   -14.173 11.507  1.00 20.43 ? 59  TYR A OH  1 
ATOM   311  N  N   . LYS A 1 43  ? 6.914   -9.787  8.821   1.00 15.46 ? 60  LYS A N   1 
ATOM   312  C  CA  . LYS A 1 43  ? 8.082   -9.975  9.685   1.00 18.34 ? 60  LYS A CA  1 
ATOM   313  C  C   . LYS A 1 43  ? 7.613   -9.866  11.109  1.00 18.16 ? 60  LYS A C   1 
ATOM   314  O  O   . LYS A 1 43  ? 6.535   -9.357  11.368  1.00 16.48 ? 60  LYS A O   1 
ATOM   315  C  CB  . LYS A 1 43  ? 9.158   -8.934  9.415   1.00 21.22 ? 60  LYS A CB  1 
ATOM   316  C  CG  . LYS A 1 43  ? 8.829   -7.539  9.797   1.00 27.06 ? 60  LYS A CG  1 
ATOM   317  C  CD  . LYS A 1 43  ? 10.106  -6.705  9.601   1.00 29.07 ? 60  LYS A CD  1 
ATOM   318  C  CE  . LYS A 1 43  ? 10.693  -6.945  8.214   1.00 28.88 ? 60  LYS A CE  1 
ATOM   319  N  NZ  . LYS A 1 43  ? 11.989  -6.248  7.999   1.00 29.75 ? 60  LYS A NZ  1 
ATOM   320  N  N   . SER A 1 44  ? 8.410   -10.364 12.060  1.00 21.97 ? 61  SER A N   1 
ATOM   321  C  CA  . SER A 1 44  ? 8.000   -10.250 13.513  1.00 23.46 ? 61  SER A CA  1 
ATOM   322  C  C   . SER A 1 44  ? 8.657   -8.967  14.019  1.00 23.38 ? 61  SER A C   1 
ATOM   323  O  O   . SER A 1 44  ? 9.653   -8.513  13.437  1.00 24.48 ? 61  SER A O   1 
ATOM   324  C  CB  . SER A 1 44  ? 8.512   -11.440 14.327  1.00 24.67 ? 61  SER A CB  1 
ATOM   325  O  OG  . SER A 1 44  ? 9.867   -11.659 13.981  1.00 26.30 ? 61  SER A OG  1 
ATOM   326  N  N   . GLY A 1 45  ? 8.108   -8.336  15.042  1.00 23.28 ? 62  GLY A N   1 
ATOM   327  C  CA  . GLY A 1 45  ? 8.767   -7.124  15.511  1.00 22.37 ? 62  GLY A CA  1 
ATOM   328  C  C   . GLY A 1 45  ? 8.453   -5.879  14.705  1.00 20.40 ? 62  GLY A C   1 
ATOM   329  O  O   . GLY A 1 45  ? 9.267   -4.977  14.493  1.00 21.32 ? 62  GLY A O   1 
ATOM   330  N  N   . ILE A 1 46  ? 7.238   -5.805  14.257  1.00 17.25 ? 63  ILE A N   1 
ATOM   331  C  CA  . ILE A 1 46  ? 6.879   -4.634  13.518  1.00 15.90 ? 63  ILE A CA  1 
ATOM   332  C  C   . ILE A 1 46  ? 6.419   -3.540  14.503  1.00 14.30 ? 63  ILE A C   1 
ATOM   333  O  O   . ILE A 1 46  ? 5.655   -3.809  15.418  1.00 13.81 ? 63  ILE A O   1 
ATOM   334  C  CB  . ILE A 1 46  ? 5.680   -4.956  12.561  1.00 15.61 ? 63  ILE A CB  1 
ATOM   335  C  CG1 . ILE A 1 46  ? 6.109   -5.994  11.526  1.00 17.83 ? 63  ILE A CG1 1 
ATOM   336  C  CG2 . ILE A 1 46  ? 5.124   -3.710  11.936  1.00 15.67 ? 63  ILE A CG2 1 
ATOM   337  C  CD1 . ILE A 1 46  ? 4.959   -6.395  10.547  1.00 16.49 ? 63  ILE A CD1 1 
ATOM   338  N  N   . GLN A 1 47  ? 6.892   -2.317  14.317  1.00 11.56 ? 64  GLN A N   1 
ATOM   339  C  CA  . GLN A 1 47  ? 6.394   -1.201  15.068  1.00 10.80 ? 64  GLN A CA  1 
ATOM   340  C  C   . GLN A 1 47  ? 5.702   -0.404  13.994  1.00 10.42 ? 64  GLN A C   1 
ATOM   341  O  O   . GLN A 1 47  ? 6.286   -0.102  12.968  1.00 11.50 ? 64  GLN A O   1 
ATOM   342  C  CB  . GLN A 1 47  ? 7.491   -0.332  15.677  1.00 10.36 ? 64  GLN A CB  1 
ATOM   343  C  CG  . GLN A 1 47  ? 6.883   0.885   16.324  1.00 11.86 ? 64  GLN A CG  1 
ATOM   344  C  CD  . GLN A 1 47  ? 7.915   1.809   16.917  1.00 13.87 ? 64  GLN A CD  1 
ATOM   345  O  OE1 . GLN A 1 47  ? 7.968   1.973   18.143  1.00 18.50 ? 64  GLN A OE1 1 
ATOM   346  N  NE2 . GLN A 1 47  ? 8.716   2.405   16.113  1.00 12.82 ? 64  GLN A NE2 1 
ATOM   347  N  N   . VAL A 1 48  ? 4.470   -0.016  14.243  1.00 9.63  ? 65  VAL A N   1 
ATOM   348  C  CA  . VAL A 1 48  ? 3.726   0.726   13.249  1.00 10.24 ? 65  VAL A CA  1 
ATOM   349  C  C   . VAL A 1 48  ? 3.910   2.235   13.503  1.00 9.16  ? 65  VAL A C   1 
ATOM   350  O  O   . VAL A 1 48  ? 3.705   2.668   14.606  1.00 8.87  ? 65  VAL A O   1 
ATOM   351  C  CB  . VAL A 1 48  ? 2.262   0.286   13.365  1.00 10.21 ? 65  VAL A CB  1 
ATOM   352  C  CG1 . VAL A 1 48  ? 1.380   1.241   12.644  1.00 14.34 ? 65  VAL A CG1 1 
ATOM   353  C  CG2 . VAL A 1 48  ? 2.096   -1.172  12.837  1.00 11.00 ? 65  VAL A CG2 1 
ATOM   354  N  N   . ARG A 1 49  A 4.294   3.025   12.505  1.00 8.37  ? 65  ARG A N   1 
ATOM   355  C  CA  . ARG A 1 49  A 4.442   4.455   12.740  1.00 7.50  ? 65  ARG A CA  1 
ATOM   356  C  C   . ARG A 1 49  A 3.387   5.203   11.952  1.00 8.70  ? 65  ARG A C   1 
ATOM   357  O  O   . ARG A 1 49  A 3.319   5.106   10.716  1.00 8.30  ? 65  ARG A O   1 
ATOM   358  C  CB  . ARG A 1 49  A 5.839   4.865   12.321  1.00 7.54  ? 65  ARG A CB  1 
ATOM   359  C  CG  . ARG A 1 49  A 6.853   4.003   13.031  1.00 8.05  ? 65  ARG A CG  1 
ATOM   360  C  CD  . ARG A 1 49  A 8.231   4.623   12.847  1.00 8.25  ? 65  ARG A CD  1 
ATOM   361  N  NE  . ARG A 1 49  A 9.000   4.272   14.044  1.00 9.82  ? 65  ARG A NE  1 
ATOM   362  C  CZ  . ARG A 1 49  A 10.046  4.944   14.496  1.00 11.02 ? 65  ARG A CZ  1 
ATOM   363  N  NH1 . ARG A 1 49  A 10.480  6.008   13.861  1.00 12.90 ? 65  ARG A NH1 1 
ATOM   364  N  NH2 . ARG A 1 49  A 10.628  4.591   15.653  1.00 12.75 ? 65  ARG A NH2 1 
ATOM   365  N  N   . LEU A 1 50  ? 2.551   5.929   12.680  1.00 8.58  ? 66  LEU A N   1 
ATOM   366  C  CA  . LEU A 1 50  ? 1.440   6.720   12.108  1.00 9.49  ? 66  LEU A CA  1 
ATOM   367  C  C   . LEU A 1 50  ? 1.783   8.205   12.175  1.00 10.49 ? 66  LEU A C   1 
ATOM   368  O  O   . LEU A 1 50  ? 2.658   8.652   12.960  1.00 10.92 ? 66  LEU A O   1 
ATOM   369  C  CB  . LEU A 1 50  ? 0.137   6.474   12.895  1.00 9.97  ? 66  LEU A CB  1 
ATOM   370  C  CG  . LEU A 1 50  ? -0.434  5.036   13.067  1.00 12.75 ? 66  LEU A CG  1 
ATOM   371  C  CD1 . LEU A 1 50  ? 0.631   4.079   13.550  1.00 19.24 ? 66  LEU A CD1 1 
ATOM   372  C  CD2 . LEU A 1 50  ? -1.533  5.012   14.106  1.00 15.62 ? 66  LEU A CD2 1 
ATOM   373  N  N   . GLY A 1 51  ? 1.089   8.983   11.354  1.00 10.33 ? 69  GLY A N   1 
ATOM   374  C  CA  . GLY A 1 51  ? 1.312   10.433  11.378  1.00 11.87 ? 69  GLY A CA  1 
ATOM   375  C  C   . GLY A 1 51  ? 2.680   10.909  10.883  1.00 11.23 ? 69  GLY A C   1 
ATOM   376  O  O   . GLY A 1 51  ? 3.113   12.038  11.189  1.00 12.51 ? 69  GLY A O   1 
ATOM   377  N  N   . GLU A 1 52  ? 3.355   10.067  10.100  1.00 9.11  ? 70  GLU A N   1 
ATOM   378  C  CA  . GLU A 1 52  ? 4.675   10.389  9.547   1.00 9.49  ? 70  GLU A CA  1 
ATOM   379  C  C   . GLU A 1 52  ? 4.683   11.242  8.247   1.00 9.66  ? 70  GLU A C   1 
ATOM   380  O  O   . GLU A 1 52  ? 3.804   11.071  7.387   1.00 9.96  ? 70  GLU A O   1 
ATOM   381  C  CB  . GLU A 1 52  ? 5.445   9.070   9.203   1.00 6.97  ? 70  GLU A CB  1 
ATOM   382  C  CG  . GLU A 1 52  ? 5.923   8.276   10.384  1.00 8.76  ? 70  GLU A CG  1 
ATOM   383  C  CD  . GLU A 1 52  ? 7.135   8.885   11.031  1.00 7.95  ? 70  GLU A CD  1 
ATOM   384  O  OE1 . GLU A 1 52  ? 7.411   10.057  10.787  1.00 8.50  ? 70  GLU A OE1 1 
ATOM   385  O  OE2 . GLU A 1 52  ? 7.856   8.192   11.773  1.00 9.52  ? 70  GLU A OE2 1 
ATOM   386  N  N   . ASP A 1 53  ? 5.613   12.194  8.162   1.00 8.66  ? 71  ASP A N   1 
ATOM   387  C  CA  . ASP A 1 53  ? 5.923   12.823  6.910   1.00 9.32  ? 71  ASP A CA  1 
ATOM   388  C  C   . ASP A 1 53  ? 7.479   12.459  6.706   1.00 9.60  ? 71  ASP A C   1 
ATOM   389  O  O   . ASP A 1 53  ? 7.845   11.479  6.012   1.00 10.56 ? 71  ASP A O   1 
ATOM   390  C  CB  . ASP A 1 53  ? 5.683   14.319  6.853   1.00 8.50  ? 71  ASP A CB  1 
ATOM   391  C  CG  . ASP A 1 53  ? 5.874   14.837  5.408   1.00 11.48 ? 71  ASP A CG  1 
ATOM   392  O  OD1 . ASP A 1 53  ? 5.358   14.148  4.464   1.00 12.99 ? 71  ASP A OD1 1 
ATOM   393  O  OD2 . ASP A 1 53  ? 6.544   15.874  5.217   1.00 14.09 ? 71  ASP A OD2 1 
ATOM   394  N  N   . ASN A 1 54  ? 8.383   13.192  7.341   1.00 9.03  ? 72  ASN A N   1 
ATOM   395  C  CA  . ASN A 1 54  ? 9.794   12.868  7.263   1.00 8.38  ? 72  ASN A CA  1 
ATOM   396  C  C   . ASN A 1 54  ? 10.016  11.666  8.204   1.00 9.64  ? 72  ASN A C   1 
ATOM   397  O  O   . ASN A 1 54  ? 9.892   11.811  9.437   1.00 10.60 ? 72  ASN A O   1 
ATOM   398  C  CB  . ASN A 1 54  ? 10.620  14.071  7.681   1.00 6.54  ? 72  ASN A CB  1 
ATOM   399  C  CG  . ASN A 1 54  ? 12.062  13.911  7.324   1.00 7.38  ? 72  ASN A CG  1 
ATOM   400  O  OD1 . ASN A 1 54  ? 12.659  14.788  6.695   1.00 13.20 ? 72  ASN A OD1 1 
ATOM   401  N  ND2 . ASN A 1 54  ? 12.631  12.795  7.667   1.00 5.72  ? 72  ASN A ND2 1 
ATOM   402  N  N   . ILE A 1 55  ? 10.284  10.477  7.676   1.00 8.49  ? 73  ILE A N   1 
ATOM   403  C  CA  . ILE A 1 55  ? 10.532  9.315   8.546   1.00 9.82  ? 73  ILE A CA  1 
ATOM   404  C  C   . ILE A 1 55  ? 11.897  9.371   9.316   1.00 9.37  ? 73  ILE A C   1 
ATOM   405  O  O   . ILE A 1 55  ? 12.165  8.500   10.149  1.00 10.94 ? 73  ILE A O   1 
ATOM   406  C  CB  . ILE A 1 55  ? 10.480  7.945   7.766   1.00 11.69 ? 73  ILE A CB  1 
ATOM   407  C  CG1 . ILE A 1 55  ? 11.438  7.975   6.582   1.00 11.53 ? 73  ILE A CG1 1 
ATOM   408  C  CG2 . ILE A 1 55  ? 9.038   7.558   7.352   1.00 10.18 ? 73  ILE A CG2 1 
ATOM   409  C  CD1 . ILE A 1 55  ? 11.594  6.558   6.090   1.00 14.38 ? 73  ILE A CD1 1 
ATOM   410  N  N   . ASN A 1 56  ? 12.740  10.343  9.034   1.00 6.84  ? 74  ASN A N   1 
ATOM   411  C  CA  . ASN A 1 56  ? 13.957  10.444  9.759   1.00 8.52  ? 74  ASN A CA  1 
ATOM   412  C  C   . ASN A 1 56  ? 13.957  11.608  10.812  1.00 10.14 ? 74  ASN A C   1 
ATOM   413  O  O   . ASN A 1 56  ? 14.940  11.792  11.516  1.00 10.96 ? 74  ASN A O   1 
ATOM   414  C  CB  . ASN A 1 56  ? 15.115  10.624  8.786   1.00 8.54  ? 74  ASN A CB  1 
ATOM   415  C  CG  . ASN A 1 56  ? 15.597  9.342   8.254   1.00 10.21 ? 74  ASN A CG  1 
ATOM   416  O  OD1 . ASN A 1 56  ? 15.586  8.332   8.961   1.00 8.75  ? 74  ASN A OD1 1 
ATOM   417  N  ND2 . ASN A 1 56  ? 16.038  9.343   6.989   1.00 9.32  ? 74  ASN A ND2 1 
ATOM   418  N  N   . VAL A 1 57  ? 12.890  12.388  10.927  1.00 10.57 ? 75  VAL A N   1 
ATOM   419  C  CA  . VAL A 1 57  ? 12.849  13.500  11.869  1.00 10.87 ? 75  VAL A CA  1 
ATOM   420  C  C   . VAL A 1 57  ? 11.535  13.431  12.694  1.00 12.14 ? 75  VAL A C   1 
ATOM   421  O  O   . VAL A 1 57  ? 10.519  13.092  12.166  1.00 11.38 ? 75  VAL A O   1 
ATOM   422  C  CB  . VAL A 1 57  ? 12.902  14.815  11.049  1.00 10.22 ? 75  VAL A CB  1 
ATOM   423  C  CG1 . VAL A 1 57  ? 12.819  16.007  11.965  1.00 10.91 ? 75  VAL A CG1 1 
ATOM   424  C  CG2 . VAL A 1 57  ? 14.173  14.819  10.178  1.00 11.92 ? 75  VAL A CG2 1 
ATOM   425  N  N   . VAL A 1 58  ? 11.536  13.743  14.003  1.00 13.39 ? 76  VAL A N   1 
ATOM   426  C  CA  . VAL A 1 58  ? 10.298  13.709  14.800  1.00 12.78 ? 76  VAL A CA  1 
ATOM   427  C  C   . VAL A 1 58  ? 9.828   15.123  14.614  1.00 13.51 ? 76  VAL A C   1 
ATOM   428  O  O   . VAL A 1 58  ? 10.525  16.108  14.983  1.00 13.19 ? 76  VAL A O   1 
ATOM   429  C  CB  . VAL A 1 58  ? 10.541  13.423  16.313  1.00 11.81 ? 76  VAL A CB  1 
ATOM   430  C  CG1 . VAL A 1 58  ? 9.318   13.694  17.104  1.00 11.28 ? 76  VAL A CG1 1 
ATOM   431  C  CG2 . VAL A 1 58  ? 10.905  11.958  16.450  1.00 13.04 ? 76  VAL A CG2 1 
ATOM   432  N  N   . GLU A 1 59  ? 8.650   15.222  14.002  1.00 12.42 ? 77  GLU A N   1 
ATOM   433  C  CA  . GLU A 1 59  ? 8.076   16.495  13.682  1.00 13.61 ? 77  GLU A CA  1 
ATOM   434  C  C   . GLU A 1 59  ? 6.931   16.879  14.566  1.00 13.97 ? 77  GLU A C   1 
ATOM   435  O  O   . GLU A 1 59  ? 6.503   18.016  14.515  1.00 14.68 ? 77  GLU A O   1 
ATOM   436  C  CB  . GLU A 1 59  ? 7.658   16.486  12.206  1.00 14.83 ? 77  GLU A CB  1 
ATOM   437  C  CG  . GLU A 1 59  ? 8.840   16.299  11.253  1.00 15.67 ? 77  GLU A CG  1 
ATOM   438  C  CD  . GLU A 1 59  ? 8.415   16.306  9.800   1.00 17.79 ? 77  GLU A CD  1 
ATOM   439  O  OE1 . GLU A 1 59  ? 7.827   15.298  9.340   1.00 14.97 ? 77  GLU A OE1 1 
ATOM   440  O  OE2 . GLU A 1 59  ? 8.680   17.318  9.121   1.00 18.36 ? 77  GLU A OE2 1 
ATOM   441  N  N   . GLY A 1 60  ? 6.397   15.942  15.338  1.00 13.58 ? 78  GLY A N   1 
ATOM   442  C  CA  . GLY A 1 60  ? 5.359   16.338  16.234  1.00 14.91 ? 78  GLY A CA  1 
ATOM   443  C  C   . GLY A 1 60  ? 3.996   15.718  16.045  1.00 17.46 ? 78  GLY A C   1 
ATOM   444  O  O   . GLY A 1 60  ? 3.095   16.000  16.839  1.00 21.14 ? 78  GLY A O   1 
ATOM   445  N  N   . ASN A 1 61  ? 3.774   14.928  15.023  1.00 14.68 ? 79  ASN A N   1 
ATOM   446  C  CA  . ASN A 1 61  ? 2.449   14.347  14.882  1.00 14.93 ? 79  ASN A CA  1 
ATOM   447  C  C   . ASN A 1 61  ? 2.427   12.847  14.851  1.00 12.52 ? 79  ASN A C   1 
ATOM   448  O  O   . ASN A 1 61  ? 1.408   12.254  14.576  1.00 10.85 ? 79  ASN A O   1 
ATOM   449  C  CB  . ASN A 1 61  ? 1.781   14.880  13.636  1.00 17.23 ? 79  ASN A CB  1 
ATOM   450  C  CG  . ASN A 1 61  ? 1.381   16.325  13.811  1.00 20.97 ? 79  ASN A CG  1 
ATOM   451  O  OD1 . ASN A 1 61  ? 0.546   16.679  14.677  1.00 22.93 ? 79  ASN A OD1 1 
ATOM   452  N  ND2 . ASN A 1 61  ? 1.995   17.174  13.022  1.00 21.91 ? 79  ASN A ND2 1 
ATOM   453  N  N   . GLU A 1 62  ? 3.567   12.247  15.149  1.00 12.18 ? 80  GLU A N   1 
ATOM   454  C  CA  . GLU A 1 62  ? 3.725   10.771  15.136  1.00 12.75 ? 80  GLU A CA  1 
ATOM   455  C  C   . GLU A 1 62  ? 3.080   10.019  16.334  1.00 12.62 ? 80  GLU A C   1 
ATOM   456  O  O   . GLU A 1 62  ? 2.939   10.575  17.447  1.00 13.13 ? 80  GLU A O   1 
ATOM   457  C  CB  . GLU A 1 62  ? 5.236   10.397  15.120  1.00 11.62 ? 80  GLU A CB  1 
ATOM   458  C  CG  . GLU A 1 62  ? 5.978   10.956  13.973  1.00 12.66 ? 80  GLU A CG  1 
ATOM   459  C  CD  . GLU A 1 62  ? 6.647   12.265  14.272  1.00 12.42 ? 80  GLU A CD  1 
ATOM   460  O  OE1 . GLU A 1 62  ? 6.358   12.943  15.259  1.00 10.48 ? 80  GLU A OE1 1 
ATOM   461  O  OE2 . GLU A 1 62  ? 7.498   12.676  13.495  1.00 14.34 ? 80  GLU A OE2 1 
ATOM   462  N  N   . GLN A 1 63  ? 2.685   8.771   16.074  1.00 11.16 ? 81  GLN A N   1 
ATOM   463  C  CA  . GLN A 1 63  ? 2.214   7.814   17.089  1.00 11.06 ? 81  GLN A CA  1 
ATOM   464  C  C   . GLN A 1 63  ? 2.945   6.541   16.700  1.00 11.92 ? 81  GLN A C   1 
ATOM   465  O  O   . GLN A 1 63  ? 2.779   6.060   15.586  1.00 12.98 ? 81  GLN A O   1 
ATOM   466  C  CB  . GLN A 1 63  ? 0.721   7.588   17.045  1.00 10.41 ? 81  GLN A CB  1 
ATOM   467  C  CG  . GLN A 1 63  ? -0.043  8.902   17.242  1.00 11.45 ? 81  GLN A CG  1 
ATOM   468  C  CD  . GLN A 1 63  ? -1.489  8.712   17.309  1.00 9.61  ? 81  GLN A CD  1 
ATOM   469  O  OE1 . GLN A 1 63  ? -1.956  7.720   17.864  1.00 13.01 ? 81  GLN A OE1 1 
ATOM   470  N  NE2 . GLN A 1 63  ? -2.220  9.631   16.772  1.00 10.89 ? 81  GLN A NE2 1 
ATOM   471  N  N   . PHE A 1 64  ? 3.795   6.008   17.558  1.00 9.75  ? 82  PHE A N   1 
ATOM   472  C  CA  . PHE A 1 64  ? 4.532   4.805   17.234  1.00 10.50 ? 82  PHE A CA  1 
ATOM   473  C  C   . PHE A 1 64  ? 3.888   3.767   18.117  1.00 11.92 ? 82  PHE A C   1 
ATOM   474  O  O   . PHE A 1 64  ? 3.886   3.920   19.359  1.00 13.31 ? 82  PHE A O   1 
ATOM   475  C  CB  . PHE A 1 64  ? 5.981   4.987   17.611  1.00 11.78 ? 82  PHE A CB  1 
ATOM   476  C  CG  . PHE A 1 64  ? 6.698   6.117   16.892  1.00 13.16 ? 82  PHE A CG  1 
ATOM   477  C  CD1 . PHE A 1 64  ? 6.249   6.651   15.687  1.00 14.70 ? 82  PHE A CD1 1 
ATOM   478  C  CD2 . PHE A 1 64  ? 7.898   6.596   17.398  1.00 14.77 ? 82  PHE A CD2 1 
ATOM   479  C  CE1 . PHE A 1 64  ? 6.991   7.631   15.025  1.00 15.50 ? 82  PHE A CE1 1 
ATOM   480  C  CE2 . PHE A 1 64  ? 8.639   7.574   16.731  1.00 14.50 ? 82  PHE A CE2 1 
ATOM   481  C  CZ  . PHE A 1 64  ? 8.197   8.090   15.560  1.00 15.54 ? 82  PHE A CZ  1 
ATOM   482  N  N   . ILE A 1 65  ? 3.355   2.718   17.529  1.00 9.80  ? 83  ILE A N   1 
ATOM   483  C  CA  . ILE A 1 65  ? 2.643   1.691   18.278  1.00 11.08 ? 83  ILE A CA  1 
ATOM   484  C  C   . ILE A 1 65  ? 3.109   0.321   17.822  1.00 11.57 ? 83  ILE A C   1 
ATOM   485  O  O   . ILE A 1 65  ? 3.214   0.064   16.644  1.00 11.70 ? 83  ILE A O   1 
ATOM   486  C  CB  . ILE A 1 65  ? 1.077   1.816   18.056  1.00 10.46 ? 83  ILE A CB  1 
ATOM   487  C  CG1 . ILE A 1 65  ? 0.635   3.273   18.335  1.00 10.15 ? 83  ILE A CG1 1 
ATOM   488  C  CG2 . ILE A 1 65  ? 0.299   0.783   18.923  1.00 9.19  ? 83  ILE A CG2 1 
ATOM   489  C  CD1 . ILE A 1 65  ? -0.728  3.587   18.016  1.00 10.71 ? 83  ILE A CD1 1 
ATOM   490  N  N   . SER A 1 66  ? 3.391   -0.583  18.743  1.00 12.55 ? 84  SER A N   1 
ATOM   491  C  CA  . SER A 1 66  ? 3.825   -1.920  18.347  1.00 13.01 ? 84  SER A CA  1 
ATOM   492  C  C   . SER A 1 66  ? 2.681   -2.814  17.916  1.00 11.92 ? 84  SER A C   1 
ATOM   493  O  O   . SER A 1 66  ? 1.559   -2.660  18.332  1.00 12.08 ? 84  SER A O   1 
ATOM   494  C  CB  . SER A 1 66  ? 4.531   -2.607  19.507  1.00 16.75 ? 84  SER A CB  1 
ATOM   495  O  OG  . SER A 1 66  ? 5.892   -2.231  19.451  1.00 22.24 ? 84  SER A OG  1 
ATOM   496  N  N   . ALA A 1 67  ? 2.958   -3.758  17.053  1.00 11.73 ? 85  ALA A N   1 
ATOM   497  C  CA  . ALA A 1 67  ? 1.902   -4.658  16.665  1.00 11.74 ? 85  ALA A CA  1 
ATOM   498  C  C   . ALA A 1 67  ? 1.751   -5.764  17.727  1.00 11.34 ? 85  ALA A C   1 
ATOM   499  O  O   . ALA A 1 67  ? 2.761   -6.225  18.261  1.00 11.66 ? 85  ALA A O   1 
ATOM   500  C  CB  . ALA A 1 67  ? 2.248   -5.282  15.302  1.00 12.70 ? 85  ALA A CB  1 
ATOM   501  N  N   . SER A 1 68  ? 0.527   -6.181  18.035  1.00 9.82  ? 86  SER A N   1 
ATOM   502  C  CA  . SER A 1 68  ? 0.330   -7.263  18.965  1.00 11.48 ? 86  SER A CA  1 
ATOM   503  C  C   . SER A 1 68  ? 0.116   -8.506  18.196  1.00 11.69 ? 86  SER A C   1 
ATOM   504  O  O   . SER A 1 68  ? 0.292   -9.584  18.728  1.00 11.21 ? 86  SER A O   1 
ATOM   505  C  CB  . SER A 1 68  ? -0.876  -7.087  19.843  1.00 13.65 ? 86  SER A CB  1 
ATOM   506  O  OG  . SER A 1 68  ? -1.951  -6.758  19.049  1.00 16.39 ? 86  SER A OG  1 
ATOM   507  N  N   . LYS A 1 69  ? -0.301  -8.392  16.933  1.00 11.34 ? 87  LYS A N   1 
ATOM   508  C  CA  . LYS A 1 69  ? -0.467  -9.601  16.119  1.00 12.50 ? 87  LYS A CA  1 
ATOM   509  C  C   . LYS A 1 69  ? -0.561  -9.342  14.631  1.00 10.66 ? 87  LYS A C   1 
ATOM   510  O  O   . LYS A 1 69  ? -1.007  -8.285  14.191  1.00 10.48 ? 87  LYS A O   1 
ATOM   511  C  CB  . LYS A 1 69  ? -1.663  -10.402 16.606  1.00 15.56 ? 87  LYS A CB  1 
ATOM   512  C  CG  . LYS A 1 69  ? -2.922  -10.129 15.975  1.00 20.35 ? 87  LYS A CG  1 
ATOM   513  C  CD  . LYS A 1 69  ? -3.965  -11.023 16.651  1.00 25.95 ? 87  LYS A CD  1 
ATOM   514  C  CE  . LYS A 1 69  ? -4.308  -10.436 18.087  1.00 29.48 ? 87  LYS A CE  1 
ATOM   515  N  NZ  . LYS A 1 69  ? -5.720  -10.720 18.674  1.00 30.14 ? 87  LYS A NZ  1 
ATOM   516  N  N   . SER A 1 70  ? -0.061  -10.267 13.843  1.00 9.69  ? 88  SER A N   1 
ATOM   517  C  CA  . SER A 1 70  ? -0.223  -10.045 12.416  1.00 12.27 ? 88  SER A CA  1 
ATOM   518  C  C   . SER A 1 70  ? -0.839  -11.299 11.803  1.00 11.68 ? 88  SER A C   1 
ATOM   519  O  O   . SER A 1 70  ? -0.607  -12.448 12.262  1.00 11.07 ? 88  SER A O   1 
ATOM   520  C  CB  . SER A 1 70  ? 1.092   -9.590  11.775  1.00 15.51 ? 88  SER A CB  1 
ATOM   521  O  OG  . SER A 1 70  ? 2.085   -10.560 11.876  1.00 21.17 ? 88  SER A OG  1 
ATOM   522  N  N   . ILE A 1 71  ? -1.676  -11.103 10.801  1.00 9.05  ? 89  ILE A N   1 
ATOM   523  C  CA  . ILE A 1 71  ? -2.359  -12.222 10.194  1.00 7.90  ? 89  ILE A CA  1 
ATOM   524  C  C   . ILE A 1 71  ? -2.162  -12.159 8.685   1.00 8.61  ? 89  ILE A C   1 
ATOM   525  O  O   . ILE A 1 71  ? -2.666  -11.261 8.001   1.00 7.91  ? 89  ILE A O   1 
ATOM   526  C  CB  . ILE A 1 71  ? -3.840  -12.182 10.515  1.00 7.85  ? 89  ILE A CB  1 
ATOM   527  C  CG1 . ILE A 1 71  ? -4.007  -12.193 12.056  1.00 9.66  ? 89  ILE A CG1 1 
ATOM   528  C  CG2 . ILE A 1 71  ? -4.572  -13.345 9.795   1.00 7.39  ? 89  ILE A CG2 1 
ATOM   529  C  CD1 . ILE A 1 71  ? -5.280  -11.638 12.574  1.00 9.99  ? 89  ILE A CD1 1 
ATOM   530  N  N   . VAL A 1 72  ? -1.406  -13.123 8.169   1.00 8.15  ? 90  VAL A N   1 
ATOM   531  C  CA  . VAL A 1 72  ? -1.175  -13.184 6.719   1.00 7.44  ? 90  VAL A CA  1 
ATOM   532  C  C   . VAL A 1 72  ? -2.428  -13.923 6.156   1.00 7.83  ? 90  VAL A C   1 
ATOM   533  O  O   . VAL A 1 72  ? -2.963  -14.817 6.813   1.00 6.29  ? 90  VAL A O   1 
ATOM   534  C  CB  . VAL A 1 72  ? 0.171   -13.949 6.426   1.00 6.22  ? 90  VAL A CB  1 
ATOM   535  C  CG1 . VAL A 1 72  ? 0.270   -14.353 4.886   1.00 6.16  ? 90  VAL A CG1 1 
ATOM   536  C  CG2 . VAL A 1 72  ? 1.339   -13.110 6.874   1.00 6.81  ? 90  VAL A CG2 1 
ATOM   537  N  N   . HIS A 1 73  ? -2.919  -13.521 4.973   1.00 6.78  ? 91  HIS A N   1 
ATOM   538  C  CA  . HIS A 1 73  ? -4.080  -14.190 4.362   1.00 7.41  ? 91  HIS A CA  1 
ATOM   539  C  C   . HIS A 1 73  ? -3.885  -15.718 4.333   1.00 8.06  ? 91  HIS A C   1 
ATOM   540  O  O   . HIS A 1 73  ? -2.747  -16.234 3.991   1.00 7.82  ? 91  HIS A O   1 
ATOM   541  C  CB  . HIS A 1 73  ? -4.254  -13.710 2.902   1.00 6.92  ? 91  HIS A CB  1 
ATOM   542  C  CG  . HIS A 1 73  ? -5.566  -14.110 2.330   1.00 7.07  ? 91  HIS A CG  1 
ATOM   543  N  ND1 . HIS A 1 73  ? -5.778  -15.356 1.780   1.00 8.83  ? 91  HIS A ND1 1 
ATOM   544  C  CD2 . HIS A 1 73  ? -6.757  -13.466 2.299   1.00 7.11  ? 91  HIS A CD2 1 
ATOM   545  C  CE1 . HIS A 1 73  ? -7.047  -15.463 1.436   1.00 6.41  ? 91  HIS A CE1 1 
ATOM   546  N  NE2 . HIS A 1 73  ? -7.663  -14.333 1.741   1.00 7.56  ? 91  HIS A NE2 1 
ATOM   547  N  N   . PRO A 1 74  ? -4.949  -16.488 4.653   1.00 8.51  ? 92  PRO A N   1 
ATOM   548  C  CA  . PRO A 1 74  ? -4.785  -17.964 4.638   1.00 10.17 ? 92  PRO A CA  1 
ATOM   549  C  C   . PRO A 1 74  ? -4.220  -18.571 3.354   1.00 9.51  ? 92  PRO A C   1 
ATOM   550  O  O   . PRO A 1 74  ? -3.526  -19.569 3.406   1.00 9.69  ? 92  PRO A O   1 
ATOM   551  C  CB  . PRO A 1 74  ? -6.186  -18.498 4.949   1.00 9.31  ? 92  PRO A CB  1 
ATOM   552  C  CG  . PRO A 1 74  ? -7.062  -17.327 4.774   1.00 11.91 ? 92  PRO A CG  1 
ATOM   553  C  CD  . PRO A 1 74  ? -6.278  -16.116 5.123   1.00 7.96  ? 92  PRO A CD  1 
ATOM   554  N  N   . SER A 1 75  ? -4.518  -17.945 2.219   1.00 9.97  ? 93  SER A N   1 
ATOM   555  C  CA  . SER A 1 75  ? -4.101  -18.449 0.914   1.00 10.26 ? 93  SER A CA  1 
ATOM   556  C  C   . SER A 1 75  ? -2.960  -17.750 0.236   1.00 8.70  ? 93  SER A C   1 
ATOM   557  O  O   . SER A 1 75  ? -2.786  -17.903 -0.990  1.00 9.96  ? 93  SER A O   1 
ATOM   558  C  CB  . SER A 1 75  ? -5.281  -18.441 -0.041  1.00 11.68 ? 93  SER A CB  1 
ATOM   559  O  OG  . SER A 1 75  ? -6.337  -19.186 0.521   1.00 15.38 ? 93  SER A OG  1 
ATOM   560  N  N   . TYR A 1 76  ? -2.184  -16.986 0.986   1.00 7.82  ? 94  TYR A N   1 
ATOM   561  C  CA  . TYR A 1 76  ? -1.068  -16.254 0.403   1.00 6.94  ? 94  TYR A CA  1 
ATOM   562  C  C   . TYR A 1 76  ? -0.035  -17.238 -0.255  1.00 8.41  ? 94  TYR A C   1 
ATOM   563  O  O   . TYR A 1 76  ? 0.379   -18.231 0.357   1.00 7.29  ? 94  TYR A O   1 
ATOM   564  C  CB  . TYR A 1 76  ? -0.380  -15.415 1.475   1.00 5.89  ? 94  TYR A CB  1 
ATOM   565  C  CG  . TYR A 1 76  ? 0.937   -14.765 1.028   1.00 6.94  ? 94  TYR A CG  1 
ATOM   566  C  CD1 . TYR A 1 76  ? 0.985   -13.906 -0.090  1.00 7.06  ? 94  TYR A CD1 1 
ATOM   567  C  CD2 . TYR A 1 76  ? 2.143   -15.059 1.673   1.00 7.06  ? 94  TYR A CD2 1 
ATOM   568  C  CE1 . TYR A 1 76  ? 2.195   -13.367 -0.541  1.00 8.86  ? 94  TYR A CE1 1 
ATOM   569  C  CE2 . TYR A 1 76  ? 3.404   -14.486 1.201   1.00 8.05  ? 94  TYR A CE2 1 
ATOM   570  C  CZ  . TYR A 1 76  ? 3.387   -13.651 0.111   1.00 7.68  ? 94  TYR A CZ  1 
ATOM   571  O  OH  . TYR A 1 76  ? 4.523   -13.052 -0.290  1.00 8.52  ? 94  TYR A OH  1 
ATOM   572  N  N   . ASN A 1 77  ? 0.316   -16.958 -1.513  1.00 8.66  ? 95  ASN A N   1 
ATOM   573  C  CA  . ASN A 1 77  ? 1.326   -17.775 -2.204  1.00 10.58 ? 95  ASN A CA  1 
ATOM   574  C  C   . ASN A 1 77  ? 2.541   -16.872 -2.519  1.00 9.24  ? 95  ASN A C   1 
ATOM   575  O  O   . ASN A 1 77  ? 2.443   -15.987 -3.383  1.00 9.24  ? 95  ASN A O   1 
ATOM   576  C  CB  . ASN A 1 77  ? 0.715   -18.354 -3.466  1.00 12.39 ? 95  ASN A CB  1 
ATOM   577  C  CG  . ASN A 1 77  ? 1.702   -19.178 -4.245  1.00 14.75 ? 95  ASN A CG  1 
ATOM   578  O  OD1 . ASN A 1 77  ? 2.891   -18.927 -4.217  1.00 16.86 ? 95  ASN A OD1 1 
ATOM   579  N  ND2 . ASN A 1 77  ? 1.203   -20.160 -4.967  1.00 18.29 ? 95  ASN A ND2 1 
ATOM   580  N  N   . SER A 1 78  ? 3.656   -17.064 -1.802  1.00 8.32  ? 96  SER A N   1 
ATOM   581  C  CA  . SER A 1 78  ? 4.803   -16.186 -1.982  1.00 7.85  ? 96  SER A CA  1 
ATOM   582  C  C   . SER A 1 78  ? 5.509   -16.333 -3.335  1.00 10.08 ? 96  SER A C   1 
ATOM   583  O  O   . SER A 1 78  ? 6.326   -15.462 -3.711  1.00 12.02 ? 96  SER A O   1 
ATOM   584  C  CB  . SER A 1 78  ? 5.818   -16.402 -0.878  1.00 9.09  ? 96  SER A CB  1 
ATOM   585  O  OG  . SER A 1 78  ? 6.400   -17.668 -0.975  1.00 11.19 ? 96  SER A OG  1 
ATOM   586  N  N   . ASN A 1 79  ? 5.234   -17.411 -4.055  1.00 9.21  ? 97  ASN A N   1 
ATOM   587  C  CA  . ASN A 1 79  ? 5.860   -17.616 -5.375  1.00 9.89  ? 97  ASN A CA  1 
ATOM   588  C  C   . ASN A 1 79  ? 5.147   -16.832 -6.434  1.00 10.65 ? 97  ASN A C   1 
ATOM   589  O  O   . ASN A 1 79  ? 5.786   -16.223 -7.276  1.00 14.04 ? 97  ASN A O   1 
ATOM   590  C  CB  . ASN A 1 79  ? 5.827   -19.109 -5.710  1.00 10.17 ? 97  ASN A CB  1 
ATOM   591  C  CG  . ASN A 1 79  ? 6.864   -19.862 -4.906  1.00 10.98 ? 97  ASN A CG  1 
ATOM   592  O  OD1 . ASN A 1 79  ? 7.940   -19.308 -4.569  1.00 13.66 ? 97  ASN A OD1 1 
ATOM   593  N  ND2 . ASN A 1 79  ? 6.570   -21.082 -4.593  1.00 13.71 ? 97  ASN A ND2 1 
ATOM   594  N  N   . THR A 1 80  ? 3.822   -16.832 -6.377  1.00 9.40  ? 98  THR A N   1 
ATOM   595  C  CA  . THR A 1 80  ? 3.016   -16.124 -7.329  1.00 9.66  ? 98  THR A CA  1 
ATOM   596  C  C   . THR A 1 80  ? 2.490   -14.754 -6.846  1.00 9.32  ? 98  THR A C   1 
ATOM   597  O  O   . THR A 1 80  ? 2.017   -13.940 -7.652  1.00 8.24  ? 98  THR A O   1 
ATOM   598  C  CB  . THR A 1 80  ? 1.798   -16.960 -7.763  1.00 11.28 ? 98  THR A CB  1 
ATOM   599  O  OG1 . THR A 1 80  ? 0.883   -17.089 -6.662  1.00 10.81 ? 98  THR A OG1 1 
ATOM   600  C  CG2 . THR A 1 80  ? 2.228   -18.336 -8.238  1.00 9.00  ? 98  THR A CG2 1 
ATOM   601  N  N   . LEU A 1 81  ? 2.612   -14.482 -5.543  1.00 8.51  ? 99  LEU A N   1 
ATOM   602  C  CA  . LEU A 1 81  ? 2.108   -13.270 -4.902  1.00 7.14  ? 99  LEU A CA  1 
ATOM   603  C  C   . LEU A 1 81  ? 0.580   -13.169 -4.960  1.00 6.61  ? 99  LEU A C   1 
ATOM   604  O  O   . LEU A 1 81  ? -0.019  -12.092 -4.759  1.00 7.29  ? 99  LEU A O   1 
ATOM   605  C  CB  . LEU A 1 81  ? 2.825   -12.008 -5.424  1.00 9.83  ? 99  LEU A CB  1 
ATOM   606  C  CG  . LEU A 1 81  ? 4.304   -11.863 -5.014  1.00 12.81 ? 99  LEU A CG  1 
ATOM   607  C  CD1 . LEU A 1 81  ? 4.806   -10.532 -5.486  1.00 13.39 ? 99  LEU A CD1 1 
ATOM   608  C  CD2 . LEU A 1 81  ? 4.457   -11.921 -3.532  1.00 11.08 ? 99  LEU A CD2 1 
ATOM   609  N  N   . ASN A 1 82  ? -0.075  -14.308 -5.209  1.00 5.59  ? 100 ASN A N   1 
ATOM   610  C  CA  . ASN A 1 82  ? -1.529  -14.304 -5.192  1.00 8.36  ? 100 ASN A CA  1 
ATOM   611  C  C   . ASN A 1 82  ? -1.936  -14.200 -3.677  1.00 8.08  ? 100 ASN A C   1 
ATOM   612  O  O   . ASN A 1 82  ? -1.286  -14.826 -2.829  1.00 8.58  ? 100 ASN A O   1 
ATOM   613  C  CB  . ASN A 1 82  ? -2.102  -15.594 -5.831  1.00 8.54  ? 100 ASN A CB  1 
ATOM   614  C  CG  . ASN A 1 82  ? -3.621  -15.507 -6.097  1.00 9.95  ? 100 ASN A CG  1 
ATOM   615  O  OD1 . ASN A 1 82  ? -4.226  -14.434 -6.258  1.00 10.88 ? 100 ASN A OD1 1 
ATOM   616  N  ND2 . ASN A 1 82  ? -4.231  -16.662 -6.142  1.00 11.64 ? 100 ASN A ND2 1 
ATOM   617  N  N   . ASN A 1 83  ? -2.973  -13.369 -3.413  1.00 7.61  ? 101 ASN A N   1 
ATOM   618  C  CA  . ASN A 1 83  ? -3.530  -13.051 -2.129  1.00 6.99  ? 101 ASN A CA  1 
ATOM   619  C  C   . ASN A 1 83  ? -2.455  -12.371 -1.263  1.00 7.88  ? 101 ASN A C   1 
ATOM   620  O  O   . ASN A 1 83  ? -2.276  -12.776 -0.084  1.00 7.61  ? 101 ASN A O   1 
ATOM   621  C  CB  . ASN A 1 83  ? -4.022  -14.318 -1.424  1.00 8.19  ? 101 ASN A CB  1 
ATOM   622  C  CG  . ASN A 1 83  ? -5.104  -15.017 -2.174  1.00 7.94  ? 101 ASN A CG  1 
ATOM   623  O  OD1 . ASN A 1 83  ? -6.150  -14.514 -2.400  1.00 8.82  ? 101 ASN A OD1 1 
ATOM   624  N  ND2 . ASN A 1 83  ? -4.831  -16.213 -2.528  1.00 9.56  ? 101 ASN A ND2 1 
ATOM   625  N  N   . ASP A 1 84  ? -1.785  -11.355 -1.826  1.00 6.83  ? 102 ASP A N   1 
ATOM   626  C  CA  . ASP A 1 84  ? -0.696  -10.608 -1.127  1.00 7.53  ? 102 ASP A CA  1 
ATOM   627  C  C   . ASP A 1 84  ? -1.353  -9.512  -0.207  1.00 7.29  ? 102 ASP A C   1 
ATOM   628  O  O   . ASP A 1 84  ? -1.440  -8.277  -0.513  1.00 7.00  ? 102 ASP A O   1 
ATOM   629  C  CB  . ASP A 1 84  ? 0.252   -9.985  -2.177  1.00 8.00  ? 102 ASP A CB  1 
ATOM   630  C  CG  . ASP A 1 84  ? 1.486   -9.376  -1.547  1.00 6.93  ? 102 ASP A CG  1 
ATOM   631  O  OD1 . ASP A 1 84  ? 1.746   -9.662  -0.381  1.00 6.45  ? 102 ASP A OD1 1 
ATOM   632  O  OD2 . ASP A 1 84  ? 2.195   -8.597  -2.191  1.00 9.29  ? 102 ASP A OD2 1 
ATOM   633  N  N   . ILE A 1 85  ? -1.826  -9.981  0.942   1.00 6.79  ? 103 ILE A N   1 
ATOM   634  C  CA  . ILE A 1 85  ? -2.499  -9.061  1.839   1.00 7.50  ? 103 ILE A CA  1 
ATOM   635  C  C   . ILE A 1 85  ? -2.333  -9.640  3.273   1.00 7.77  ? 103 ILE A C   1 
ATOM   636  O  O   . ILE A 1 85  ? -2.397  -10.883 3.471   1.00 7.14  ? 103 ILE A O   1 
ATOM   637  C  CB  . ILE A 1 85  ? -4.010  -8.902  1.429   1.00 7.32  ? 103 ILE A CB  1 
ATOM   638  C  CG1 . ILE A 1 85  ? -4.668  -7.841  2.322   1.00 8.46  ? 103 ILE A CG1 1 
ATOM   639  C  CG2 . ILE A 1 85  ? -4.789  -10.265 1.563   1.00 9.01  ? 103 ILE A CG2 1 
ATOM   640  C  CD1 . ILE A 1 85  ? -6.081  -7.443  1.936   1.00 9.87  ? 103 ILE A CD1 1 
ATOM   641  N  N   . MET A 1 86  ? -2.086  -8.747  4.229   1.00 7.26  ? 104 MET A N   1 
ATOM   642  C  CA  . MET A 1 86  ? -1.915  -9.105  5.632   1.00 8.32  ? 104 MET A CA  1 
ATOM   643  C  C   . MET A 1 86  ? -2.567  -8.049  6.514   1.00 7.00  ? 104 MET A C   1 
ATOM   644  O  O   . MET A 1 86  ? -2.639  -6.889  6.137   1.00 7.27  ? 104 MET A O   1 
ATOM   645  C  CB  . MET A 1 86  ? -0.416  -9.224  5.935   1.00 9.51  ? 104 MET A CB  1 
ATOM   646  C  CG  . MET A 1 86  ? 0.062   -8.843  7.293   1.00 17.01 ? 104 MET A CG  1 
ATOM   647  S  SD  . MET A 1 86  ? 1.860   -8.887  7.282   1.00 16.03 ? 104 MET A SD  1 
ATOM   648  C  CE  . MET A 1 86  ? 2.321   -7.608  6.589   1.00 14.59 ? 104 MET A CE  1 
ATOM   649  N  N   . LEU A 1 87  ? -3.051  -8.498  7.694   1.00 8.25  ? 105 LEU A N   1 
ATOM   650  C  CA  . LEU A 1 87  ? -3.652  -7.642  8.735   1.00 7.00  ? 105 LEU A CA  1 
ATOM   651  C  C   . LEU A 1 87  ? -2.697  -7.567  9.955   1.00 7.17  ? 105 LEU A C   1 
ATOM   652  O  O   . LEU A 1 87  ? -2.099  -8.580  10.358  1.00 8.33  ? 105 LEU A O   1 
ATOM   653  C  CB  . LEU A 1 87  ? -5.003  -8.174  9.169   1.00 6.61  ? 105 LEU A CB  1 
ATOM   654  C  CG  . LEU A 1 87  ? -6.065  -7.939  8.070   1.00 8.94  ? 105 LEU A CG  1 
ATOM   655  C  CD1 . LEU A 1 87  ? -7.371  -8.697  8.431   1.00 9.52  ? 105 LEU A CD1 1 
ATOM   656  C  CD2 . LEU A 1 87  ? -6.336  -6.428  7.892   1.00 11.31 ? 105 LEU A CD2 1 
ATOM   657  N  N   . ILE A 1 88  ? -2.521  -6.361  10.483  1.00 8.03  ? 106 ILE A N   1 
ATOM   658  C  CA  . ILE A 1 88  ? -1.671  -6.129  11.645  1.00 8.79  ? 106 ILE A CA  1 
ATOM   659  C  C   . ILE A 1 88  ? -2.532  -5.429  12.698  1.00 9.65  ? 106 ILE A C   1 
ATOM   660  O  O   . ILE A 1 88  ? -3.081  -4.370  12.436  1.00 9.81  ? 106 ILE A O   1 
ATOM   661  C  CB  . ILE A 1 88  ? -0.511  -5.230  11.328  1.00 9.30  ? 106 ILE A CB  1 
ATOM   662  C  CG1 . ILE A 1 88  ? 0.470   -5.910  10.357  1.00 10.74 ? 106 ILE A CG1 1 
ATOM   663  C  CG2 . ILE A 1 88  ? 0.198   -4.929  12.615  1.00 10.29 ? 106 ILE A CG2 1 
ATOM   664  C  CD1 . ILE A 1 88  ? 1.397   -4.959  9.661   1.00 12.32 ? 106 ILE A CD1 1 
ATOM   665  N  N   . LYS A 1 89  ? -2.686  -6.058  13.867  1.00 9.84  ? 107 LYS A N   1 
ATOM   666  C  CA  . LYS A 1 89  ? -3.441  -5.453  14.993  1.00 7.81  ? 107 LYS A CA  1 
ATOM   667  C  C   . LYS A 1 89  ? -2.416  -4.700  15.861  1.00 7.76  ? 107 LYS A C   1 
ATOM   668  O  O   . LYS A 1 89  ? -1.329  -5.211  16.184  1.00 8.65  ? 107 LYS A O   1 
ATOM   669  C  CB  . LYS A 1 89  ? -4.125  -6.536  15.832  1.00 5.38  ? 107 LYS A CB  1 
ATOM   670  C  CG  . LYS A 1 89  ? -5.006  -5.954  16.940  1.00 6.86  ? 107 LYS A CG  1 
ATOM   671  C  CD  . LYS A 1 89  ? -5.753  -6.965  17.788  1.00 6.36  ? 107 LYS A CD  1 
ATOM   672  C  CE  . LYS A 1 89  ? -6.903  -6.268  18.514  1.00 10.29 ? 107 LYS A CE  1 
ATOM   673  N  NZ  . LYS A 1 89  ? -7.531  -7.226  19.460  1.00 12.53 ? 107 LYS A NZ  1 
ATOM   674  N  N   . LEU A 1 90  ? -2.746  -3.474  16.213  1.00 8.04  ? 108 LEU A N   1 
ATOM   675  C  CA  . LEU A 1 90  ? -1.893  -2.638  17.080  1.00 10.46 ? 108 LEU A CA  1 
ATOM   676  C  C   . LEU A 1 90  ? -2.075  -2.989  18.590  1.00 11.43 ? 108 LEU A C   1 
ATOM   677  O  O   . LEU A 1 90  ? -3.155  -3.398  19.019  1.00 12.30 ? 108 LEU A O   1 
ATOM   678  C  CB  . LEU A 1 90  ? -2.232  -1.138  16.913  1.00 10.83 ? 108 LEU A CB  1 
ATOM   679  C  CG  . LEU A 1 90  ? -2.177  -0.547  15.500  1.00 11.61 ? 108 LEU A CG  1 
ATOM   680  C  CD1 . LEU A 1 90  ? -2.631  0.890   15.569  1.00 12.01 ? 108 LEU A CD1 1 
ATOM   681  C  CD2 . LEU A 1 90  ? -0.827  -0.729  14.911  1.00 12.80 ? 108 LEU A CD2 1 
ATOM   682  N  N   . LYS A 1 91  ? -1.032  -2.813  19.390  1.00 13.86 ? 109 LYS A N   1 
ATOM   683  C  CA  . LYS A 1 91  ? -1.147  -3.138  20.838  1.00 15.45 ? 109 LYS A CA  1 
ATOM   684  C  C   . LYS A 1 91  ? -2.192  -2.267  21.542  1.00 15.07 ? 109 LYS A C   1 
ATOM   685  O  O   . LYS A 1 91  ? -2.916  -2.739  22.417  1.00 14.71 ? 109 LYS A O   1 
ATOM   686  C  CB  . LYS A 1 91  ? 0.190   -2.996  21.517  1.00 16.84 ? 109 LYS A CB  1 
ATOM   687  C  CG  . LYS A 1 91  ? 0.844   -4.284  21.520  1.00 22.70 ? 109 LYS A CG  1 
ATOM   688  C  CD  . LYS A 1 91  ? 2.296   -4.107  21.917  1.00 27.62 ? 109 LYS A CD  1 
ATOM   689  C  CE  . LYS A 1 91  ? 3.162   -5.388  21.538  1.00 29.72 ? 109 LYS A CE  1 
ATOM   690  N  NZ  . LYS A 1 91  ? 3.228   -6.445  22.622  1.00 31.56 ? 109 LYS A NZ  1 
ATOM   691  N  N   . SER A 1 92  ? -2.296  -1.002  21.142  1.00 15.49 ? 110 SER A N   1 
ATOM   692  C  CA  . SER A 1 92  ? -3.322  -0.114  21.692  1.00 16.75 ? 110 SER A CA  1 
ATOM   693  C  C   . SER A 1 92  ? -3.919  0.681   20.564  1.00 15.60 ? 110 SER A C   1 
ATOM   694  O  O   . SER A 1 92  ? -3.307  0.807   19.519  1.00 16.29 ? 110 SER A O   1 
ATOM   695  C  CB  . SER A 1 92  ? -2.720  0.871   22.690  1.00 20.01 ? 110 SER A CB  1 
ATOM   696  O  OG  . SER A 1 92  ? -1.527  1.436   22.126  1.00 24.37 ? 110 SER A OG  1 
ATOM   697  N  N   . ALA A 1 93  ? -5.084  1.257   20.764  1.00 14.79 ? 111 ALA A N   1 
ATOM   698  C  CA  . ALA A 1 93  ? -5.680  2.011   19.680  1.00 14.15 ? 111 ALA A CA  1 
ATOM   699  C  C   . ALA A 1 93  ? -4.945  3.322   19.438  1.00 13.72 ? 111 ALA A C   1 
ATOM   700  O  O   . ALA A 1 93  ? -4.468  3.944   20.388  1.00 14.21 ? 111 ALA A O   1 
ATOM   701  C  CB  . ALA A 1 93  ? -7.175  2.292   19.980  1.00 15.00 ? 111 ALA A CB  1 
ATOM   702  N  N   . ALA A 1 94  ? -4.873  3.730   18.158  1.00 12.77 ? 112 ALA A N   1 
ATOM   703  C  CA  . ALA A 1 94  ? -4.290  4.990   17.741  1.00 12.00 ? 112 ALA A CA  1 
ATOM   704  C  C   . ALA A 1 94  ? -5.304  6.069   18.098  1.00 13.89 ? 112 ALA A C   1 
ATOM   705  O  O   . ALA A 1 94  ? -6.513  5.809   18.154  1.00 15.90 ? 112 ALA A O   1 
ATOM   706  C  CB  . ALA A 1 94  ? -4.122  4.971   16.234  1.00 12.14 ? 112 ALA A CB  1 
ATOM   707  N  N   . SER A 1 95  ? -4.838  7.292   18.326  1.00 14.33 ? 113 SER A N   1 
ATOM   708  C  CA  . SER A 1 95  ? -5.687  8.458   18.607  1.00 15.04 ? 113 SER A CA  1 
ATOM   709  C  C   . SER A 1 95  ? -5.990  9.123   17.248  1.00 15.93 ? 113 SER A C   1 
ATOM   710  O  O   . SER A 1 95  ? -5.065  9.632   16.579  1.00 14.73 ? 113 SER A O   1 
ATOM   711  C  CB  . SER A 1 95  ? -4.903  9.465   19.434  1.00 16.90 ? 113 SER A CB  1 
ATOM   712  O  OG  . SER A 1 95  ? -5.717  10.600  19.679  1.00 23.60 ? 113 SER A OG  1 
ATOM   713  N  N   . LEU A 1 96  ? -7.257  9.137   16.841  1.00 15.15 ? 114 LEU A N   1 
ATOM   714  C  CA  . LEU A 1 96  ? -7.565  9.672   15.527  1.00 17.14 ? 114 LEU A CA  1 
ATOM   715  C  C   . LEU A 1 96  ? -7.955  11.126  15.564  1.00 20.68 ? 114 LEU A C   1 
ATOM   716  O  O   . LEU A 1 96  ? -8.797  11.566  16.348  1.00 22.17 ? 114 LEU A O   1 
ATOM   717  C  CB  . LEU A 1 96  ? -8.647  8.855   14.858  1.00 16.50 ? 114 LEU A CB  1 
ATOM   718  C  CG  . LEU A 1 96  ? -8.494  7.330   14.903  1.00 16.65 ? 114 LEU A CG  1 
ATOM   719  C  CD1 . LEU A 1 96  ? -9.636  6.557   14.261  1.00 19.16 ? 114 LEU A CD1 1 
ATOM   720  C  CD2 . LEU A 1 96  ? -7.293  7.022   14.167  1.00 18.11 ? 114 LEU A CD2 1 
ATOM   721  N  N   . ASN A 1 97  ? -7.308  11.883  14.677  1.00 22.96 ? 115 ASN A N   1 
ATOM   722  C  CA  . ASN A 1 97  ? -7.522  13.342  14.513  1.00 23.55 ? 115 ASN A CA  1 
ATOM   723  C  C   . ASN A 1 97  ? -7.517  13.655  12.986  1.00 23.79 ? 115 ASN A C   1 
ATOM   724  O  O   . ASN A 1 97  ? -7.701  12.758  12.156  1.00 24.51 ? 115 ASN A O   1 
ATOM   725  C  CB  . ASN A 1 97  ? -6.373  14.086  15.201  1.00 24.14 ? 115 ASN A CB  1 
ATOM   726  C  CG  . ASN A 1 97  ? -4.987  13.441  14.891  1.00 27.29 ? 115 ASN A CG  1 
ATOM   727  O  OD1 . ASN A 1 97  ? -4.554  13.406  13.726  1.00 25.64 ? 115 ASN A OD1 1 
ATOM   728  N  ND2 . ASN A 1 97  ? -4.315  12.896  15.935  1.00 26.67 ? 115 ASN A ND2 1 
ATOM   729  N  N   . SER A 1 98  ? -7.336  14.917  12.595  1.00 23.10 ? 116 SER A N   1 
ATOM   730  C  CA  . SER A 1 98  ? -7.323  15.250  11.161  1.00 23.34 ? 116 SER A CA  1 
ATOM   731  C  C   . SER A 1 98  ? -6.040  14.758  10.425  1.00 21.95 ? 116 SER A C   1 
ATOM   732  O  O   . SER A 1 98  ? -6.058  14.624  9.203   1.00 23.09 ? 116 SER A O   1 
ATOM   733  C  CB  . SER A 1 98  ? -7.453  16.789  10.952  1.00 25.20 ? 116 SER A CB  1 
ATOM   734  O  OG  . SER A 1 98  ? -6.412  17.482  11.665  1.00 27.63 ? 116 SER A OG  1 
ATOM   735  N  N   . ARG A 1 99  ? -4.939  14.511  11.148  1.00 20.40 ? 117 ARG A N   1 
ATOM   736  C  CA  . ARG A 1 99  ? -3.697  14.046  10.540  1.00 18.44 ? 117 ARG A CA  1 
ATOM   737  C  C   . ARG A 1 99  ? -3.475  12.567  10.685  1.00 16.35 ? 117 ARG A C   1 
ATOM   738  O  O   . ARG A 1 99  ? -2.508  12.045  10.080  1.00 17.75 ? 117 ARG A O   1 
ATOM   739  C  CB  . ARG A 1 99  ? -2.508  14.839  11.086  1.00 21.42 ? 117 ARG A CB  1 
ATOM   740  C  CG  . ARG A 1 99  ? -2.860  16.337  11.294  1.00 26.12 ? 117 ARG A CG  1 
ATOM   741  C  CD  . ARG A 1 99  ? -1.849  17.118  12.073  1.00 29.52 ? 117 ARG A CD  1 
ATOM   742  N  NE  . ARG A 1 99  ? -0.798  17.496  11.152  1.00 34.30 ? 117 ARG A NE  1 
ATOM   743  C  CZ  . ARG A 1 99  ? -0.702  18.691  10.552  1.00 35.01 ? 117 ARG A CZ  1 
ATOM   744  N  NH1 . ARG A 1 99  ? -1.630  19.645  10.803  1.00 35.22 ? 117 ARG A NH1 1 
ATOM   745  N  NH2 . ARG A 1 99  ? 0.295   18.892  9.652   1.00 33.85 ? 117 ARG A NH2 1 
ATOM   746  N  N   . VAL A 1 100 ? -4.265  11.877  11.521  1.00 13.92 ? 118 VAL A N   1 
ATOM   747  C  CA  . VAL A 1 100 ? -4.171  10.396  11.635  1.00 12.14 ? 118 VAL A CA  1 
ATOM   748  C  C   . VAL A 1 100 ? -5.648  10.009  11.601  1.00 12.02 ? 118 VAL A C   1 
ATOM   749  O  O   . VAL A 1 100 ? -6.395  10.298  12.534  1.00 10.91 ? 118 VAL A O   1 
ATOM   750  C  CB  . VAL A 1 100 ? -3.444  9.858   12.947  1.00 11.41 ? 118 VAL A CB  1 
ATOM   751  C  CG1 . VAL A 1 100 ? -3.546  8.350   13.027  1.00 10.49 ? 118 VAL A CG1 1 
ATOM   752  C  CG2 . VAL A 1 100 ? -2.001  10.268  12.983  1.00 11.44 ? 118 VAL A CG2 1 
ATOM   753  N  N   . ALA A 1 101 ? -6.033  9.363   10.481  1.00 11.80 ? 119 ALA A N   1 
ATOM   754  C  CA  . ALA A 1 101 ? -7.413  8.955   10.098  1.00 11.77 ? 119 ALA A CA  1 
ATOM   755  C  C   . ALA A 1 101 ? -7.482  7.601   9.419   1.00 11.41 ? 119 ALA A C   1 
ATOM   756  O  O   . ALA A 1 101 ? -6.537  7.183   8.752   1.00 12.16 ? 119 ALA A O   1 
ATOM   757  C  CB  . ALA A 1 101 ? -7.935  9.956   9.144   1.00 12.34 ? 119 ALA A CB  1 
ATOM   758  N  N   . SER A 1 102 ? -8.578  6.886   9.551   1.00 12.04 ? 120 SER A N   1 
ATOM   759  C  CA  . SER A 1 102 ? -8.632  5.597   8.851   1.00 11.53 ? 120 SER A CA  1 
ATOM   760  C  C   . SER A 1 102 ? -9.167  5.874   7.478   1.00 11.82 ? 120 SER A C   1 
ATOM   761  O  O   . SER A 1 102 ? -9.713  6.946   7.209   1.00 10.96 ? 120 SER A O   1 
ATOM   762  C  CB  . SER A 1 102 ? -9.550  4.590   9.528   1.00 11.35 ? 120 SER A CB  1 
ATOM   763  O  OG  . SER A 1 102 ? -10.733 5.237   9.884   1.00 16.44 ? 120 SER A OG  1 
ATOM   764  N  N   . ILE A 1 103 ? -8.946  4.902   6.598   1.00 11.45 ? 121 ILE A N   1 
ATOM   765  C  CA  . ILE A 1 103 ? -9.438  4.968   5.212   1.00 12.41 ? 121 ILE A CA  1 
ATOM   766  C  C   . ILE A 1 103 ? -10.530 3.886   5.153   1.00 13.32 ? 121 ILE A C   1 
ATOM   767  O  O   . ILE A 1 103 ? -10.361 2.764   5.679   1.00 13.66 ? 121 ILE A O   1 
ATOM   768  C  CB  . ILE A 1 103 ? -8.310  4.723   4.166   1.00 12.03 ? 121 ILE A CB  1 
ATOM   769  C  CG1 . ILE A 1 103 ? -8.859  5.005   2.744   1.00 12.95 ? 121 ILE A CG1 1 
ATOM   770  C  CG2 . ILE A 1 103 ? -7.671  3.336   4.392   1.00 12.23 ? 121 ILE A CG2 1 
ATOM   771  C  CD1 . ILE A 1 103 ? -9.393  6.467   2.548   1.00 13.47 ? 121 ILE A CD1 1 
ATOM   772  N  N   . SER A 1 104 ? -11.632 4.242   4.520   1.00 11.27 ? 122 SER A N   1 
ATOM   773  C  CA  . SER A 1 104 ? -12.743 3.343   4.358   1.00 14.68 ? 122 SER A CA  1 
ATOM   774  C  C   . SER A 1 104 ? -12.491 2.135   3.372   1.00 14.06 ? 122 SER A C   1 
ATOM   775  O  O   . SER A 1 104 ? -11.809 2.292   2.357   1.00 12.45 ? 122 SER A O   1 
ATOM   776  C  CB  . SER A 1 104 ? -13.883 4.198   3.857   1.00 17.81 ? 122 SER A CB  1 
ATOM   777  O  OG  . SER A 1 104 ? -15.058 3.486   4.002   1.00 27.63 ? 122 SER A OG  1 
ATOM   778  N  N   . LEU A 1 105 ? -13.006 0.945   3.724   1.00 13.83 ? 123 LEU A N   1 
ATOM   779  C  CA  . LEU A 1 105 ? -12.904 -0.270  2.897   1.00 14.73 ? 123 LEU A CA  1 
ATOM   780  C  C   . LEU A 1 105 ? -13.936 -0.105  1.747   1.00 15.01 ? 123 LEU A C   1 
ATOM   781  O  O   . LEU A 1 105 ? -14.994 0.502   1.895   1.00 15.33 ? 123 LEU A O   1 
ATOM   782  C  CB  . LEU A 1 105 ? -13.258 -1.523  3.734   1.00 13.36 ? 123 LEU A CB  1 
ATOM   783  C  CG  . LEU A 1 105 ? -12.243 -1.935  4.790   1.00 13.15 ? 123 LEU A CG  1 
ATOM   784  C  CD1 . LEU A 1 105 ? -12.691 -3.203  5.430   1.00 14.35 ? 123 LEU A CD1 1 
ATOM   785  C  CD2 . LEU A 1 105 ? -10.935 -2.183  4.105   1.00 13.77 ? 123 LEU A CD2 1 
ATOM   786  N  N   . PRO A 1 106 ? -13.638 -0.642  0.596   1.00 15.11 ? 124 PRO A N   1 
ATOM   787  C  CA  . PRO A 1 106 ? -14.588 -0.499  -0.510  1.00 16.26 ? 124 PRO A CA  1 
ATOM   788  C  C   . PRO A 1 106 ? -15.894 -1.268  -0.379  1.00 17.99 ? 124 PRO A C   1 
ATOM   789  O  O   . PRO A 1 106 ? -15.929 -2.352  0.195   1.00 16.36 ? 124 PRO A O   1 
ATOM   790  C  CB  . PRO A 1 106 ? -13.790 -1.000  -1.708  1.00 15.80 ? 124 PRO A CB  1 
ATOM   791  C  CG  . PRO A 1 106 ? -12.846 -1.956  -1.121  1.00 16.07 ? 124 PRO A CG  1 
ATOM   792  C  CD  . PRO A 1 106 ? -12.432 -1.381  0.213   1.00 14.42 ? 124 PRO A CD  1 
ATOM   793  N  N   . THR A 1 107 ? -16.979 -0.719  -0.937  1.00 20.50 ? 125 THR A N   1 
ATOM   794  C  CA  . THR A 1 107 ? -18.275 -1.436  -0.949  1.00 23.57 ? 125 THR A CA  1 
ATOM   795  C  C   . THR A 1 107 ? -18.409 -2.094  -2.400  1.00 24.34 ? 125 THR A C   1 
ATOM   796  O  O   . THR A 1 107 ? -19.224 -3.014  -2.632  1.00 25.91 ? 125 THR A O   1 
ATOM   797  C  CB  . THR A 1 107 ? -19.513 -0.492  -0.615  1.00 23.28 ? 125 THR A CB  1 
ATOM   798  O  OG1 . THR A 1 107 ? -20.456 -0.555  -1.672  1.00 27.45 ? 125 THR A OG1 1 
ATOM   799  C  CG2 . THR A 1 107 ? -19.102 0.941   -0.501  1.00 25.99 ? 125 THR A CG2 1 
ATOM   800  N  N   . SER A 1 108 ? -17.602 -1.645  -3.373  1.00 23.51 ? 127 SER A N   1 
ATOM   801  C  CA  . SER A 1 108 ? -17.664 -2.235  -4.705  1.00 21.69 ? 127 SER A CA  1 
ATOM   802  C  C   . SER A 1 108 ? -16.277 -2.165  -5.301  1.00 19.36 ? 127 SER A C   1 
ATOM   803  O  O   . SER A 1 108 ? -15.462 -1.385  -4.843  1.00 19.64 ? 127 SER A O   1 
ATOM   804  C  CB  . SER A 1 108 ? -18.603 -1.432  -5.572  1.00 23.39 ? 127 SER A CB  1 
ATOM   805  O  OG  . SER A 1 108 ? -17.978 -0.183  -5.816  1.00 30.34 ? 127 SER A OG  1 
ATOM   806  N  N   . CYS A 1 109 ? -16.026 -2.948  -6.340  1.00 17.58 ? 128 CYS A N   1 
ATOM   807  C  CA  . CYS A 1 109 ? -14.733 -2.909  -7.000  1.00 16.56 ? 128 CYS A CA  1 
ATOM   808  C  C   . CYS A 1 109 ? -14.681 -1.726  -7.897  1.00 16.29 ? 128 CYS A C   1 
ATOM   809  O  O   . CYS A 1 109 ? -15.695 -1.304  -8.422  1.00 17.78 ? 128 CYS A O   1 
ATOM   810  C  CB  . CYS A 1 109 ? -14.468 -4.206  -7.770  1.00 14.31 ? 128 CYS A CB  1 
ATOM   811  S  SG  . CYS A 1 109 ? -14.450 -5.625  -6.687  1.00 15.07 ? 128 CYS A SG  1 
ATOM   812  N  N   . ALA A 1 110 ? -13.502 -1.140  -8.037  1.00 15.16 ? 129 ALA A N   1 
ATOM   813  C  CA  . ALA A 1 110 ? -13.352 0.044   -8.888  1.00 17.58 ? 129 ALA A CA  1 
ATOM   814  C  C   . ALA A 1 110 ? -13.078 -0.368  -10.333 1.00 17.82 ? 129 ALA A C   1 
ATOM   815  O  O   . ALA A 1 110 ? -12.543 -1.431  -10.604 1.00 19.25 ? 129 ALA A O   1 
ATOM   816  C  CB  . ALA A 1 110 ? -12.223 1.012   -8.363  1.00 17.35 ? 129 ALA A CB  1 
ATOM   817  N  N   . SER A 1 111 ? -13.418 0.508   -11.248 1.00 17.91 ? 130 SER A N   1 
ATOM   818  C  CA  . SER A 1 111 ? -13.297 0.227   -12.687 1.00 17.85 ? 130 SER A CA  1 
ATOM   819  C  C   . SER A 1 111 ? -12.020 0.780   -13.371 1.00 15.73 ? 130 SER A C   1 
ATOM   820  O  O   . SER A 1 111 ? -11.472 1.791   -12.921 1.00 13.34 ? 130 SER A O   1 
ATOM   821  C  CB  . SER A 1 111 ? -14.582 0.833   -13.378 1.00 18.13 ? 130 SER A CB  1 
ATOM   822  O  OG  . SER A 1 111 ? -15.778 0.170   -12.913 1.00 19.69 ? 130 SER A OG  1 
ATOM   823  N  N   . ALA A 1 112 ? -11.561 0.080   -14.439 1.00 15.52 ? 132 ALA A N   1 
ATOM   824  C  CA  . ALA A 1 112 ? -10.441 0.525   -15.301 1.00 15.30 ? 132 ALA A CA  1 
ATOM   825  C  C   . ALA A 1 112 ? -10.776 1.959   -15.643 1.00 14.99 ? 132 ALA A C   1 
ATOM   826  O  O   . ALA A 1 112 ? -11.933 2.272   -15.913 1.00 16.74 ? 132 ALA A O   1 
ATOM   827  C  CB  . ALA A 1 112 ? -10.434 -0.268  -16.593 1.00 16.53 ? 132 ALA A CB  1 
ATOM   828  N  N   . GLY A 1 113 ? -9.824  2.843   -15.617 1.00 14.40 ? 133 GLY A N   1 
ATOM   829  C  CA  . GLY A 1 113 ? -10.160 4.193   -15.935 1.00 15.16 ? 133 GLY A CA  1 
ATOM   830  C  C   . GLY A 1 113 ? -10.259 5.093   -14.743 1.00 17.33 ? 133 GLY A C   1 
ATOM   831  O  O   . GLY A 1 113 ? -10.053 6.303   -14.863 1.00 18.60 ? 133 GLY A O   1 
ATOM   832  N  N   . THR A 1 114 ? -10.547 4.511   -13.584 1.00 17.10 ? 134 THR A N   1 
ATOM   833  C  CA  . THR A 1 114 ? -10.660 5.288   -12.368 1.00 17.25 ? 134 THR A CA  1 
ATOM   834  C  C   . THR A 1 114 ? -9.278  5.773   -11.971 1.00 14.75 ? 134 THR A C   1 
ATOM   835  O  O   . THR A 1 114 ? -8.317  5.032   -12.045 1.00 13.63 ? 134 THR A O   1 
ATOM   836  C  CB  . THR A 1 114 ? -11.291 4.432   -11.235 1.00 18.58 ? 134 THR A CB  1 
ATOM   837  O  OG1 . THR A 1 114 ? -12.598 3.962   -11.638 1.00 21.18 ? 134 THR A OG1 1 
ATOM   838  C  CG2 . THR A 1 114 ? -11.492 5.274   -10.004 1.00 19.56 ? 134 THR A CG2 1 
ATOM   839  N  N   . GLN A 1 115 ? -9.210  7.037   -11.587 1.00 14.40 ? 135 GLN A N   1 
ATOM   840  C  CA  . GLN A 1 115 ? -7.964  7.653   -11.161 1.00 16.10 ? 135 GLN A CA  1 
ATOM   841  C  C   . GLN A 1 115 ? -7.830  7.411   -9.618  1.00 14.87 ? 135 GLN A C   1 
ATOM   842  O  O   . GLN A 1 115 ? -8.780  7.510   -8.823  1.00 14.62 ? 135 GLN A O   1 
ATOM   843  C  CB  . GLN A 1 115 ? -7.960  9.140   -11.494 1.00 19.19 ? 135 GLN A CB  1 
ATOM   844  C  CG  . GLN A 1 115 ? -6.630  9.842   -11.282 1.00 25.18 ? 135 GLN A CG  1 
ATOM   845  C  CD  . GLN A 1 115 ? -6.818  11.329  -10.789 1.00 30.04 ? 135 GLN A CD  1 
ATOM   846  O  OE1 . GLN A 1 115 ? -6.874  11.622  -9.567  1.00 34.66 ? 135 GLN A OE1 1 
ATOM   847  N  NE2 . GLN A 1 115 ? -6.928  12.243  -11.727 1.00 30.97 ? 135 GLN A NE2 1 
ATOM   848  N  N   . CYS A 1 116 ? -6.630  7.057   -9.210  1.00 12.95 ? 136 CYS A N   1 
ATOM   849  C  CA  . CYS A 1 116 ? -6.346  6.701   -7.795  1.00 11.59 ? 136 CYS A CA  1 
ATOM   850  C  C   . CYS A 1 116 ? -5.094  7.396   -7.262  1.00 9.82  ? 136 CYS A C   1 
ATOM   851  O  O   . CYS A 1 116 ? -4.326  7.897   -8.043  1.00 10.95 ? 136 CYS A O   1 
ATOM   852  C  CB  . CYS A 1 116 ? -6.147  5.184   -7.678  1.00 10.06 ? 136 CYS A CB  1 
ATOM   853  S  SG  . CYS A 1 116 ? -7.492  4.197   -8.319  1.00 13.14 ? 136 CYS A SG  1 
ATOM   854  N  N   . LEU A 1 117 ? -4.888  7.426   -5.940  1.00 8.80  ? 137 LEU A N   1 
ATOM   855  C  CA  . LEU A 1 117 ? -3.710  8.062   -5.382  1.00 7.62  ? 137 LEU A CA  1 
ATOM   856  C  C   . LEU A 1 117 ? -2.850  6.938   -4.767  1.00 7.08  ? 137 LEU A C   1 
ATOM   857  O  O   . LEU A 1 117 ? -3.345  6.141   -3.950  1.00 7.60  ? 137 LEU A O   1 
ATOM   858  C  CB  . LEU A 1 117 ? -4.158  9.066   -4.326  1.00 8.43  ? 137 LEU A CB  1 
ATOM   859  C  CG  . LEU A 1 117 ? -3.009  9.731   -3.560  1.00 9.61  ? 137 LEU A CG  1 
ATOM   860  C  CD1 . LEU A 1 117 ? -2.267  10.543  -4.426  1.00 9.84  ? 137 LEU A CD1 1 
ATOM   861  C  CD2 . LEU A 1 117 ? -3.513  10.552  -2.409  1.00 12.87 ? 137 LEU A CD2 1 
ATOM   862  N  N   . ILE A 1 118 ? -1.603  6.846   -5.175  1.00 5.59  ? 138 ILE A N   1 
ATOM   863  C  CA  . ILE A 1 118 ? -0.695  5.816   -4.649  1.00 7.22  ? 138 ILE A CA  1 
ATOM   864  C  C   . ILE A 1 118 ? 0.401   6.584   -3.859  1.00 7.92  ? 138 ILE A C   1 
ATOM   865  O  O   . ILE A 1 118 ? 0.906   7.607   -4.320  1.00 8.14  ? 138 ILE A O   1 
ATOM   866  C  CB  . ILE A 1 118 ? -0.067  5.019   -5.774  1.00 8.39  ? 138 ILE A CB  1 
ATOM   867  C  CG1 . ILE A 1 118 ? -1.218  4.394   -6.638  1.00 10.94 ? 138 ILE A CG1 1 
ATOM   868  C  CG2 . ILE A 1 118 ? 0.891   3.896   -5.229  1.00 7.46  ? 138 ILE A CG2 1 
ATOM   869  C  CD1 . ILE A 1 118 ? -0.751  3.836   -7.995  1.00 10.81 ? 138 ILE A CD1 1 
ATOM   870  N  N   . SER A 1 119 ? 0.767   6.120   -2.667  1.00 7.84  ? 139 SER A N   1 
ATOM   871  C  CA  . SER A 1 119 ? 1.752   6.898   -1.885  1.00 7.54  ? 139 SER A CA  1 
ATOM   872  C  C   . SER A 1 119 ? 2.764   5.970   -1.173  1.00 8.62  ? 139 SER A C   1 
ATOM   873  O  O   . SER A 1 119 ? 2.502   4.773   -0.993  1.00 8.81  ? 139 SER A O   1 
ATOM   874  C  CB  . SER A 1 119 ? 1.001   7.771   -0.887  1.00 5.00  ? 139 SER A CB  1 
ATOM   875  O  OG  . SER A 1 119 ? 0.040   7.025   -0.175  1.00 5.85  ? 139 SER A OG  1 
ATOM   876  N  N   . GLY A 1 120 ? 3.929   6.517   -0.829  1.00 8.49  ? 140 GLY A N   1 
ATOM   877  C  CA  . GLY A 1 120 ? 4.912   5.726   -0.137  1.00 8.57  ? 140 GLY A CA  1 
ATOM   878  C  C   . GLY A 1 120 ? 6.266   6.433   -0.078  1.00 8.95  ? 140 GLY A C   1 
ATOM   879  O  O   . GLY A 1 120 ? 6.543   7.466   -0.723  1.00 8.85  ? 140 GLY A O   1 
ATOM   880  N  N   . TRP A 1 121 ? 7.159   5.791   0.677   1.00 8.82  ? 141 TRP A N   1 
ATOM   881  C  CA  . TRP A 1 121 ? 8.528   6.281   0.894   1.00 8.65  ? 141 TRP A CA  1 
ATOM   882  C  C   . TRP A 1 121 ? 9.514   5.385   0.099   1.00 9.64  ? 141 TRP A C   1 
ATOM   883  O  O   . TRP A 1 121 ? 10.703  5.325   0.420   1.00 10.72 ? 141 TRP A O   1 
ATOM   884  C  CB  . TRP A 1 121 ? 8.880   6.210   2.432   1.00 8.56  ? 141 TRP A CB  1 
ATOM   885  C  CG  . TRP A 1 121 ? 8.187   7.280   3.317   1.00 7.14  ? 141 TRP A CG  1 
ATOM   886  C  CD1 . TRP A 1 121 ? 8.597   8.561   3.491   1.00 6.58  ? 141 TRP A CD1 1 
ATOM   887  C  CD2 . TRP A 1 121 ? 7.022   7.113   4.110   1.00 8.16  ? 141 TRP A CD2 1 
ATOM   888  N  NE1 . TRP A 1 121 ? 7.763   9.208   4.353   1.00 6.79  ? 141 TRP A NE1 1 
ATOM   889  C  CE2 . TRP A 1 121 ? 6.783   8.346   4.754   1.00 7.41  ? 141 TRP A CE2 1 
ATOM   890  C  CE3 . TRP A 1 121 ? 6.150   6.035   4.362   1.00 7.20  ? 141 TRP A CE3 1 
ATOM   891  C  CZ2 . TRP A 1 121 ? 5.717   8.538   5.624   1.00 9.02  ? 141 TRP A CZ2 1 
ATOM   892  C  CZ3 . TRP A 1 121 ? 5.099   6.240   5.235   1.00 8.24  ? 141 TRP A CZ3 1 
ATOM   893  C  CH2 . TRP A 1 121 ? 4.889   7.473   5.849   1.00 8.52  ? 141 TRP A CH2 1 
ATOM   894  N  N   . GLY A 1 122 ? 9.028   4.653   -0.897  1.00 8.45  ? 142 GLY A N   1 
ATOM   895  C  CA  . GLY A 1 122 ? 9.974   3.819   -1.669  1.00 8.94  ? 142 GLY A CA  1 
ATOM   896  C  C   . GLY A 1 122 ? 10.912  4.556   -2.631  1.00 8.48  ? 142 GLY A C   1 
ATOM   897  O  O   . GLY A 1 122 ? 10.920  5.792   -2.777  1.00 8.05  ? 142 GLY A O   1 
ATOM   898  N  N   . ASN A 1 123 ? 11.746  3.765   -3.288  1.00 9.87  ? 143 ASN A N   1 
ATOM   899  C  CA  . ASN A 1 123 ? 12.723  4.284   -4.242  1.00 11.45 ? 143 ASN A CA  1 
ATOM   900  C  C   . ASN A 1 123 ? 12.039  5.221   -5.265  1.00 12.36 ? 143 ASN A C   1 
ATOM   901  O  O   . ASN A 1 123 ? 10.879  4.954   -5.709  1.00 10.87 ? 143 ASN A O   1 
ATOM   902  C  CB  . ASN A 1 123 ? 13.366  3.107   -4.945  1.00 9.76  ? 143 ASN A CB  1 
ATOM   903  C  CG  . ASN A 1 123 ? 14.561  3.470   -5.717  1.00 12.14 ? 143 ASN A CG  1 
ATOM   904  O  OD1 . ASN A 1 123 ? 15.016  4.590   -5.788  1.00 13.02 ? 143 ASN A OD1 1 
ATOM   905  N  ND2 . ASN A 1 123 ? 15.115  2.470   -6.337  1.00 15.51 ? 143 ASN A ND2 1 
ATOM   906  N  N   . THR A 1 124 ? 12.749  6.299   -5.637  1.00 12.23 ? 144 THR A N   1 
ATOM   907  C  CA  . THR A 1 124 ? 12.233  7.293   -6.576  1.00 14.04 ? 144 THR A CA  1 
ATOM   908  C  C   . THR A 1 124 ? 12.937  7.232   -7.957  1.00 16.35 ? 144 THR A C   1 
ATOM   909  O  O   . THR A 1 124 ? 12.646  8.050   -8.821  1.00 16.20 ? 144 THR A O   1 
ATOM   910  C  CB  . THR A 1 124 ? 12.400  8.735   -6.041  1.00 14.07 ? 144 THR A CB  1 
ATOM   911  O  OG1 . THR A 1 124 ? 13.801  9.005   -5.854  1.00 13.24 ? 144 THR A OG1 1 
ATOM   912  C  CG2 . THR A 1 124 ? 11.590  8.949   -4.689  1.00 13.37 ? 144 THR A CG2 1 
ATOM   913  N  N   . LYS A 1 125 ? 13.845  6.278   -8.176  1.00 18.34 ? 145 LYS A N   1 
ATOM   914  C  CA  . LYS A 1 125 ? 14.530  6.156   -9.470  1.00 21.91 ? 145 LYS A CA  1 
ATOM   915  C  C   . LYS A 1 125 ? 14.305  4.767   -10.178 1.00 23.02 ? 145 LYS A C   1 
ATOM   916  O  O   . LYS A 1 125 ? 14.133  3.754   -9.510  1.00 21.56 ? 145 LYS A O   1 
ATOM   917  C  CB  . LYS A 1 125 ? 16.033  6.462   -9.268  1.00 23.69 ? 145 LYS A CB  1 
ATOM   918  C  CG  . LYS A 1 125 ? 16.228  7.936   -8.797  1.00 28.39 ? 145 LYS A CG  1 
ATOM   919  C  CD  . LYS A 1 125 ? 17.401  8.684   -9.457  1.00 32.08 ? 145 LYS A CD  1 
ATOM   920  C  CE  . LYS A 1 125 ? 18.516  7.680   -9.828  1.00 34.24 ? 145 LYS A CE  1 
ATOM   921  N  NZ  . LYS A 1 125 ? 19.971  8.159   -9.629  1.00 37.64 ? 145 LYS A NZ  1 
ATOM   922  N  N   . SER A 1 126 ? 14.255  4.714   -11.522 1.00 25.53 ? 146 SER A N   1 
ATOM   923  C  CA  . SER A 1 126 ? 14.093  3.395   -12.181 1.00 29.45 ? 146 SER A CA  1 
ATOM   924  C  C   . SER A 1 126 ? 15.419  2.693   -12.498 1.00 31.01 ? 146 SER A C   1 
ATOM   925  O  O   . SER A 1 126 ? 15.450  1.505   -12.864 1.00 30.85 ? 146 SER A O   1 
ATOM   926  C  CB  . SER A 1 126 ? 13.262  3.488   -13.461 1.00 31.19 ? 146 SER A CB  1 
ATOM   927  O  OG  . SER A 1 126 ? 13.089  4.847   -13.853 1.00 36.97 ? 146 SER A OG  1 
ATOM   928  N  N   . SER A 1 127 ? 16.515  3.428   -12.351 1.00 32.51 ? 147 SER A N   1 
ATOM   929  C  CA  . SER A 1 127 ? 17.828  2.860   -12.588 1.00 35.14 ? 147 SER A CA  1 
ATOM   930  C  C   . SER A 1 127 ? 18.693  2.765   -11.340 1.00 34.86 ? 147 SER A C   1 
ATOM   931  O  O   . SER A 1 127 ? 19.203  1.704   -10.984 1.00 37.41 ? 147 SER A O   1 
ATOM   932  C  CB  . SER A 1 127 ? 18.553  3.689   -13.632 1.00 37.41 ? 147 SER A CB  1 
ATOM   933  O  OG  . SER A 1 127 ? 18.263  3.115   -14.887 1.00 41.04 ? 147 SER A OG  1 
ATOM   934  N  N   . GLY A 1 128 ? 18.881  3.871   -10.669 1.00 33.75 ? 148 GLY A N   1 
ATOM   935  C  CA  . GLY A 1 128 ? 19.708  3.755   -9.495  1.00 32.76 ? 148 GLY A CA  1 
ATOM   936  C  C   . GLY A 1 128 ? 18.826  3.545   -8.300  1.00 31.09 ? 148 GLY A C   1 
ATOM   937  O  O   . GLY A 1 128 ? 17.739  2.931   -8.394  1.00 29.12 ? 148 GLY A O   1 
ATOM   938  N  N   . THR A 1 129 ? 19.295  4.093   -7.174  1.00 29.41 ? 149 THR A N   1 
ATOM   939  C  CA  . THR A 1 129 ? 18.586  4.012   -5.893  1.00 27.16 ? 149 THR A CA  1 
ATOM   940  C  C   . THR A 1 129 ? 18.574  5.370   -5.165  1.00 25.03 ? 149 THR A C   1 
ATOM   941  O  O   . THR A 1 129 ? 19.631  6.000   -5.041  1.00 24.81 ? 149 THR A O   1 
ATOM   942  C  CB  . THR A 1 129 ? 19.271  2.959   -4.997  1.00 28.87 ? 149 THR A CB  1 
ATOM   943  O  OG1 . THR A 1 129 ? 18.874  1.645   -5.436  1.00 30.68 ? 149 THR A OG1 1 
ATOM   944  C  CG2 . THR A 1 129 ? 18.885  3.146   -3.517  1.00 29.48 ? 149 THR A CG2 1 
ATOM   945  N  N   . SER A 1 130 ? 17.402  5.852   -4.747  1.00 20.24 ? 150 SER A N   1 
ATOM   946  C  CA  . SER A 1 130 ? 17.348  7.082   -4.006  1.00 17.39 ? 150 SER A CA  1 
ATOM   947  C  C   . SER A 1 130 ? 16.043  7.100   -3.223  1.00 16.61 ? 150 SER A C   1 
ATOM   948  O  O   . SER A 1 130 ? 15.005  7.326   -3.776  1.00 17.00 ? 150 SER A O   1 
ATOM   949  C  CB  . SER A 1 130 ? 17.410  8.294   -4.883  1.00 18.10 ? 150 SER A CB  1 
ATOM   950  O  OG  . SER A 1 130 ? 17.276  9.452   -4.058  1.00 21.08 ? 150 SER A OG  1 
ATOM   951  N  N   . TYR A 1 131 ? 16.132  6.868   -1.915  1.00 14.27 ? 151 TYR A N   1 
ATOM   952  C  CA  . TYR A 1 131 ? 15.002  6.813   -1.061  1.00 13.63 ? 151 TYR A CA  1 
ATOM   953  C  C   . TYR A 1 131 ? 14.772  8.152   -0.452  1.00 13.04 ? 151 TYR A C   1 
ATOM   954  O  O   . TYR A 1 131 ? 15.706  8.739   0.063   1.00 13.45 ? 151 TYR A O   1 
ATOM   955  C  CB  . TYR A 1 131 ? 15.275  5.802   -0.041  1.00 14.27 ? 151 TYR A CB  1 
ATOM   956  C  CG  . TYR A 1 131 ? 15.203  4.438   -0.624  1.00 15.03 ? 151 TYR A CG  1 
ATOM   957  C  CD1 . TYR A 1 131 ? 16.286  3.884   -1.304  1.00 16.95 ? 151 TYR A CD1 1 
ATOM   958  C  CD2 . TYR A 1 131 ? 14.051  3.689   -0.481  1.00 16.28 ? 151 TYR A CD2 1 
ATOM   959  C  CE1 . TYR A 1 131 ? 16.214  2.615   -1.827  1.00 17.86 ? 151 TYR A CE1 1 
ATOM   960  C  CE2 . TYR A 1 131 ? 13.957  2.443   -0.988  1.00 17.40 ? 151 TYR A CE2 1 
ATOM   961  C  CZ  . TYR A 1 131 ? 15.039  1.909   -1.660  1.00 19.16 ? 151 TYR A CZ  1 
ATOM   962  O  OH  . TYR A 1 131 ? 14.904  0.637   -2.171  1.00 23.44 ? 151 TYR A OH  1 
ATOM   963  N  N   . PRO A 1 132 ? 13.529  8.688   -0.542  1.00 13.07 ? 152 PRO A N   1 
ATOM   964  C  CA  . PRO A 1 132 ? 13.150  10.009  0.006   1.00 12.61 ? 152 PRO A CA  1 
ATOM   965  C  C   . PRO A 1 132 ? 12.907  9.950   1.515   1.00 13.13 ? 152 PRO A C   1 
ATOM   966  O  O   . PRO A 1 132 ? 12.584  8.886   2.071   1.00 14.27 ? 152 PRO A O   1 
ATOM   967  C  CB  . PRO A 1 132 ? 11.840  10.331  -0.713  1.00 10.82 ? 152 PRO A CB  1 
ATOM   968  C  CG  . PRO A 1 132 ? 11.201  8.957   -0.854  1.00 11.66 ? 152 PRO A CG  1 
ATOM   969  C  CD  . PRO A 1 132 ? 12.353  8.000   -1.130  1.00 12.65 ? 152 PRO A CD  1 
ATOM   970  N  N   . ASP A 1 133 ? 13.015  11.079  2.173   1.00 13.39 ? 153 ASP A N   1 
ATOM   971  C  CA  . ASP A 1 133 ? 12.723  11.078  3.573   1.00 12.98 ? 153 ASP A CA  1 
ATOM   972  C  C   . ASP A 1 133 ? 11.242  11.409  3.802   1.00 11.72 ? 153 ASP A C   1 
ATOM   973  O  O   . ASP A 1 133 ? 10.694  10.985  4.820   1.00 12.32 ? 153 ASP A O   1 
ATOM   974  C  CB  . ASP A 1 133 ? 13.590  12.112  4.298   1.00 16.21 ? 153 ASP A CB  1 
ATOM   975  C  CG  . ASP A 1 133 ? 15.023  11.677  4.416   1.00 20.59 ? 153 ASP A CG  1 
ATOM   976  O  OD1 . ASP A 1 133 ? 15.325  10.464  4.525   1.00 25.13 ? 153 ASP A OD1 1 
ATOM   977  O  OD2 . ASP A 1 133 ? 15.892  12.561  4.370   1.00 26.51 ? 153 ASP A OD2 1 
ATOM   978  N  N   . VAL A 1 134 ? 10.621  12.168  2.897   1.00 9.35  ? 154 VAL A N   1 
ATOM   979  C  CA  . VAL A 1 134 ? 9.247   12.603  3.055   1.00 8.73  ? 154 VAL A CA  1 
ATOM   980  C  C   . VAL A 1 134 ? 8.330   11.819  2.067   1.00 9.75  ? 154 VAL A C   1 
ATOM   981  O  O   . VAL A 1 134 ? 8.804   11.259  1.035   1.00 9.91  ? 154 VAL A O   1 
ATOM   982  C  CB  . VAL A 1 134 ? 9.067   14.156  2.854   1.00 9.35  ? 154 VAL A CB  1 
ATOM   983  C  CG1 . VAL A 1 134 ? 9.918   14.918  3.789   1.00 10.81 ? 154 VAL A CG1 1 
ATOM   984  C  CG2 . VAL A 1 134 ? 9.482   14.546  1.408   1.00 12.25 ? 154 VAL A CG2 1 
ATOM   985  N  N   . LEU A 1 135 ? 7.025   11.785  2.384   1.00 8.36  ? 155 LEU A N   1 
ATOM   986  C  CA  . LEU A 1 135 ? 6.088   10.967  1.632   1.00 8.19  ? 155 LEU A CA  1 
ATOM   987  C  C   . LEU A 1 135 ? 5.866   11.478  0.206   1.00 9.63  ? 155 LEU A C   1 
ATOM   988  O  O   . LEU A 1 135 ? 5.600   12.685  -0.009  1.00 9.30  ? 155 LEU A O   1 
ATOM   989  C  CB  . LEU A 1 135 ? 4.738   10.836  2.405   1.00 6.84  ? 155 LEU A CB  1 
ATOM   990  C  CG  . LEU A 1 135 ? 3.751   9.810   1.851   1.00 5.89  ? 155 LEU A CG  1 
ATOM   991  C  CD1 . LEU A 1 135 ? 4.292   8.380   2.108   1.00 7.27  ? 155 LEU A CD1 1 
ATOM   992  C  CD2 . LEU A 1 135 ? 2.413   9.949   2.515   1.00 8.27  ? 155 LEU A CD2 1 
ATOM   993  N  N   . LYS A 1 136 ? 5.944   10.516  -0.742  1.00 8.79  ? 156 LYS A N   1 
ATOM   994  C  CA  . LYS A 1 136 ? 5.744   10.804  -2.176  1.00 9.06  ? 156 LYS A CA  1 
ATOM   995  C  C   . LYS A 1 136 ? 4.336   10.291  -2.598  1.00 9.81  ? 156 LYS A C   1 
ATOM   996  O  O   . LYS A 1 136 ? 3.807   9.331   -2.017  1.00 8.20  ? 156 LYS A O   1 
ATOM   997  C  CB  . LYS A 1 136 ? 6.885   10.156  -2.998  1.00 7.40  ? 156 LYS A CB  1 
ATOM   998  C  CG  . LYS A 1 136 ? 8.250   10.755  -2.725  1.00 8.21  ? 156 LYS A CG  1 
ATOM   999  C  CD  . LYS A 1 136 ? 8.301   12.139  -3.195  1.00 12.91 ? 156 LYS A CD  1 
ATOM   1000 C  CE  . LYS A 1 136 ? 9.676   12.784  -3.019  1.00 16.24 ? 156 LYS A CE  1 
ATOM   1001 N  NZ  . LYS A 1 136 ? 9.732   14.167  -3.654  1.00 16.92 ? 156 LYS A NZ  1 
ATOM   1002 N  N   . CYS A 1 137 ? 3.732   10.950  -3.599  1.00 8.88  ? 157 CYS A N   1 
ATOM   1003 C  CA  . CYS A 1 137 ? 2.378   10.640  -4.076  1.00 8.31  ? 157 CYS A CA  1 
ATOM   1004 C  C   . CYS A 1 137 ? 2.390   10.505  -5.586  1.00 7.91  ? 157 CYS A C   1 
ATOM   1005 O  O   . CYS A 1 137 ? 3.232   11.098  -6.247  1.00 7.86  ? 157 CYS A O   1 
ATOM   1006 C  CB  . CYS A 1 137 ? 1.395   11.808  -3.741  1.00 8.55  ? 157 CYS A CB  1 
ATOM   1007 S  SG  . CYS A 1 137 ? 0.721   11.703  -2.079  1.00 10.41 ? 157 CYS A SG  1 
ATOM   1008 N  N   . LEU A 1 138 ? 1.457   9.729   -6.121  1.00 7.85  ? 158 LEU A N   1 
ATOM   1009 C  CA  . LEU A 1 138 ? 1.351   9.558   -7.588  1.00 8.69  ? 158 LEU A CA  1 
ATOM   1010 C  C   . LEU A 1 138 ? -0.130  9.334   -7.884  1.00 8.70  ? 158 LEU A C   1 
ATOM   1011 O  O   . LEU A 1 138 ? -0.768  8.480   -7.246  1.00 8.83  ? 158 LEU A O   1 
ATOM   1012 C  CB  . LEU A 1 138 ? 2.139   8.296   -8.073  1.00 8.84  ? 158 LEU A CB  1 
ATOM   1013 C  CG  . LEU A 1 138 ? 1.911   7.838   -9.511  1.00 10.29 ? 158 LEU A CG  1 
ATOM   1014 C  CD1 . LEU A 1 138 ? 2.430   8.903   -10.402 1.00 10.56 ? 158 LEU A CD1 1 
ATOM   1015 C  CD2 . LEU A 1 138 ? 2.620   6.572   -9.795  1.00 11.09 ? 158 LEU A CD2 1 
ATOM   1016 N  N   . LYS A 1 139 ? -0.682  10.092  -8.828  1.00 8.91  ? 159 LYS A N   1 
ATOM   1017 C  CA  . LYS A 1 139 ? -2.047  9.864   -9.280  1.00 10.38 ? 159 LYS A CA  1 
ATOM   1018 C  C   . LYS A 1 139 ? -1.887  8.984   -10.549 1.00 11.79 ? 159 LYS A C   1 
ATOM   1019 O  O   . LYS A 1 139 ? -1.043  9.278   -11.414 1.00 13.83 ? 159 LYS A O   1 
ATOM   1020 C  CB  . LYS A 1 139 ? -2.733  11.144  -9.621  1.00 8.50  ? 159 LYS A CB  1 
ATOM   1021 C  CG  . LYS A 1 139 ? -2.954  11.956  -8.433  1.00 11.42 ? 159 LYS A CG  1 
ATOM   1022 C  CD  . LYS A 1 139 ? -3.909  13.161  -8.756  1.00 11.73 ? 159 LYS A CD  1 
ATOM   1023 C  CE  . LYS A 1 139 ? -4.117  14.007  -7.551  1.00 12.91 ? 159 LYS A CE  1 
ATOM   1024 N  NZ  . LYS A 1 139 ? -5.002  15.113  -7.932  1.00 14.07 ? 159 LYS A NZ  1 
ATOM   1025 N  N   . ALA A 1 140 ? -2.637  7.891   -10.635 1.00 11.41 ? 160 ALA A N   1 
ATOM   1026 C  CA  . ALA A 1 140 ? -2.551  6.950   -11.762 1.00 11.36 ? 160 ALA A CA  1 
ATOM   1027 C  C   . ALA A 1 140 ? -3.885  6.248   -11.955 1.00 10.38 ? 160 ALA A C   1 
ATOM   1028 O  O   . ALA A 1 140 ? -4.624  5.995   -11.028 1.00 10.59 ? 160 ALA A O   1 
ATOM   1029 C  CB  . ALA A 1 140 ? -1.423  5.868   -11.520 1.00 10.11 ? 160 ALA A CB  1 
ATOM   1030 N  N   . PRO A 1 141 ? -4.204  5.907   -13.183 1.00 9.46  ? 161 PRO A N   1 
ATOM   1031 C  CA  . PRO A 1 141 ? -5.449  5.229   -13.439 1.00 8.12  ? 161 PRO A CA  1 
ATOM   1032 C  C   . PRO A 1 141 ? -5.367  3.701   -13.297 1.00 7.56  ? 161 PRO A C   1 
ATOM   1033 O  O   . PRO A 1 141 ? -4.308  3.098   -13.479 1.00 9.18  ? 161 PRO A O   1 
ATOM   1034 C  CB  . PRO A 1 141 ? -5.696  5.608   -14.897 1.00 8.72  ? 161 PRO A CB  1 
ATOM   1035 C  CG  . PRO A 1 141 ? -4.337  5.573   -15.454 1.00 8.61  ? 161 PRO A CG  1 
ATOM   1036 C  CD  . PRO A 1 141 ? -3.470  6.218   -14.424 1.00 9.26  ? 161 PRO A CD  1 
ATOM   1037 N  N   . ILE A 1 142 ? -6.479  3.076   -12.972 1.00 8.83  ? 162 ILE A N   1 
ATOM   1038 C  CA  . ILE A 1 142 ? -6.529  1.643   -12.992 1.00 9.22  ? 162 ILE A CA  1 
ATOM   1039 C  C   . ILE A 1 142 ? -6.604  1.266   -14.521 1.00 10.97 ? 162 ILE A C   1 
ATOM   1040 O  O   . ILE A 1 142 ? -7.338  1.876   -15.302 1.00 9.55  ? 162 ILE A O   1 
ATOM   1041 C  CB  . ILE A 1 142 ? -7.781  1.101   -12.324 1.00 9.98  ? 162 ILE A CB  1 
ATOM   1042 C  CG1 . ILE A 1 142 ? -7.683  1.280   -10.828 1.00 12.19 ? 162 ILE A CG1 1 
ATOM   1043 C  CG2 . ILE A 1 142 ? -7.870  -0.360  -12.531 1.00 9.33  ? 162 ILE A CG2 1 
ATOM   1044 C  CD1 . ILE A 1 142 ? -8.988  1.170   -10.180 1.00 14.46 ? 162 ILE A CD1 1 
ATOM   1045 N  N   . LEU A 1 143 ? -5.832  0.265   -14.925 1.00 10.43 ? 163 LEU A N   1 
ATOM   1046 C  CA  . LEU A 1 143 ? -5.802  -0.193  -16.301 1.00 12.54 ? 163 LEU A CA  1 
ATOM   1047 C  C   . LEU A 1 143 ? -6.802  -1.314  -16.500 1.00 14.20 ? 163 LEU A C   1 
ATOM   1048 O  O   . LEU A 1 143 ? -7.241  -1.946  -15.525 1.00 15.58 ? 163 LEU A O   1 
ATOM   1049 C  CB  . LEU A 1 143 ? -4.375  -0.693  -16.658 1.00 12.88 ? 163 LEU A CB  1 
ATOM   1050 C  CG  . LEU A 1 143 ? -3.277  0.394   -16.643 1.00 14.60 ? 163 LEU A CG  1 
ATOM   1051 C  CD1 . LEU A 1 143 ? -1.959  -0.226  -16.948 1.00 14.46 ? 163 LEU A CD1 1 
ATOM   1052 C  CD2 . LEU A 1 143 ? -3.529  1.472   -17.630 1.00 15.61 ? 163 LEU A CD2 1 
ATOM   1053 N  N   . SER A 1 144 ? -7.173  -1.590  -17.765 1.00 14.62 ? 164 SER A N   1 
ATOM   1054 C  CA  . SER A 1 144 ? -8.091  -2.693  -18.084 1.00 16.21 ? 164 SER A CA  1 
ATOM   1055 C  C   . SER A 1 144 ? -7.411  -4.015  -17.810 1.00 16.16 ? 164 SER A C   1 
ATOM   1056 O  O   . SER A 1 144 ? -6.219  -4.117  -17.873 1.00 15.40 ? 164 SER A O   1 
ATOM   1057 C  CB  . SER A 1 144 ? -8.494  -2.718  -19.570 1.00 15.61 ? 164 SER A CB  1 
ATOM   1058 O  OG  . SER A 1 144 ? -7.342  -2.790  -20.367 1.00 15.05 ? 164 SER A OG  1 
ATOM   1059 N  N   . ASP A 1 145 ? -8.192  -5.034  -17.530 1.00 18.56 ? 165 ASP A N   1 
ATOM   1060 C  CA  . ASP A 1 145 ? -7.631  -6.337  -17.207 1.00 21.70 ? 165 ASP A CA  1 
ATOM   1061 C  C   . ASP A 1 145 ? -6.895  -6.963  -18.369 1.00 20.04 ? 165 ASP A C   1 
ATOM   1062 O  O   . ASP A 1 145 ? -5.925  -7.682  -18.181 1.00 19.01 ? 165 ASP A O   1 
ATOM   1063 C  CB  . ASP A 1 145 ? -8.798  -7.099  -16.648 1.00 28.86 ? 165 ASP A CB  1 
ATOM   1064 C  CG  . ASP A 1 145 ? -9.786  -6.111  -15.911 1.00 36.91 ? 165 ASP A CG  1 
ATOM   1065 O  OD1 . ASP A 1 145 ? -10.034 -6.313  -14.675 1.00 40.48 ? 165 ASP A OD1 1 
ATOM   1066 O  OD2 . ASP A 1 145 ? -10.300 -5.088  -16.562 1.00 42.22 ? 165 ASP A OD2 1 
ATOM   1067 N  N   . SER A 1 146 ? -7.307  -6.576  -19.584 1.00 19.06 ? 166 SER A N   1 
ATOM   1068 C  CA  . SER A 1 146 ? -6.654  -7.075  -20.809 1.00 19.55 ? 166 SER A CA  1 
ATOM   1069 C  C   . SER A 1 146 ? -5.270  -6.511  -20.983 1.00 16.33 ? 166 SER A C   1 
ATOM   1070 O  O   . SER A 1 146 ? -4.356  -7.244  -21.298 1.00 16.85 ? 166 SER A O   1 
ATOM   1071 C  CB  . SER A 1 146 ? -7.458  -6.770  -22.117 1.00 20.99 ? 166 SER A CB  1 
ATOM   1072 O  OG  . SER A 1 146 ? -8.609  -5.967  -21.893 1.00 28.06 ? 166 SER A OG  1 
ATOM   1073 N  N   . SER A 1 147 ? -5.103  -5.221  -20.791 1.00 14.29 ? 167 SER A N   1 
ATOM   1074 C  CA  . SER A 1 147 ? -3.796  -4.735  -20.945 1.00 13.90 ? 167 SER A CA  1 
ATOM   1075 C  C   . SER A 1 147 ? -2.916  -5.198  -19.847 1.00 13.08 ? 167 SER A C   1 
ATOM   1076 O  O   . SER A 1 147 ? -1.701  -5.307  -20.022 1.00 12.36 ? 167 SER A O   1 
ATOM   1077 C  CB  . SER A 1 147 ? -3.770  -3.231  -21.031 1.00 17.96 ? 167 SER A CB  1 
ATOM   1078 O  OG  . SER A 1 147 ? -4.280  -2.634  -19.909 1.00 22.80 ? 167 SER A OG  1 
ATOM   1079 N  N   . CYS A 1 148 ? -3.537  -5.464  -18.705 1.00 12.35 ? 168 CYS A N   1 
ATOM   1080 C  CA  . CYS A 1 148 ? -2.785  -5.923  -17.558 1.00 12.71 ? 168 CYS A CA  1 
ATOM   1081 C  C   . CYS A 1 148 ? -2.270  -7.341  -17.879 1.00 14.22 ? 168 CYS A C   1 
ATOM   1082 O  O   . CYS A 1 148 ? -1.067  -7.686  -17.664 1.00 14.25 ? 168 CYS A O   1 
ATOM   1083 C  CB  . CYS A 1 148 ? -3.685  -5.939  -16.324 1.00 10.74 ? 168 CYS A CB  1 
ATOM   1084 S  SG  . CYS A 1 148 ? -2.769  -6.261  -14.760 1.00 11.59 ? 168 CYS A SG  1 
ATOM   1085 N  N   . LYS A 1 149 ? -3.199  -8.175  -18.351 1.00 15.98 ? 169 LYS A N   1 
ATOM   1086 C  CA  . LYS A 1 149 ? -2.854  -9.544  -18.708 1.00 18.07 ? 169 LYS A CA  1 
ATOM   1087 C  C   . LYS A 1 149 ? -1.887  -9.581  -19.903 1.00 17.84 ? 169 LYS A C   1 
ATOM   1088 O  O   . LYS A 1 149 ? -1.043  -10.487 -19.989 1.00 20.34 ? 169 LYS A O   1 
ATOM   1089 C  CB  . LYS A 1 149 ? -4.139  -10.311 -18.978 1.00 19.34 ? 169 LYS A CB  1 
ATOM   1090 C  CG  . LYS A 1 149 ? -4.743  -10.866 -17.727 1.00 22.39 ? 169 LYS A CG  1 
ATOM   1091 C  CD  . LYS A 1 149 ? -6.233  -11.107 -17.845 1.00 24.78 ? 169 LYS A CD  1 
ATOM   1092 C  CE  . LYS A 1 149 ? -6.781  -11.812 -16.606 1.00 26.76 ? 169 LYS A CE  1 
ATOM   1093 N  NZ  . LYS A 1 149 ? -8.068  -12.511 -16.963 1.00 31.64 ? 169 LYS A NZ  1 
ATOM   1094 N  N   . SER A 1 150 ? -1.996  -8.603  -20.797 1.00 17.94 ? 170 SER A N   1 
ATOM   1095 C  CA  . SER A 1 150 ? -1.092  -8.439  -21.942 1.00 19.12 ? 170 SER A CA  1 
ATOM   1096 C  C   . SER A 1 150 ? 0.316   -8.069  -21.470 1.00 18.11 ? 170 SER A C   1 
ATOM   1097 O  O   . SER A 1 150 ? 1.345   -8.465  -22.068 1.00 18.86 ? 170 SER A O   1 
ATOM   1098 C  CB  . SER A 1 150 ? -1.506  -7.258  -22.825 1.00 22.03 ? 170 SER A CB  1 
ATOM   1099 O  OG  . SER A 1 150 ? -2.695  -7.507  -23.534 1.00 29.76 ? 170 SER A OG  1 
ATOM   1100 N  N   . ALA A 1 151 ? 0.397   -7.226  -20.448 1.00 16.81 ? 171 ALA A N   1 
ATOM   1101 C  CA  . ALA A 1 151 ? 1.734   -6.855  -19.946 1.00 14.97 ? 171 ALA A CA  1 
ATOM   1102 C  C   . ALA A 1 151 ? 2.431   -8.006  -19.198 1.00 14.68 ? 171 ALA A C   1 
ATOM   1103 O  O   . ALA A 1 151 ? 3.639   -8.130  -19.254 1.00 15.42 ? 171 ALA A O   1 
ATOM   1104 C  CB  . ALA A 1 151 ? 1.641   -5.643  -19.020 1.00 14.92 ? 171 ALA A CB  1 
ATOM   1105 N  N   . TYR A 1 152 ? 1.655   -8.852  -18.524 1.00 13.44 ? 172 TYR A N   1 
ATOM   1106 C  CA  . TYR A 1 152 ? 2.168   -9.915  -17.667 1.00 13.22 ? 172 TYR A CA  1 
ATOM   1107 C  C   . TYR A 1 152 ? 1.467   -11.244 -17.979 1.00 14.64 ? 172 TYR A C   1 
ATOM   1108 O  O   . TYR A 1 152 ? 0.706   -11.748 -17.156 1.00 13.99 ? 172 TYR A O   1 
ATOM   1109 C  CB  . TYR A 1 152 ? 1.947   -9.550  -16.177 1.00 11.24 ? 172 TYR A CB  1 
ATOM   1110 C  CG  . TYR A 1 152 ? 2.705   -8.300  -15.697 1.00 11.34 ? 172 TYR A CG  1 
ATOM   1111 C  CD1 . TYR A 1 152 ? 4.076   -8.334  -15.507 1.00 8.23  ? 172 TYR A CD1 1 
ATOM   1112 C  CD2 . TYR A 1 152 ? 2.035   -7.065  -15.441 1.00 9.84  ? 172 TYR A CD2 1 
ATOM   1113 C  CE1 . TYR A 1 152 ? 4.776   -7.212  -15.076 1.00 8.89  ? 172 TYR A CE1 1 
ATOM   1114 C  CE2 . TYR A 1 152 ? 2.748   -5.963  -15.012 1.00 8.72  ? 172 TYR A CE2 1 
ATOM   1115 C  CZ  . TYR A 1 152 ? 4.120   -6.062  -14.828 1.00 8.61  ? 172 TYR A CZ  1 
ATOM   1116 O  OH  . TYR A 1 152 ? 4.879   -5.060  -14.321 1.00 10.01 ? 172 TYR A OH  1 
ATOM   1117 N  N   . PRO A 1 153 ? 1.741   -11.843 -19.181 1.00 14.77 ? 173 PRO A N   1 
ATOM   1118 C  CA  . PRO A 1 153 ? 1.111   -13.125 -19.549 1.00 15.46 ? 173 PRO A CA  1 
ATOM   1119 C  C   . PRO A 1 153 ? 1.327   -14.222 -18.499 1.00 13.38 ? 173 PRO A C   1 
ATOM   1120 O  O   . PRO A 1 153 ? 2.429   -14.370 -17.973 1.00 14.70 ? 173 PRO A O   1 
ATOM   1121 C  CB  . PRO A 1 153 ? 1.761   -13.496 -20.877 1.00 15.81 ? 173 PRO A CB  1 
ATOM   1122 C  CG  . PRO A 1 153 ? 2.590   -12.319 -21.284 1.00 14.94 ? 173 PRO A CG  1 
ATOM   1123 C  CD  . PRO A 1 153 ? 2.709   -11.369 -20.192 1.00 15.32 ? 173 PRO A CD  1 
ATOM   1124 N  N   . GLY A 1 154 ? 0.242   -14.936 -18.214 1.00 11.20 ? 174 GLY A N   1 
ATOM   1125 C  CA  . GLY A 1 154 ? 0.249   -16.026 -17.279 1.00 13.94 ? 174 GLY A CA  1 
ATOM   1126 C  C   . GLY A 1 154 ? 0.522   -15.701 -15.823 1.00 14.37 ? 174 GLY A C   1 
ATOM   1127 O  O   . GLY A 1 154 ? 0.782   -16.627 -15.041 1.00 17.16 ? 174 GLY A O   1 
ATOM   1128 N  N   . GLN A 1 155 ? 0.461   -14.417 -15.449 1.00 13.32 ? 175 GLN A N   1 
ATOM   1129 C  CA  . GLN A 1 155 ? 0.745   -13.984 -14.069 1.00 12.84 ? 175 GLN A CA  1 
ATOM   1130 C  C   . GLN A 1 155 ? -0.313  -13.187 -13.312 1.00 12.36 ? 175 GLN A C   1 
ATOM   1131 O  O   . GLN A 1 155 ? -0.203  -13.092 -12.104 1.00 12.63 ? 175 GLN A O   1 
ATOM   1132 C  CB  . GLN A 1 155 ? 2.036   -13.157 -14.026 1.00 12.64 ? 175 GLN A CB  1 
ATOM   1133 C  CG  . GLN A 1 155 ? 3.282   -13.882 -14.665 1.00 15.19 ? 175 GLN A CG  1 
ATOM   1134 C  CD  . GLN A 1 155 ? 4.312   -12.902 -15.230 1.00 16.86 ? 175 GLN A CD  1 
ATOM   1135 O  OE1 . GLN A 1 155 ? 5.068   -12.315 -14.449 1.00 16.23 ? 175 GLN A OE1 1 
ATOM   1136 N  NE2 . GLN A 1 155 ? 4.357   -12.716 -16.615 1.00 17.86 ? 175 GLN A NE2 1 
ATOM   1137 N  N   . ILE A 1 156 ? -1.302  -12.606 -13.973 1.00 10.95 ? 176 ILE A N   1 
ATOM   1138 C  CA  . ILE A 1 156 ? -2.279  -11.779 -13.271 1.00 9.99  ? 176 ILE A CA  1 
ATOM   1139 C  C   . ILE A 1 156 ? -3.446  -12.628 -12.812 1.00 12.08 ? 176 ILE A C   1 
ATOM   1140 O  O   . ILE A 1 156 ? -4.073  -13.267 -13.647 1.00 14.68 ? 176 ILE A O   1 
ATOM   1141 C  CB  . ILE A 1 156 ? -2.759  -10.732 -14.192 1.00 8.87  ? 176 ILE A CB  1 
ATOM   1142 C  CG1 . ILE A 1 156 ? -1.566  -9.861  -14.604 1.00 7.57  ? 176 ILE A CG1 1 
ATOM   1143 C  CG2 . ILE A 1 156 ? -3.949  -9.983  -13.554 1.00 7.64  ? 176 ILE A CG2 1 
ATOM   1144 C  CD1 . ILE A 1 156 ? -0.755  -9.265  -13.444 1.00 7.62  ? 176 ILE A CD1 1 
ATOM   1145 N  N   . THR A 1 157 ? -3.791  -12.676 -11.526 1.00 8.27  ? 177 THR A N   1 
ATOM   1146 C  CA  . THR A 1 157 ? -4.926  -13.498 -11.141 1.00 7.27  ? 177 THR A CA  1 
ATOM   1147 C  C   . THR A 1 157 ? -6.107  -12.574 -10.908 1.00 7.81  ? 177 THR A C   1 
ATOM   1148 O  O   . THR A 1 157 ? -6.005  -11.346 -11.028 1.00 9.27  ? 177 THR A O   1 
ATOM   1149 C  CB  . THR A 1 157 ? -4.666  -14.233 -9.834  1.00 8.78  ? 177 THR A CB  1 
ATOM   1150 O  OG1 . THR A 1 157 ? -4.523  -13.252 -8.818  1.00 9.11  ? 177 THR A OG1 1 
ATOM   1151 C  CG2 . THR A 1 157 ? -3.397  -15.032 -9.863  1.00 7.80  ? 177 THR A CG2 1 
ATOM   1152 N  N   . SER A 1 158 ? -7.246  -13.142 -10.567 1.00 8.79  ? 178 SER A N   1 
ATOM   1153 C  CA  . SER A 1 158 ? -8.442  -12.305 -10.310 1.00 11.60 ? 178 SER A CA  1 
ATOM   1154 C  C   . SER A 1 158 ? -8.324  -11.445 -9.059  1.00 11.74 ? 178 SER A C   1 
ATOM   1155 O  O   . SER A 1 158 ? -9.201  -10.627 -8.805  1.00 14.09 ? 178 SER A O   1 
ATOM   1156 C  CB  . SER A 1 158 ? -9.710  -13.176 -10.153 1.00 14.36 ? 178 SER A CB  1 
ATOM   1157 O  OG  . SER A 1 158 ? -9.635  -13.950 -8.937  1.00 20.75 ? 178 SER A OG  1 
ATOM   1158 N  N   . ASN A 1 159 ? -7.258  -11.663 -8.282  1.00 9.88  ? 179 ASN A N   1 
ATOM   1159 C  CA  . ASN A 1 159 ? -6.999  -10.920 -7.044  1.00 10.23 ? 179 ASN A CA  1 
ATOM   1160 C  C   . ASN A 1 159 ? -5.976  -9.810  -7.265  1.00 8.97  ? 179 ASN A C   1 
ATOM   1161 O  O   . ASN A 1 159 ? -5.438  -9.250  -6.290  1.00 8.00  ? 179 ASN A O   1 
ATOM   1162 C  CB  . ASN A 1 159 ? -6.510  -11.897 -5.994  1.00 9.18  ? 179 ASN A CB  1 
ATOM   1163 C  CG  . ASN A 1 159 ? -7.554  -12.936 -5.699  1.00 8.80  ? 179 ASN A CG  1 
ATOM   1164 O  OD1 . ASN A 1 159 ? -8.712  -12.613 -5.551  1.00 10.33 ? 179 ASN A OD1 1 
ATOM   1165 N  ND2 . ASN A 1 159 ? -7.148  -14.174 -5.598  1.00 9.38  ? 179 ASN A ND2 1 
ATOM   1166 N  N   . MET A 1 160 ? -5.730  -9.489  -8.548  1.00 7.57  ? 180 MET A N   1 
ATOM   1167 C  CA  . MET A 1 160 ? -4.784  -8.445  -8.914  1.00 7.97  ? 180 MET A CA  1 
ATOM   1168 C  C   . MET A 1 160 ? -5.329  -7.458  -9.972  1.00 8.32  ? 180 MET A C   1 
ATOM   1169 O  O   . MET A 1 160 ? -6.202  -7.818  -10.767 1.00 10.14 ? 180 MET A O   1 
ATOM   1170 C  CB  . MET A 1 160 ? -3.493  -9.052  -9.491  1.00 6.11  ? 180 MET A CB  1 
ATOM   1171 C  CG  . MET A 1 160 ? -2.917  -10.163 -8.743  1.00 8.34  ? 180 MET A CG  1 
ATOM   1172 S  SD  . MET A 1 160 ? -1.517  -10.910 -9.529  1.00 9.29  ? 180 MET A SD  1 
ATOM   1173 C  CE  . MET A 1 160 ? -1.277  -12.109 -8.462  1.00 11.70 ? 180 MET A CE  1 
ATOM   1174 N  N   . PHE A 1 161 ? -4.825  -6.230  -9.949  1.00 7.85  ? 181 PHE A N   1 
ATOM   1175 C  CA  . PHE A 1 161 ? -5.122  -5.274  -10.999 1.00 7.49  ? 181 PHE A CA  1 
ATOM   1176 C  C   . PHE A 1 161 ? -3.836  -4.463  -11.212 1.00 8.27  ? 181 PHE A C   1 
ATOM   1177 O  O   . PHE A 1 161 ? -2.926  -4.435  -10.369 1.00 7.56  ? 181 PHE A O   1 
ATOM   1178 C  CB  . PHE A 1 161 ? -6.342  -4.379  -10.701 1.00 6.37  ? 181 PHE A CB  1 
ATOM   1179 C  CG  . PHE A 1 161 ? -6.135  -3.332  -9.590  1.00 8.20  ? 181 PHE A CG  1 
ATOM   1180 C  CD1 . PHE A 1 161 ? -5.571  -2.088  -9.861  1.00 6.18  ? 181 PHE A CD1 1 
ATOM   1181 C  CD2 . PHE A 1 161 ? -6.527  -3.618  -8.269  1.00 8.49  ? 181 PHE A CD2 1 
ATOM   1182 C  CE1 . PHE A 1 161 ? -5.380  -1.118  -8.863  1.00 7.69  ? 181 PHE A CE1 1 
ATOM   1183 C  CE2 . PHE A 1 161 ? -6.349  -2.669  -7.251  1.00 8.66  ? 181 PHE A CE2 1 
ATOM   1184 C  CZ  . PHE A 1 161 ? -5.770  -1.407  -7.548  1.00 9.31  ? 181 PHE A CZ  1 
ATOM   1185 N  N   . CYS A 1 162 ? -3.750  -3.883  -12.422 1.00 8.87  ? 182 CYS A N   1 
ATOM   1186 C  CA  . CYS A 1 162 ? -2.652  -3.052  -12.830 1.00 7.74  ? 182 CYS A CA  1 
ATOM   1187 C  C   . CYS A 1 162 ? -3.102  -1.599  -12.753 1.00 8.13  ? 182 CYS A C   1 
ATOM   1188 O  O   . CYS A 1 162 ? -4.278  -1.274  -12.992 1.00 9.80  ? 182 CYS A O   1 
ATOM   1189 C  CB  . CYS A 1 162 ? -2.252  -3.349  -14.258 1.00 6.96  ? 182 CYS A CB  1 
ATOM   1190 S  SG  . CYS A 1 162 ? -1.312  -4.894  -14.575 1.00 10.97 ? 182 CYS A SG  1 
ATOM   1191 N  N   . ALA A 1 163 ? -2.183  -0.716  -12.383 1.00 9.15  ? 183 ALA A N   1 
ATOM   1192 C  CA  . ALA A 1 163 ? -2.512  0.691   -12.400 1.00 9.44  ? 183 ALA A CA  1 
ATOM   1193 C  C   . ALA A 1 163 ? -1.205  1.344   -12.769 1.00 9.83  ? 183 ALA A C   1 
ATOM   1194 O  O   . ALA A 1 163 ? -0.108  0.850   -12.448 1.00 10.61 ? 183 ALA A O   1 
ATOM   1195 C  CB  . ALA A 1 163 ? -3.030  1.159   -11.047 1.00 8.55  ? 183 ALA A CB  1 
ATOM   1196 N  N   . GLY A 1 164 ? -1.289  2.451   -13.486 1.00 11.58 ? 184 GLY A N   1 
ATOM   1197 C  CA  . GLY A 1 164 ? -0.040  3.040   -13.878 1.00 12.36 ? 184 GLY A CA  1 
ATOM   1198 C  C   . GLY A 1 164 ? -0.084  3.546   -15.305 1.00 14.37 ? 184 GLY A C   1 
ATOM   1199 O  O   . GLY A 1 164 ? -1.158  3.932   -15.779 1.00 14.63 ? 184 GLY A O   1 
ATOM   1200 N  N   . TYR A 1 165 A 1.070   3.599   -15.974 1.00 14.73 ? 184 TYR A N   1 
ATOM   1201 C  CA  . TYR A 1 165 A 1.131   4.155   -17.337 1.00 15.70 ? 184 TYR A CA  1 
ATOM   1202 C  C   . TYR A 1 165 A 1.920   3.183   -18.153 1.00 16.73 ? 184 TYR A C   1 
ATOM   1203 O  O   . TYR A 1 165 A 3.026   2.851   -17.761 1.00 17.06 ? 184 TYR A O   1 
ATOM   1204 C  CB  . TYR A 1 165 A 1.851   5.500   -17.317 1.00 14.25 ? 184 TYR A CB  1 
ATOM   1205 C  CG  . TYR A 1 165 A 1.118   6.509   -16.533 1.00 14.82 ? 184 TYR A CG  1 
ATOM   1206 C  CD1 . TYR A 1 165 A 0.180   7.289   -17.128 1.00 16.76 ? 184 TYR A CD1 1 
ATOM   1207 C  CD2 . TYR A 1 165 A 1.328   6.658   -15.175 1.00 14.11 ? 184 TYR A CD2 1 
ATOM   1208 C  CE1 . TYR A 1 165 A -0.563  8.218   -16.396 1.00 17.50 ? 184 TYR A CE1 1 
ATOM   1209 C  CE2 . TYR A 1 165 A 0.588   7.573   -14.448 1.00 15.84 ? 184 TYR A CE2 1 
ATOM   1210 C  CZ  . TYR A 1 165 A -0.358  8.339   -15.066 1.00 16.13 ? 184 TYR A CZ  1 
ATOM   1211 O  OH  . TYR A 1 165 A -1.219  9.180   -14.384 1.00 18.07 ? 184 TYR A OH  1 
ATOM   1212 N  N   . LEU A 1 166 ? 1.382   2.745   -19.282 1.00 16.03 ? 185 LEU A N   1 
ATOM   1213 C  CA  . LEU A 1 166 ? 2.077   1.768   -20.115 1.00 18.30 ? 185 LEU A CA  1 
ATOM   1214 C  C   . LEU A 1 166 ? 3.363   2.322   -20.761 1.00 18.78 ? 185 LEU A C   1 
ATOM   1215 O  O   . LEU A 1 166 ? 4.339   1.597   -21.072 1.00 17.69 ? 185 LEU A O   1 
ATOM   1216 C  CB  . LEU A 1 166 ? 1.079   1.273   -21.162 1.00 18.61 ? 185 LEU A CB  1 
ATOM   1217 C  CG  . LEU A 1 166 ? 0.074   0.274   -20.571 1.00 20.82 ? 185 LEU A CG  1 
ATOM   1218 C  CD1 . LEU A 1 166 ? -0.894  -0.152  -21.630 1.00 21.03 ? 185 LEU A CD1 1 
ATOM   1219 C  CD2 . LEU A 1 166 ? 0.775   -0.986  -20.065 1.00 20.11 ? 185 LEU A CD2 1 
ATOM   1220 N  N   . GLU A 1 167 ? 3.339   3.636   -20.891 1.00 19.69 ? 186 GLU A N   1 
ATOM   1221 C  CA  . GLU A 1 167 ? 4.383   4.433   -21.489 1.00 22.92 ? 186 GLU A CA  1 
ATOM   1222 C  C   . GLU A 1 167 ? 5.587   4.478   -20.572 1.00 23.36 ? 186 GLU A C   1 
ATOM   1223 O  O   . GLU A 1 167 ? 6.690   4.842   -20.993 1.00 24.41 ? 186 GLU A O   1 
ATOM   1224 C  CB  . GLU A 1 167 ? 3.815   5.841   -21.694 1.00 25.58 ? 186 GLU A CB  1 
ATOM   1225 C  CG  . GLU A 1 167 ? 2.221   5.872   -21.470 1.00 32.65 ? 186 GLU A CG  1 
ATOM   1226 C  CD  . GLU A 1 167 ? 1.755   7.100   -20.728 1.00 35.86 ? 186 GLU A CD  1 
ATOM   1227 O  OE1 . GLU A 1 167 ? 2.640   7.934   -20.377 1.00 38.46 ? 186 GLU A OE1 1 
ATOM   1228 O  OE2 . GLU A 1 167 ? 0.520   7.238   -20.496 1.00 39.05 ? 186 GLU A OE2 1 
ATOM   1229 N  N   . GLY A 1 168 ? 5.378   4.134   -19.299 1.00 22.54 ? 187 GLY A N   1 
ATOM   1230 C  CA  . GLY A 1 168 ? 6.463   4.172   -18.310 1.00 21.23 ? 187 GLY A CA  1 
ATOM   1231 C  C   . GLY A 1 168 ? 6.663   5.521   -17.581 1.00 19.96 ? 187 GLY A C   1 
ATOM   1232 O  O   . GLY A 1 168 ? 5.845   6.467   -17.691 1.00 21.61 ? 187 GLY A O   1 
ATOM   1233 N  N   . GLY A 1 169 ? 7.742   5.582   -16.802 1.00 17.86 ? 188 GLY A N   1 
ATOM   1234 C  CA  . GLY A 1 169 ? 8.071   6.820   -16.102 1.00 16.13 ? 188 GLY A CA  1 
ATOM   1235 C  C   . GLY A 1 169 ? 7.393   7.159   -14.799 1.00 13.82 ? 188 GLY A C   1 
ATOM   1236 O  O   . GLY A 1 169 ? 7.883   7.995   -14.074 1.00 12.57 ? 188 GLY A O   1 
ATOM   1237 N  N   . LYS A 1 170 A 6.293   6.486   -14.508 1.00 12.62 ? 188 LYS A N   1 
ATOM   1238 C  CA  . LYS A 1 170 A 5.554   6.737   -13.307 1.00 12.06 ? 188 LYS A CA  1 
ATOM   1239 C  C   . LYS A 1 170 A 5.083   5.385   -12.802 1.00 10.84 ? 188 LYS A C   1 
ATOM   1240 O  O   . LYS A 1 170 A 4.432   4.602   -13.521 1.00 11.53 ? 188 LYS A O   1 
ATOM   1241 C  CB  . LYS A 1 170 A 4.358   7.665   -13.603 1.00 12.56 ? 188 LYS A CB  1 
ATOM   1242 C  CG  . LYS A 1 170 A 4.734   9.030   -14.132 1.00 15.86 ? 188 LYS A CG  1 
ATOM   1243 C  CD  . LYS A 1 170 A 3.610   9.962   -13.763 1.00 20.11 ? 188 LYS A CD  1 
ATOM   1244 C  CE  . LYS A 1 170 A 3.499   11.097  -14.752 1.00 24.16 ? 188 LYS A CE  1 
ATOM   1245 N  NZ  . LYS A 1 170 A 3.160   10.502  -16.127 1.00 29.19 ? 188 LYS A NZ  1 
ATOM   1246 N  N   . ASP A 1 171 ? 5.374   5.146   -11.513 1.00 10.51 ? 189 ASP A N   1 
ATOM   1247 C  CA  . ASP A 1 171 ? 5.051   3.859   -10.899 1.00 9.80  ? 189 ASP A CA  1 
ATOM   1248 C  C   . ASP A 1 171 ? 5.366   3.870   -9.400  1.00 10.17 ? 189 ASP A C   1 
ATOM   1249 O  O   . ASP A 1 171 ? 6.026   4.767   -8.905  1.00 11.06 ? 189 ASP A O   1 
ATOM   1250 C  CB  . ASP A 1 171 ? 5.966   2.803   -11.553 1.00 10.26 ? 189 ASP A CB  1 
ATOM   1251 C  CG  . ASP A 1 171 ? 5.486   1.368   -11.407 1.00 8.24  ? 189 ASP A CG  1 
ATOM   1252 O  OD1 . ASP A 1 171 ? 4.430   1.098   -10.824 1.00 10.11 ? 189 ASP A OD1 1 
ATOM   1253 O  OD2 . ASP A 1 171 ? 6.233   0.499   -11.893 1.00 9.91  ? 189 ASP A OD2 1 
ATOM   1254 N  N   . SER A 1 172 ? 4.875   2.879   -8.683  1.00 9.68  ? 190 SER A N   1 
ATOM   1255 C  CA  . SER A 1 172 ? 5.351   2.713   -7.312  1.00 8.64  ? 190 SER A CA  1 
ATOM   1256 C  C   . SER A 1 172 ? 6.668   1.830   -7.436  1.00 9.35  ? 190 SER A C   1 
ATOM   1257 O  O   . SER A 1 172 ? 7.060   1.352   -8.544  1.00 8.86  ? 190 SER A O   1 
ATOM   1258 C  CB  . SER A 1 172 ? 4.273   2.055   -6.464  1.00 8.71  ? 190 SER A CB  1 
ATOM   1259 O  OG  . SER A 1 172 ? 3.884   0.835   -7.009  1.00 10.94 ? 190 SER A OG  1 
ATOM   1260 N  N   . CYS A 1 173 ? 7.348   1.580   -6.319  1.00 7.98  ? 191 CYS A N   1 
ATOM   1261 C  CA  . CYS A 1 173 ? 8.612   0.879   -6.408  1.00 10.25 ? 191 CYS A CA  1 
ATOM   1262 C  C   . CYS A 1 173 ? 8.910   0.245   -5.065  1.00 9.84  ? 191 CYS A C   1 
ATOM   1263 O  O   . CYS A 1 173 ? 8.112   0.351   -4.157  1.00 11.31 ? 191 CYS A O   1 
ATOM   1264 C  CB  . CYS A 1 173 ? 9.695   1.894   -6.775  1.00 9.73  ? 191 CYS A CB  1 
ATOM   1265 S  SG  . CYS A 1 173 ? 11.217  1.284   -7.524  1.00 13.61 ? 191 CYS A SG  1 
ATOM   1266 N  N   . GLN A 1 174 ? 10.053  -0.423  -4.978  1.00 12.49 ? 192 GLN A N   1 
ATOM   1267 C  CA  . GLN A 1 174 ? 10.561  -1.084  -3.761  1.00 13.64 ? 192 GLN A CA  1 
ATOM   1268 C  C   . GLN A 1 174 ? 10.520  -0.087  -2.578  1.00 10.46 ? 192 GLN A C   1 
ATOM   1269 O  O   . GLN A 1 174 ? 11.051  1.030   -2.670  1.00 10.88 ? 192 GLN A O   1 
ATOM   1270 C  CB  . GLN A 1 174 ? 12.002  -1.560  -4.029  1.00 16.57 ? 192 GLN A CB  1 
ATOM   1271 C  CG  . GLN A 1 174 ? 12.388  -2.706  -3.132  1.00 28.25 ? 192 GLN A CG  1 
ATOM   1272 C  CD  . GLN A 1 174 ? 13.377  -2.317  -1.992  1.00 33.25 ? 192 GLN A CD  1 
ATOM   1273 O  OE1 . GLN A 1 174 ? 12.975  -1.814  -0.896  1.00 36.71 ? 192 GLN A OE1 1 
ATOM   1274 N  NE2 . GLN A 1 174 ? 14.685  -2.556  -2.249  1.00 37.46 ? 192 GLN A NE2 1 
ATOM   1275 N  N   . GLY A 1 175 ? 9.910   -0.494  -1.464  1.00 10.07 ? 193 GLY A N   1 
ATOM   1276 C  CA  . GLY A 1 175 ? 9.814   0.408   -0.341  1.00 7.90  ? 193 GLY A CA  1 
ATOM   1277 C  C   . GLY A 1 175 ? 8.399   0.952   -0.271  1.00 8.22  ? 193 GLY A C   1 
ATOM   1278 O  O   . GLY A 1 175 ? 7.972   1.399   0.775   1.00 9.16  ? 193 GLY A O   1 
ATOM   1279 N  N   . ASP A 1 176 ? 7.682   0.988   -1.394  1.00 7.49  ? 194 ASP A N   1 
ATOM   1280 C  CA  . ASP A 1 176 ? 6.297   1.442   -1.361  1.00 6.25  ? 194 ASP A CA  1 
ATOM   1281 C  C   . ASP A 1 176 ? 5.400   0.251   -1.050  1.00 4.90  ? 194 ASP A C   1 
ATOM   1282 O  O   . ASP A 1 176 ? 4.240   0.427   -0.743  1.00 5.45  ? 194 ASP A O   1 
ATOM   1283 C  CB  . ASP A 1 176 ? 5.874   1.960   -2.735  1.00 7.48  ? 194 ASP A CB  1 
ATOM   1284 C  CG  . ASP A 1 176 ? 6.551   3.243   -3.113  1.00 7.37  ? 194 ASP A CG  1 
ATOM   1285 O  OD1 . ASP A 1 176 ? 6.681   4.038   -2.187  1.00 8.24  ? 194 ASP A OD1 1 
ATOM   1286 O  OD2 . ASP A 1 176 ? 6.932   3.450   -4.301  1.00 7.31  ? 194 ASP A OD2 1 
ATOM   1287 N  N   . SER A 1 177 ? 5.938   -0.960  -1.183  1.00 6.02  ? 195 SER A N   1 
ATOM   1288 C  CA  . SER A 1 177 ? 5.210   -2.221  -0.967  1.00 7.12  ? 195 SER A CA  1 
ATOM   1289 C  C   . SER A 1 177 ? 4.346   -2.205  0.282   1.00 7.32  ? 195 SER A C   1 
ATOM   1290 O  O   . SER A 1 177 ? 4.784   -1.726  1.327   1.00 8.03  ? 195 SER A O   1 
ATOM   1291 C  CB  . SER A 1 177 ? 6.198   -3.418  -0.882  1.00 10.59 ? 195 SER A CB  1 
ATOM   1292 O  OG  . SER A 1 177 ? 7.383   -3.073  -1.574  1.00 14.60 ? 195 SER A OG  1 
ATOM   1293 N  N   . GLY A 1 178 ? 3.140   -2.727  0.171   1.00 4.99  ? 196 GLY A N   1 
ATOM   1294 C  CA  . GLY A 1 178 ? 2.198   -2.788  1.285   1.00 4.85  ? 196 GLY A CA  1 
ATOM   1295 C  C   . GLY A 1 178 ? 1.365   -1.518  1.404   1.00 3.94  ? 196 GLY A C   1 
ATOM   1296 O  O   . GLY A 1 178 ? 0.351   -1.525  2.086   1.00 5.30  ? 196 GLY A O   1 
ATOM   1297 N  N   . GLY A 1 179 ? 1.788   -0.452  0.726   1.00 5.12  ? 197 GLY A N   1 
ATOM   1298 C  CA  . GLY A 1 179 ? 1.126   0.838   0.748   1.00 5.21  ? 197 GLY A CA  1 
ATOM   1299 C  C   . GLY A 1 179 ? -0.238  0.957   0.090   1.00 6.32  ? 197 GLY A C   1 
ATOM   1300 O  O   . GLY A 1 179 ? -0.708  0.075   -0.601  1.00 7.40  ? 197 GLY A O   1 
ATOM   1301 N  N   . PRO A 1 180 ? -0.901  2.098   0.277   1.00 6.31  ? 198 PRO A N   1 
ATOM   1302 C  CA  . PRO A 1 180 ? -2.236  2.260   -0.300  1.00 7.34  ? 198 PRO A CA  1 
ATOM   1303 C  C   . PRO A 1 180 ? -2.417  2.711   -1.756  1.00 7.24  ? 198 PRO A C   1 
ATOM   1304 O  O   . PRO A 1 180 ? -1.627  3.426   -2.283  1.00 8.15  ? 198 PRO A O   1 
ATOM   1305 C  CB  . PRO A 1 180 ? -2.887  3.316   0.600   1.00 6.78  ? 198 PRO A CB  1 
ATOM   1306 C  CG  . PRO A 1 180 ? -1.690  4.189   1.065   1.00 6.97  ? 198 PRO A CG  1 
ATOM   1307 C  CD  . PRO A 1 180 ? -0.441  3.311   1.001   1.00 5.71  ? 198 PRO A CD  1 
ATOM   1308 N  N   . VAL A 1 181 ? -3.516  2.267   -2.350  1.00 7.73  ? 199 VAL A N   1 
ATOM   1309 C  CA  . VAL A 1 181 ? -3.990  2.752   -3.667  1.00 7.73  ? 199 VAL A CA  1 
ATOM   1310 C  C   . VAL A 1 181 ? -5.474  3.086   -3.268  1.00 8.25  ? 199 VAL A C   1 
ATOM   1311 O  O   . VAL A 1 181 ? -6.291  2.177   -2.981  1.00 7.52  ? 199 VAL A O   1 
ATOM   1312 C  CB  . VAL A 1 181 ? -4.009  1.708   -4.757  1.00 8.08  ? 199 VAL A CB  1 
ATOM   1313 C  CG1 . VAL A 1 181 ? -4.493  2.372   -6.077  1.00 7.53  ? 199 VAL A CG1 1 
ATOM   1314 C  CG2 . VAL A 1 181 ? -2.594  1.101   -4.916  1.00 7.06  ? 199 VAL A CG2 1 
ATOM   1315 N  N   . VAL A 1 182 ? -5.791  4.386   -3.217  1.00 8.95  ? 200 VAL A N   1 
ATOM   1316 C  CA  . VAL A 1 182 ? -7.117  4.892   -2.767  1.00 8.37  ? 200 VAL A CA  1 
ATOM   1317 C  C   . VAL A 1 182 ? -7.751  5.541   -3.957  1.00 9.10  ? 200 VAL A C   1 
ATOM   1318 O  O   . VAL A 1 182 ? -7.110  6.389   -4.610  1.00 9.17  ? 200 VAL A O   1 
ATOM   1319 C  CB  . VAL A 1 182 ? -6.935  5.952   -1.618  1.00 8.14  ? 200 VAL A CB  1 
ATOM   1320 C  CG1 . VAL A 1 182 ? -8.204  6.791   -1.395  1.00 9.31  ? 200 VAL A CG1 1 
ATOM   1321 C  CG2 . VAL A 1 182 ? -6.578  5.227   -0.302  1.00 7.63  ? 200 VAL A CG2 1 
ATOM   1322 N  N   . CYS A 1 183 ? -9.002  5.161   -4.233  1.00 10.58 ? 201 CYS A N   1 
ATOM   1323 C  CA  . CYS A 1 183 ? -9.750  5.696   -5.392  1.00 11.76 ? 201 CYS A CA  1 
ATOM   1324 C  C   . CYS A 1 183 ? -11.093 6.109   -4.906  1.00 12.19 ? 201 CYS A C   1 
ATOM   1325 O  O   . CYS A 1 183 ? -11.801 5.297   -4.337  1.00 13.09 ? 201 CYS A O   1 
ATOM   1326 C  CB  . CYS A 1 183 ? -9.904  4.631   -6.473  1.00 11.63 ? 201 CYS A CB  1 
ATOM   1327 S  SG  . CYS A 1 183 ? -8.508  3.527   -6.616  1.00 12.75 ? 201 CYS A SG  1 
ATOM   1328 N  N   . SER A 1 184 ? -11.430 7.378   -5.123  1.00 14.27 ? 202 SER A N   1 
ATOM   1329 C  CA  . SER A 1 184 ? -12.685 7.941   -4.650  1.00 17.19 ? 202 SER A CA  1 
ATOM   1330 C  C   . SER A 1 184 ? -12.945 7.717   -3.158  1.00 16.97 ? 202 SER A C   1 
ATOM   1331 O  O   . SER A 1 184 ? -14.059 7.371   -2.735  1.00 17.35 ? 202 SER A O   1 
ATOM   1332 C  CB  . SER A 1 184 ? -13.838 7.426   -5.510  1.00 18.62 ? 202 SER A CB  1 
ATOM   1333 O  OG  . SER A 1 184 ? -13.621 7.915   -6.836  1.00 24.16 ? 202 SER A OG  1 
ATOM   1334 N  N   . GLY A 1 185 ? -11.888 7.950   -2.367  1.00 17.55 ? 203 GLY A N   1 
ATOM   1335 C  CA  . GLY A 1 185 ? -11.953 7.827   -0.902  1.00 16.98 ? 203 GLY A CA  1 
ATOM   1336 C  C   . GLY A 1 185 ? -12.075 6.436   -0.263  1.00 16.27 ? 203 GLY A C   1 
ATOM   1337 O  O   . GLY A 1 185 ? -12.412 6.372   0.940   1.00 17.37 ? 203 GLY A O   1 
ATOM   1338 N  N   . LYS A 1 186 ? -11.787 5.355   -1.024  1.00 12.23 ? 204 LYS A N   1 
ATOM   1339 C  CA  . LYS A 1 186 ? -11.885 4.001   -0.525  1.00 11.32 ? 204 LYS A CA  1 
ATOM   1340 C  C   . LYS A 1 186 ? -10.573 3.335   -0.846  1.00 11.15 ? 204 LYS A C   1 
ATOM   1341 O  O   . LYS A 1 186 ? -9.959  3.594   -1.914  1.00 10.16 ? 204 LYS A O   1 
ATOM   1342 C  CB  . LYS A 1 186 ? -12.947 3.203   -1.271  1.00 13.68 ? 204 LYS A CB  1 
ATOM   1343 C  CG  . LYS A 1 186 ? -14.366 3.728   -1.079  1.00 17.90 ? 204 LYS A CG  1 
ATOM   1344 C  CD  . LYS A 1 186 ? -14.680 3.829   0.417   1.00 21.21 ? 204 LYS A CD  1 
ATOM   1345 C  CE  . LYS A 1 186 ? -15.647 4.992   0.752   1.00 24.51 ? 204 LYS A CE  1 
ATOM   1346 N  NZ  . LYS A 1 186 ? -16.986 4.705   0.195   1.00 24.61 ? 204 LYS A NZ  1 
ATOM   1347 N  N   . LEU A 1 187 ? -10.143 2.459   0.055   1.00 9.02  ? 209 LEU A N   1 
ATOM   1348 C  CA  . LEU A 1 187 ? -8.905  1.692   -0.206  1.00 8.50  ? 209 LEU A CA  1 
ATOM   1349 C  C   . LEU A 1 187 ? -9.178  0.581   -1.311  1.00 8.28  ? 209 LEU A C   1 
ATOM   1350 O  O   . LEU A 1 187 ? -9.873  -0.397  -1.017  1.00 11.64 ? 209 LEU A O   1 
ATOM   1351 C  CB  . LEU A 1 187 ? -8.398  1.079   1.135   1.00 7.09  ? 209 LEU A CB  1 
ATOM   1352 C  CG  . LEU A 1 187 ? -7.084  0.255   0.950   1.00 7.09  ? 209 LEU A CG  1 
ATOM   1353 C  CD1 . LEU A 1 187 ? -5.937  1.138   0.732   1.00 8.04  ? 209 LEU A CD1 1 
ATOM   1354 C  CD2 . LEU A 1 187 ? -6.824  -0.512  2.190   1.00 9.89  ? 209 LEU A CD2 1 
ATOM   1355 N  N   . GLN A 1 188 ? -8.689  0.737   -2.558  1.00 6.55  ? 210 GLN A N   1 
ATOM   1356 C  CA  . GLN A 1 188 ? -8.922  -0.276  -3.579  1.00 6.74  ? 210 GLN A CA  1 
ATOM   1357 C  C   . GLN A 1 188 ? -7.772  -1.233  -3.835  1.00 6.80  ? 210 GLN A C   1 
ATOM   1358 O  O   . GLN A 1 188 ? -7.996  -2.360  -4.273  1.00 7.59  ? 210 GLN A O   1 
ATOM   1359 C  CB  . GLN A 1 188 ? -9.313  0.353   -4.903  1.00 6.03  ? 210 GLN A CB  1 
ATOM   1360 C  CG  . GLN A 1 188 ? -10.696 0.975   -4.834  1.00 6.11  ? 210 GLN A CG  1 
ATOM   1361 C  CD  . GLN A 1 188 ? -11.914 0.001   -4.827  1.00 8.74  ? 210 GLN A CD  1 
ATOM   1362 O  OE1 . GLN A 1 188 ? -13.078 0.480   -4.794  1.00 14.60 ? 210 GLN A OE1 1 
ATOM   1363 N  NE2 . GLN A 1 188 ? -11.700 -1.276  -4.852  1.00 10.94 ? 210 GLN A NE2 1 
ATOM   1364 N  N   . GLY A 1 189 ? -6.550  -0.805  -3.547  1.00 6.69  ? 211 GLY A N   1 
ATOM   1365 C  CA  . GLY A 1 189 ? -5.408  -1.698  -3.754  1.00 6.52  ? 211 GLY A CA  1 
ATOM   1366 C  C   . GLY A 1 189 ? -4.286  -1.598  -2.754  1.00 7.35  ? 211 GLY A C   1 
ATOM   1367 O  O   . GLY A 1 189 ? -4.226  -0.664  -1.937  1.00 8.70  ? 211 GLY A O   1 
ATOM   1368 N  N   . ILE A 1 190 ? -3.347  -2.541  -2.852  1.00 7.53  ? 212 ILE A N   1 
ATOM   1369 C  CA  . ILE A 1 190 ? -2.155  -2.580  -1.986  1.00 7.52  ? 212 ILE A CA  1 
ATOM   1370 C  C   . ILE A 1 190 ? -1.016  -2.749  -2.922  1.00 5.20  ? 212 ILE A C   1 
ATOM   1371 O  O   . ILE A 1 190 ? -1.053  -3.618  -3.796  1.00 6.27  ? 212 ILE A O   1 
ATOM   1372 C  CB  . ILE A 1 190 ? -2.250  -3.798  -0.929  1.00 8.58  ? 212 ILE A CB  1 
ATOM   1373 C  CG1 . ILE A 1 190 ? -3.446  -3.500  0.011   1.00 8.06  ? 212 ILE A CG1 1 
ATOM   1374 C  CG2 . ILE A 1 190 ? -0.935  -4.010  -0.140  1.00 8.40  ? 212 ILE A CG2 1 
ATOM   1375 C  CD1 . ILE A 1 190 ? -3.965  -4.760  0.556   1.00 14.37 ? 212 ILE A CD1 1 
ATOM   1376 N  N   . VAL A 1 191 ? 0.000   -1.923  -2.738  1.00 5.85  ? 213 VAL A N   1 
ATOM   1377 C  CA  . VAL A 1 191 ? 1.211   -1.983  -3.572  1.00 6.76  ? 213 VAL A CA  1 
ATOM   1378 C  C   . VAL A 1 191 ? 1.806   -3.405  -3.449  1.00 7.05  ? 213 VAL A C   1 
ATOM   1379 O  O   . VAL A 1 191 ? 2.233   -3.855  -2.356  1.00 7.46  ? 213 VAL A O   1 
ATOM   1380 C  CB  . VAL A 1 191 ? 2.212   -0.914  -3.111  1.00 6.25  ? 213 VAL A CB  1 
ATOM   1381 C  CG1 . VAL A 1 191 ? 3.441   -1.043  -3.966  1.00 8.35  ? 213 VAL A CG1 1 
ATOM   1382 C  CG2 . VAL A 1 191 ? 1.575   0.524   -3.230  1.00 5.34  ? 213 VAL A CG2 1 
ATOM   1383 N  N   . SER A 1 192 ? 1.864   -4.131  -4.554  1.00 5.26  ? 214 SER A N   1 
ATOM   1384 C  CA  . SER A 1 192 ? 2.284   -5.524  -4.452  1.00 6.62  ? 214 SER A CA  1 
ATOM   1385 C  C   . SER A 1 192 ? 3.549   -5.873  -5.241  1.00 8.48  ? 214 SER A C   1 
ATOM   1386 O  O   . SER A 1 192 ? 4.561   -6.209  -4.640  1.00 10.24 ? 214 SER A O   1 
ATOM   1387 C  CB  . SER A 1 192 ? 1.079   -6.401  -4.859  1.00 5.99  ? 214 SER A CB  1 
ATOM   1388 O  OG  . SER A 1 192 ? 1.394   -7.767  -4.790  1.00 8.21  ? 214 SER A OG  1 
ATOM   1389 N  N   . TRP A 1 193 ? 3.490   -5.854  -6.595  1.00 8.65  ? 215 TRP A N   1 
ATOM   1390 C  CA  . TRP A 1 193 ? 4.642   -6.163  -7.367  1.00 8.63  ? 215 TRP A CA  1 
ATOM   1391 C  C   . TRP A 1 193 ? 4.676   -5.525  -8.749  1.00 9.13  ? 215 TRP A C   1 
ATOM   1392 O  O   . TRP A 1 193 ? 3.842   -4.726  -9.073  1.00 8.26  ? 215 TRP A O   1 
ATOM   1393 C  CB  . TRP A 1 193 ? 4.754   -7.679  -7.475  1.00 8.88  ? 215 TRP A CB  1 
ATOM   1394 C  CG  . TRP A 1 193 ? 3.613   -8.334  -8.227  1.00 9.65  ? 215 TRP A CG  1 
ATOM   1395 C  CD1 . TRP A 1 193 ? 2.405   -8.750  -7.727  1.00 9.79  ? 215 TRP A CD1 1 
ATOM   1396 C  CD2 . TRP A 1 193 ? 3.643   -8.765  -9.589  1.00 10.63 ? 215 TRP A CD2 1 
ATOM   1397 N  NE1 . TRP A 1 193 ? 1.696   -9.419  -8.683  1.00 9.82  ? 215 TRP A NE1 1 
ATOM   1398 C  CE2 . TRP A 1 193 ? 2.428   -9.445  -9.834  1.00 10.69 ? 215 TRP A CE2 1 
ATOM   1399 C  CE3 . TRP A 1 193 ? 4.589   -8.641  -10.625 1.00 11.39 ? 215 TRP A CE3 1 
ATOM   1400 C  CZ2 . TRP A 1 193 ? 2.129   -10.003 -11.076 1.00 12.30 ? 215 TRP A CZ2 1 
ATOM   1401 C  CZ3 . TRP A 1 193 ? 4.288   -9.198  -11.872 1.00 11.58 ? 215 TRP A CZ3 1 
ATOM   1402 C  CH2 . TRP A 1 193 ? 3.078   -9.868  -12.079 1.00 12.34 ? 215 TRP A CH2 1 
ATOM   1403 N  N   . GLY A 1 194 ? 5.710   -5.835  -9.527  1.00 10.31 ? 216 GLY A N   1 
ATOM   1404 C  CA  . GLY A 1 194 ? 5.799   -5.281  -10.896 1.00 12.30 ? 216 GLY A CA  1 
ATOM   1405 C  C   . GLY A 1 194 ? 7.188   -5.662  -11.445 1.00 13.86 ? 216 GLY A C   1 
ATOM   1406 O  O   . GLY A 1 194 ? 7.962   -6.131  -10.600 1.00 15.61 ? 216 GLY A O   1 
ATOM   1407 N  N   . SER A 1 195 ? 7.548   -5.534  -12.741 1.00 11.94 ? 217 SER A N   1 
ATOM   1408 C  CA  . SER A 1 195 ? 8.945   -5.864  -13.111 1.00 13.57 ? 217 SER A CA  1 
ATOM   1409 C  C   . SER A 1 195 ? 9.771   -4.591  -13.104 1.00 12.82 ? 217 SER A C   1 
ATOM   1410 O  O   . SER A 1 195 ? 9.540   -3.731  -13.964 1.00 14.84 ? 217 SER A O   1 
ATOM   1411 C  CB  . SER A 1 195 ? 9.096   -6.525  -14.478 1.00 13.10 ? 217 SER A CB  1 
ATOM   1412 O  OG  . SER A 1 195 ? 7.817   -6.545  -14.971 1.00 23.96 ? 217 SER A OG  1 
ATOM   1413 N  N   . GLY A 1 196 ? 10.728  -4.476  -12.166 1.00 11.18 ? 219 GLY A N   1 
ATOM   1414 C  CA  . GLY A 1 196 ? 11.508  -3.258  -12.030 1.00 12.09 ? 219 GLY A CA  1 
ATOM   1415 C  C   . GLY A 1 196 ? 10.469  -2.196  -11.641 1.00 13.05 ? 219 GLY A C   1 
ATOM   1416 O  O   . GLY A 1 196 ? 9.441   -2.528  -11.022 1.00 13.78 ? 219 GLY A O   1 
ATOM   1417 N  N   . CYS A 1 197 ? 10.717  -0.936  -11.982 1.00 12.70 ? 220 CYS A N   1 
ATOM   1418 C  CA  . CYS A 1 197 ? 9.785   0.181   -11.679 1.00 12.07 ? 220 CYS A CA  1 
ATOM   1419 C  C   . CYS A 1 197 ? 9.749   1.166   -12.839 1.00 12.43 ? 220 CYS A C   1 
ATOM   1420 O  O   . CYS A 1 197 ? 10.779  1.578   -13.369 1.00 11.92 ? 220 CYS A O   1 
ATOM   1421 C  CB  . CYS A 1 197 ? 10.248  0.974   -10.430 1.00 12.38 ? 220 CYS A CB  1 
ATOM   1422 S  SG  . CYS A 1 197 ? 10.550  -0.098  -8.970  1.00 14.50 ? 220 CYS A SG  1 
ATOM   1423 N  N   . ALA A 1 198 ? 8.555   1.593   -13.203 1.00 13.14 ? 221 ALA A N   1 
ATOM   1424 C  CA  . ALA A 1 198 ? 8.380   2.607   -14.216 1.00 14.52 ? 221 ALA A CA  1 
ATOM   1425 C  C   . ALA A 1 198 ? 8.927   2.233   -15.597 1.00 17.10 ? 221 ALA A C   1 
ATOM   1426 O  O   . ALA A 1 198 ? 9.180   3.142   -16.408 1.00 16.68 ? 221 ALA A O   1 
ATOM   1427 C  CB  . ALA A 1 198 ? 9.029   3.930   -13.759 1.00 13.21 ? 221 ALA A CB  1 
ATOM   1428 N  N   . GLN A 1 199 A 9.120   0.938   -15.857 1.00 16.28 ? 221 GLN A N   1 
ATOM   1429 C  CA  . GLN A 1 199 A 9.588   0.531   -17.162 1.00 18.03 ? 221 GLN A CA  1 
ATOM   1430 C  C   . GLN A 1 199 A 8.403   0.589   -18.166 1.00 16.43 ? 221 GLN A C   1 
ATOM   1431 O  O   . GLN A 1 199 A 7.243   0.387   -17.815 1.00 14.73 ? 221 GLN A O   1 
ATOM   1432 C  CB  . GLN A 1 199 A 10.097  -0.938  -17.094 1.00 20.38 ? 221 GLN A CB  1 
ATOM   1433 C  CG  . GLN A 1 199 A 11.305  -1.213  -16.198 1.00 26.48 ? 221 GLN A CG  1 
ATOM   1434 C  CD  . GLN A 1 199 A 12.529  -0.371  -16.604 1.00 30.21 ? 221 GLN A CD  1 
ATOM   1435 O  OE1 . GLN A 1 199 A 12.932  0.610   -15.904 1.00 31.84 ? 221 GLN A OE1 1 
ATOM   1436 N  NE2 . GLN A 1 199 A 13.135  -0.747  -17.742 1.00 32.96 ? 221 GLN A NE2 1 
ATOM   1437 N  N   . LYS A 1 200 ? 8.723   0.821   -19.435 1.00 16.91 ? 222 LYS A N   1 
ATOM   1438 C  CA  . LYS A 1 200 ? 7.758   0.820   -20.520 1.00 18.08 ? 222 LYS A CA  1 
ATOM   1439 C  C   . LYS A 1 200 ? 7.051   -0.544  -20.565 1.00 17.48 ? 222 LYS A C   1 
ATOM   1440 O  O   . LYS A 1 200 ? 7.727   -1.593  -20.569 1.00 17.08 ? 222 LYS A O   1 
ATOM   1441 C  CB  . LYS A 1 200 ? 8.550   1.074   -21.820 1.00 19.98 ? 222 LYS A CB  1 
ATOM   1442 C  CG  . LYS A 1 200 ? 7.793   1.063   -23.079 1.00 25.46 ? 222 LYS A CG  1 
ATOM   1443 C  CD  . LYS A 1 200 ? 6.397   1.683   -22.931 1.00 32.20 ? 222 LYS A CD  1 
ATOM   1444 C  CE  . LYS A 1 200 ? 5.471   1.451   -24.246 1.00 36.19 ? 222 LYS A CE  1 
ATOM   1445 N  NZ  . LYS A 1 200 ? 3.929   1.170   -24.128 1.00 35.47 ? 222 LYS A NZ  1 
ATOM   1446 N  N   . ASN A 1 201 ? 5.713   -0.542  -20.597 1.00 18.29 ? 223 ASN A N   1 
ATOM   1447 C  CA  . ASN A 1 201 ? 4.875   -1.778  -20.596 1.00 20.09 ? 223 ASN A CA  1 
ATOM   1448 C  C   . ASN A 1 201 ? 4.957   -2.755  -19.424 1.00 19.16 ? 223 ASN A C   1 
ATOM   1449 O  O   . ASN A 1 201 ? 4.708   -3.986  -19.588 1.00 19.98 ? 223 ASN A O   1 
ATOM   1450 C  CB  . ASN A 1 201 ? 5.109   -2.609  -21.820 1.00 24.11 ? 223 ASN A CB  1 
ATOM   1451 C  CG  . ASN A 1 201 ? 4.522   -1.986  -23.010 1.00 29.98 ? 223 ASN A CG  1 
ATOM   1452 O  OD1 . ASN A 1 201 ? 5.141   -1.981  -24.083 1.00 33.97 ? 223 ASN A OD1 1 
ATOM   1453 N  ND2 . ASN A 1 201 ? 3.334   -1.406  -22.848 1.00 31.43 ? 223 ASN A ND2 1 
ATOM   1454 N  N   . LYS A 1 202 ? 5.315   -2.236  -18.260 1.00 17.28 ? 224 LYS A N   1 
ATOM   1455 C  CA  . LYS A 1 202 ? 5.431   -3.044  -17.038 1.00 16.55 ? 224 LYS A CA  1 
ATOM   1456 C  C   . LYS A 1 202 ? 4.872   -2.194  -15.938 1.00 14.32 ? 224 LYS A C   1 
ATOM   1457 O  O   . LYS A 1 202 ? 5.631   -1.784  -15.057 1.00 13.58 ? 224 LYS A O   1 
ATOM   1458 C  CB  . LYS A 1 202 ? 6.905   -3.358  -16.752 1.00 18.76 ? 224 LYS A CB  1 
ATOM   1459 C  CG  . LYS A 1 202 ? 7.429   -4.475  -17.700 1.00 19.54 ? 224 LYS A CG  1 
ATOM   1460 C  CD  . LYS A 1 202 ? 6.488   -5.711  -17.608 1.00 21.79 ? 224 LYS A CD  1 
ATOM   1461 C  CE  . LYS A 1 202 ? 6.403   -6.464  -18.912 1.00 24.87 ? 224 LYS A CE  1 
ATOM   1462 N  NZ  . LYS A 1 202 ? 6.768   -7.912  -18.698 1.00 24.23 ? 224 LYS A NZ  1 
ATOM   1463 N  N   . PRO A 1 203 ? 3.517   -1.958  -15.960 1.00 14.23 ? 225 PRO A N   1 
ATOM   1464 C  CA  . PRO A 1 203 ? 2.849   -1.132  -14.954 1.00 12.67 ? 225 PRO A CA  1 
ATOM   1465 C  C   . PRO A 1 203 ? 2.910   -1.884  -13.606 1.00 11.59 ? 225 PRO A C   1 
ATOM   1466 O  O   . PRO A 1 203 ? 3.298   -3.059  -13.558 1.00 10.62 ? 225 PRO A O   1 
ATOM   1467 C  CB  . PRO A 1 203 ? 1.427   -1.010  -15.472 1.00 12.84 ? 225 PRO A CB  1 
ATOM   1468 C  CG  . PRO A 1 203 ? 1.203   -2.291  -16.225 1.00 13.44 ? 225 PRO A CG  1 
ATOM   1469 C  CD  . PRO A 1 203 ? 2.526   -2.591  -16.859 1.00 14.36 ? 225 PRO A CD  1 
ATOM   1470 N  N   . GLY A 1 204 ? 2.531   -1.179  -12.532 1.00 11.07 ? 226 GLY A N   1 
ATOM   1471 C  CA  . GLY A 1 204 ? 2.533   -1.765  -11.214 1.00 9.20  ? 226 GLY A CA  1 
ATOM   1472 C  C   . GLY A 1 204 ? 1.362   -2.693  -11.054 1.00 8.19  ? 226 GLY A C   1 
ATOM   1473 O  O   . GLY A 1 204 ? 0.313   -2.468  -11.671 1.00 9.00  ? 226 GLY A O   1 
ATOM   1474 N  N   . VAL A 1 205 ? 1.539   -3.753  -10.258 1.00 7.99  ? 227 VAL A N   1 
ATOM   1475 C  CA  . VAL A 1 205 ? 0.495   -4.762  -9.979  1.00 7.64  ? 227 VAL A CA  1 
ATOM   1476 C  C   . VAL A 1 205 ? 0.093   -4.582  -8.502  1.00 8.31  ? 227 VAL A C   1 
ATOM   1477 O  O   . VAL A 1 205 ? 0.962   -4.448  -7.644  1.00 7.26  ? 227 VAL A O   1 
ATOM   1478 C  CB  . VAL A 1 205 ? 0.997   -6.234  -10.253 1.00 9.34  ? 227 VAL A CB  1 
ATOM   1479 C  CG1 . VAL A 1 205 ? -0.174  -7.251  -10.063 1.00 10.48 ? 227 VAL A CG1 1 
ATOM   1480 C  CG2 . VAL A 1 205 ? 1.564   -6.289  -11.691 1.00 8.14  ? 227 VAL A CG2 1 
ATOM   1481 N  N   . TYR A 1 206 ? -1.224  -4.561  -8.262  1.00 7.06  ? 228 TYR A N   1 
ATOM   1482 C  CA  . TYR A 1 206 ? -1.753  -4.275  -6.953  1.00 5.13  ? 228 TYR A CA  1 
ATOM   1483 C  C   . TYR A 1 206 ? -2.704  -5.332  -6.441  1.00 5.83  ? 228 TYR A C   1 
ATOM   1484 O  O   . TYR A 1 206 ? -3.452  -5.948  -7.202  1.00 6.28  ? 228 TYR A O   1 
ATOM   1485 C  CB  . TYR A 1 206 ? -2.477  -2.908  -7.082  1.00 5.04  ? 228 TYR A CB  1 
ATOM   1486 C  CG  . TYR A 1 206 ? -1.525  -1.799  -7.442  1.00 6.49  ? 228 TYR A CG  1 
ATOM   1487 C  CD1 . TYR A 1 206 ? -0.841  -1.116  -6.453  1.00 6.55  ? 228 TYR A CD1 1 
ATOM   1488 C  CD2 . TYR A 1 206 ? -1.230  -1.490  -8.794  1.00 7.52  ? 228 TYR A CD2 1 
ATOM   1489 C  CE1 . TYR A 1 206 ? 0.135   -0.139  -6.761  1.00 8.23  ? 228 TYR A CE1 1 
ATOM   1490 C  CE2 . TYR A 1 206 ? -0.273  -0.527  -9.122  1.00 6.62  ? 228 TYR A CE2 1 
ATOM   1491 C  CZ  . TYR A 1 206 ? 0.414   0.146   -8.109  1.00 7.75  ? 228 TYR A CZ  1 
ATOM   1492 O  OH  . TYR A 1 206 ? 1.403   1.086   -8.338  1.00 6.87  ? 228 TYR A OH  1 
ATOM   1493 N  N   . THR A 1 207 ? -2.721  -5.561  -5.133  1.00 5.36  ? 229 THR A N   1 
ATOM   1494 C  CA  . THR A 1 207 ? -3.697  -6.501  -4.587  1.00 5.40  ? 229 THR A CA  1 
ATOM   1495 C  C   . THR A 1 207 ? -5.067  -5.853  -4.659  1.00 5.99  ? 229 THR A C   1 
ATOM   1496 O  O   . THR A 1 207 ? -5.254  -4.706  -4.307  1.00 6.24  ? 229 THR A O   1 
ATOM   1497 C  CB  . THR A 1 207 ? -3.355  -6.868  -3.112  1.00 4.75  ? 229 THR A CB  1 
ATOM   1498 O  OG1 . THR A 1 207 ? -2.051  -7.419  -3.090  1.00 6.96  ? 229 THR A OG1 1 
ATOM   1499 C  CG2 . THR A 1 207 ? -4.333  -7.938  -2.561  1.00 4.19  ? 229 THR A CG2 1 
ATOM   1500 N  N   . LYS A 1 208 ? -6.035  -6.633  -5.111  1.00 7.05  ? 230 LYS A N   1 
ATOM   1501 C  CA  . LYS A 1 208 ? -7.426  -6.174  -5.297  1.00 8.96  ? 230 LYS A CA  1 
ATOM   1502 C  C   . LYS A 1 208 ? -8.226  -6.311  -3.996  1.00 7.42  ? 230 LYS A C   1 
ATOM   1503 O  O   . LYS A 1 208 ? -8.867  -7.348  -3.738  1.00 7.78  ? 230 LYS A O   1 
ATOM   1504 C  CB  . LYS A 1 208 ? -8.082  -6.990  -6.437  1.00 7.53  ? 230 LYS A CB  1 
ATOM   1505 C  CG  . LYS A 1 208 ? -9.263  -6.321  -7.012  1.00 14.07 ? 230 LYS A CG  1 
ATOM   1506 C  CD  . LYS A 1 208 ? -9.796  -7.190  -8.150  1.00 18.88 ? 230 LYS A CD  1 
ATOM   1507 C  CE  . LYS A 1 208 ? -9.904  -6.411  -9.428  1.00 25.41 ? 230 LYS A CE  1 
ATOM   1508 N  NZ  . LYS A 1 208 ? -11.362 -6.165  -9.806  1.00 28.37 ? 230 LYS A NZ  1 
ATOM   1509 N  N   . VAL A 1 209 ? -8.195  -5.244  -3.199  1.00 9.04  ? 231 VAL A N   1 
ATOM   1510 C  CA  . VAL A 1 209 ? -8.871  -5.193  -1.883  1.00 9.33  ? 231 VAL A CA  1 
ATOM   1511 C  C   . VAL A 1 209 ? -10.359 -5.536  -1.831  1.00 9.05  ? 231 VAL A C   1 
ATOM   1512 O  O   . VAL A 1 209 ? -10.789 -6.205  -0.884  1.00 8.61  ? 231 VAL A O   1 
ATOM   1513 C  CB  . VAL A 1 209 ? -8.613  -3.792  -1.153  1.00 7.86  ? 231 VAL A CB  1 
ATOM   1514 C  CG1 . VAL A 1 209 ? -9.176  -3.799  0.224   1.00 7.78  ? 231 VAL A CG1 1 
ATOM   1515 C  CG2 . VAL A 1 209 ? -7.068  -3.548  -0.997  1.00 9.32  ? 231 VAL A CG2 1 
ATOM   1516 N  N   . CYS A 1 210 ? -11.133 -5.145  -2.859  1.00 9.65  ? 232 CYS A N   1 
ATOM   1517 C  CA  . CYS A 1 210 ? -12.565 -5.422  -2.831  1.00 9.77  ? 232 CYS A CA  1 
ATOM   1518 C  C   . CYS A 1 210 ? -12.904 -6.870  -2.718  1.00 9.47  ? 232 CYS A C   1 
ATOM   1519 O  O   . CYS A 1 210 ? -13.933 -7.204  -2.202  1.00 11.08 ? 232 CYS A O   1 
ATOM   1520 C  CB  . CYS A 1 210 ? -13.273 -4.814  -4.042  1.00 11.68 ? 232 CYS A CB  1 
ATOM   1521 S  SG  . CYS A 1 210 ? -12.683 -5.506  -5.594  1.00 13.51 ? 232 CYS A SG  1 
ATOM   1522 N  N   . ASN A 1 211 ? -11.984 -7.754  -3.115  1.00 9.59  ? 233 ASN A N   1 
ATOM   1523 C  CA  . ASN A 1 211 ? -12.225 -9.176  -3.020  1.00 9.72  ? 233 ASN A CA  1 
ATOM   1524 C  C   . ASN A 1 211 ? -12.041 -9.707  -1.581  1.00 9.74  ? 233 ASN A C   1 
ATOM   1525 O  O   . ASN A 1 211 ? -12.455 -10.834 -1.281  1.00 11.70 ? 233 ASN A O   1 
ATOM   1526 C  CB  . ASN A 1 211 ? -11.221 -9.940  -3.901  1.00 10.05 ? 233 ASN A CB  1 
ATOM   1527 C  CG  . ASN A 1 211 ? -11.530 -9.830  -5.434  1.00 13.01 ? 233 ASN A CG  1 
ATOM   1528 O  OD1 . ASN A 1 211 ? -12.481 -9.121  -5.845  1.00 10.02 ? 233 ASN A OD1 1 
ATOM   1529 N  ND2 . ASN A 1 211 ? -10.697 -10.547 -6.264  1.00 12.63 ? 233 ASN A ND2 1 
ATOM   1530 N  N   . TYR A 1 212 ? -11.422 -8.919  -0.722  1.00 8.83  ? 234 TYR A N   1 
ATOM   1531 C  CA  . TYR A 1 212 ? -11.082 -9.405  0.615   1.00 8.68  ? 234 TYR A CA  1 
ATOM   1532 C  C   . TYR A 1 212 ? -11.851 -8.786  1.753   1.00 9.30  ? 234 TYR A C   1 
ATOM   1533 O  O   . TYR A 1 212 ? -11.552 -9.051  2.912   1.00 9.58  ? 234 TYR A O   1 
ATOM   1534 C  CB  . TYR A 1 212 ? -9.570  -9.139  0.805   1.00 8.33  ? 234 TYR A CB  1 
ATOM   1535 C  CG  . TYR A 1 212 ? -8.665  -9.888  -0.163  1.00 8.34  ? 234 TYR A CG  1 
ATOM   1536 C  CD1 . TYR A 1 212 ? -8.409  -11.237 0.012   1.00 9.04  ? 234 TYR A CD1 1 
ATOM   1537 C  CD2 . TYR A 1 212 ? -8.097  -9.249  -1.265  1.00 8.65  ? 234 TYR A CD2 1 
ATOM   1538 C  CE1 . TYR A 1 212 ? -7.635  -11.942 -0.859  1.00 9.28  ? 234 TYR A CE1 1 
ATOM   1539 C  CE2 . TYR A 1 212 ? -7.304  -9.963  -2.168  1.00 8.79  ? 234 TYR A CE2 1 
ATOM   1540 C  CZ  . TYR A 1 212 ? -7.082  -11.305 -1.956  1.00 9.61  ? 234 TYR A CZ  1 
ATOM   1541 O  OH  . TYR A 1 212 ? -6.305  -12.052 -2.817  1.00 9.68  ? 234 TYR A OH  1 
ATOM   1542 N  N   . VAL A 1 213 ? -12.851 -7.974  1.436   1.00 9.58  ? 235 VAL A N   1 
ATOM   1543 C  CA  . VAL A 1 213 ? -13.617 -7.233  2.445   1.00 10.11 ? 235 VAL A CA  1 
ATOM   1544 C  C   . VAL A 1 213 ? -14.273 -8.125  3.486   1.00 11.39 ? 235 VAL A C   1 
ATOM   1545 O  O   . VAL A 1 213 ? -14.247 -7.821  4.695   1.00 13.12 ? 235 VAL A O   1 
ATOM   1546 C  CB  . VAL A 1 213 ? -14.625 -6.265  1.797   1.00 10.62 ? 235 VAL A CB  1 
ATOM   1547 C  CG1 . VAL A 1 213 ? -15.505 -5.693  2.870   1.00 13.98 ? 235 VAL A CG1 1 
ATOM   1548 C  CG2 . VAL A 1 213 ? -13.855 -5.110  1.079   1.00 11.19 ? 235 VAL A CG2 1 
ATOM   1549 N  N   . SER A 1 214 ? -14.819 -9.233  3.047   1.00 10.81 ? 236 SER A N   1 
ATOM   1550 C  CA  . SER A 1 214 ? -15.439 -10.140 3.980   1.00 12.10 ? 236 SER A CA  1 
ATOM   1551 C  C   . SER A 1 214 ? -14.398 -10.758 4.862   1.00 11.35 ? 236 SER A C   1 
ATOM   1552 O  O   . SER A 1 214 ? -14.616 -10.884 6.081   1.00 11.98 ? 236 SER A O   1 
ATOM   1553 C  CB  . SER A 1 214 ? -16.171 -11.224 3.220   1.00 13.18 ? 236 SER A CB  1 
ATOM   1554 O  OG  . SER A 1 214 ? -17.417 -10.638 2.844   1.00 22.58 ? 236 SER A OG  1 
ATOM   1555 N  N   . TRP A 1 215 ? -13.270 -11.163 4.277   1.00 10.07 ? 237 TRP A N   1 
ATOM   1556 C  CA  . TRP A 1 215 ? -12.215 -11.749 5.105   1.00 9.77  ? 237 TRP A CA  1 
ATOM   1557 C  C   . TRP A 1 215 ? -11.667 -10.719 6.109   1.00 9.49  ? 237 TRP A C   1 
ATOM   1558 O  O   . TRP A 1 215 ? -11.453 -11.061 7.284   1.00 10.41 ? 237 TRP A O   1 
ATOM   1559 C  CB  . TRP A 1 215 ? -11.113 -12.390 4.249   1.00 8.83  ? 237 TRP A CB  1 
ATOM   1560 C  CG  . TRP A 1 215 ? -9.893  -12.779 5.084   1.00 8.44  ? 237 TRP A CG  1 
ATOM   1561 C  CD1 . TRP A 1 215 ? -9.750  -13.903 5.815   1.00 8.63  ? 237 TRP A CD1 1 
ATOM   1562 C  CD2 . TRP A 1 215 ? -8.667  -12.051 5.199   1.00 7.87  ? 237 TRP A CD2 1 
ATOM   1563 N  NE1 . TRP A 1 215 ? -8.499  -13.935 6.381   1.00 8.30  ? 237 TRP A NE1 1 
ATOM   1564 C  CE2 . TRP A 1 215 ? -7.808  -12.812 6.018   1.00 8.68  ? 237 TRP A CE2 1 
ATOM   1565 C  CE3 . TRP A 1 215 ? -8.207  -10.838 4.687   1.00 7.66  ? 237 TRP A CE3 1 
ATOM   1566 C  CZ2 . TRP A 1 215 ? -6.518  -12.406 6.345   1.00 10.36 ? 237 TRP A CZ2 1 
ATOM   1567 C  CZ3 . TRP A 1 215 ? -6.916  -10.420 5.004   1.00 8.59  ? 237 TRP A CZ3 1 
ATOM   1568 C  CH2 . TRP A 1 215 ? -6.079  -11.208 5.832   1.00 8.79  ? 237 TRP A CH2 1 
ATOM   1569 N  N   . ILE A 1 216 ? -11.460 -9.472  5.695   1.00 9.13  ? 238 ILE A N   1 
ATOM   1570 C  CA  . ILE A 1 216 ? -11.005 -8.454  6.628   1.00 10.37 ? 238 ILE A CA  1 
ATOM   1571 C  C   . ILE A 1 216 ? -12.034 -8.215  7.759   1.00 11.52 ? 238 ILE A C   1 
ATOM   1572 O  O   . ILE A 1 216 ? -11.684 -8.218  8.916   1.00 9.99  ? 238 ILE A O   1 
ATOM   1573 C  CB  . ILE A 1 216 ? -10.793 -7.126  5.921   1.00 10.89 ? 238 ILE A CB  1 
ATOM   1574 C  CG1 . ILE A 1 216 ? -9.577  -7.218  5.025   1.00 11.12 ? 238 ILE A CG1 1 
ATOM   1575 C  CG2 . ILE A 1 216 ? -10.586 -6.034  6.899   1.00 11.23 ? 238 ILE A CG2 1 
ATOM   1576 C  CD1 . ILE A 1 216 ? -9.425  -6.062  4.142   1.00 11.27 ? 238 ILE A CD1 1 
ATOM   1577 N  N   . LYS A 1 217 ? -13.294 -8.018  7.424   1.00 11.30 ? 239 LYS A N   1 
ATOM   1578 C  CA  . LYS A 1 217 ? -14.230 -7.714  8.470   1.00 13.60 ? 239 LYS A CA  1 
ATOM   1579 C  C   . LYS A 1 217 ? -14.384 -8.822  9.438   1.00 13.67 ? 239 LYS A C   1 
ATOM   1580 O  O   . LYS A 1 217 ? -14.479 -8.597  10.632  1.00 13.90 ? 239 LYS A O   1 
ATOM   1581 C  CB  . LYS A 1 217 ? -15.581 -7.414  7.854   1.00 16.04 ? 239 LYS A CB  1 
ATOM   1582 C  CG  . LYS A 1 217 ? -15.604 -6.170  7.022   1.00 20.73 ? 239 LYS A CG  1 
ATOM   1583 C  CD  . LYS A 1 217 ? -17.056 -5.921  6.475   1.00 26.56 ? 239 LYS A CD  1 
ATOM   1584 C  CE  . LYS A 1 217 ? -17.168 -4.524  5.787   1.00 31.36 ? 239 LYS A CE  1 
ATOM   1585 N  NZ  . LYS A 1 217 ? -17.993 -3.468  6.504   1.00 35.43 ? 239 LYS A NZ  1 
ATOM   1586 N  N   . GLN A 1 218 ? -14.446 -10.063 8.983   1.00 14.83 ? 240 GLN A N   1 
ATOM   1587 C  CA  . GLN A 1 218 ? -14.636 -11.013 10.015  1.00 16.35 ? 240 GLN A CA  1 
ATOM   1588 C  C   . GLN A 1 218 ? -13.413 -11.338 10.792  1.00 14.70 ? 240 GLN A C   1 
ATOM   1589 O  O   . GLN A 1 218 ? -13.537 -11.754 11.965  1.00 13.30 ? 240 GLN A O   1 
ATOM   1590 C  CB  . GLN A 1 218 ? -15.381 -12.269 9.613   1.00 22.32 ? 240 GLN A CB  1 
ATOM   1591 C  CG  . GLN A 1 218 ? -15.144 -12.923 8.339   1.00 29.92 ? 240 GLN A CG  1 
ATOM   1592 C  CD  . GLN A 1 218 ? -16.494 -13.526 7.747   1.00 36.45 ? 240 GLN A CD  1 
ATOM   1593 O  OE1 . GLN A 1 218 ? -17.573 -12.824 7.723   1.00 40.53 ? 240 GLN A OE1 1 
ATOM   1594 N  NE2 . GLN A 1 218 ? -16.436 -14.808 7.270   1.00 36.37 ? 240 GLN A NE2 1 
ATOM   1595 N  N   . THR A 1 219 ? -12.243 -11.125 10.191  1.00 12.74 ? 241 THR A N   1 
ATOM   1596 C  CA  . THR A 1 219 ? -11.022 -11.367 10.946  1.00 12.15 ? 241 THR A CA  1 
ATOM   1597 C  C   . THR A 1 219 ? -10.970 -10.276 12.026  1.00 12.91 ? 241 THR A C   1 
ATOM   1598 O  O   . THR A 1 219 ? -10.667 -10.603 13.214  1.00 12.01 ? 241 THR A O   1 
ATOM   1599 C  CB  . THR A 1 219 ? -9.712  -11.304 10.100  1.00 11.02 ? 241 THR A CB  1 
ATOM   1600 O  OG1 . THR A 1 219 ? -9.746  -12.320 9.116   1.00 10.59 ? 241 THR A OG1 1 
ATOM   1601 C  CG2 . THR A 1 219 ? -8.509  -11.462 10.932  1.00 9.79  ? 241 THR A CG2 1 
ATOM   1602 N  N   . ILE A 1 220 ? -11.276 -9.028  11.696  1.00 11.66 ? 242 ILE A N   1 
ATOM   1603 C  CA  . ILE A 1 220 ? -11.188 -8.088  12.761  1.00 14.79 ? 242 ILE A CA  1 
ATOM   1604 C  C   . ILE A 1 220 ? -12.276 -8.259  13.795  1.00 14.97 ? 242 ILE A C   1 
ATOM   1605 O  O   . ILE A 1 220 ? -12.062 -7.972  14.973  1.00 16.06 ? 242 ILE A O   1 
ATOM   1606 C  CB  . ILE A 1 220 ? -11.013 -6.606  12.281  1.00 18.19 ? 242 ILE A CB  1 
ATOM   1607 C  CG1 . ILE A 1 220 ? -12.187 -6.019  11.562  1.00 20.11 ? 242 ILE A CG1 1 
ATOM   1608 C  CG2 . ILE A 1 220 ? -9.884  -6.530  11.307  1.00 17.01 ? 242 ILE A CG2 1 
ATOM   1609 C  CD1 . ILE A 1 220 ? -11.752 -4.609  10.896  1.00 22.09 ? 242 ILE A CD1 1 
ATOM   1610 N  N   . ALA A 1 221 ? -13.424 -8.795  13.416  1.00 14.92 ? 243 ALA A N   1 
ATOM   1611 C  CA  . ALA A 1 221 ? -14.509 -8.977  14.393  1.00 15.91 ? 243 ALA A CA  1 
ATOM   1612 C  C   . ALA A 1 221 ? -14.248 -10.108 15.393  1.00 16.73 ? 243 ALA A C   1 
ATOM   1613 O  O   . ALA A 1 221 ? -14.986 -10.218 16.355  1.00 19.23 ? 243 ALA A O   1 
ATOM   1614 C  CB  . ALA A 1 221 ? -15.893 -9.227  13.644  1.00 15.97 ? 243 ALA A CB  1 
ATOM   1615 N  N   . SER A 1 222 ? -13.224 -10.946 15.187  1.00 15.98 ? 244 SER A N   1 
ATOM   1616 C  CA  . SER A 1 222 ? -12.931 -12.077 16.061  1.00 17.03 ? 244 SER A CA  1 
ATOM   1617 C  C   . SER A 1 222 ? -11.589 -12.062 16.656  1.00 18.00 ? 244 SER A C   1 
ATOM   1618 O  O   . SER A 1 222 ? -11.230 -13.034 17.301  1.00 18.96 ? 244 SER A O   1 
ATOM   1619 C  CB  . SER A 1 222 ? -13.004 -13.417 15.357  1.00 17.25 ? 244 SER A CB  1 
ATOM   1620 O  OG  . SER A 1 222 ? -14.142 -13.481 14.542  1.00 22.99 ? 244 SER A OG  1 
ATOM   1621 N  N   . ASN A 1 223 ? -10.815 -11.007 16.433  1.00 16.96 ? 245 ASN A N   1 
ATOM   1622 C  CA  . ASN A 1 223 ? -9.500  -10.894 16.986  1.00 16.47 ? 245 ASN A CA  1 
ATOM   1623 C  C   . ASN A 1 223 ? -9.517  -9.456  17.571  1.00 16.02 ? 245 ASN A C   1 
ATOM   1624 O  O   . ASN A 1 223 ? -8.371  -9.154  17.924  1.00 19.38 ? 245 ASN A O   1 
ATOM   1625 C  CB  . ASN A 1 223 ? -8.448  -11.069 15.858  1.00 15.39 ? 245 ASN A CB  1 
ATOM   1626 C  CG  . ASN A 1 223 ? -8.358  -12.505 15.301  1.00 15.55 ? 245 ASN A CG  1 
ATOM   1627 O  OD1 . ASN A 1 223 ? -7.540  -13.282 15.768  1.00 20.29 ? 245 ASN A OD1 1 
ATOM   1628 N  ND2 . ASN A 1 223 ? -9.159  -12.850 14.287  1.00 11.77 ? 245 ASN A ND2 1 
HETATM 1629 CA CA  . CA  B 2 .   ? 8.751   11.838  11.512  1.00 11.17 ? 246 CA  A CA  1 
HETATM 1630 C  C1  . 4CM C 3 .   ? 6.724   -2.600  -7.860  1.00 22.63 ? 247 4CM A C1  1 
HETATM 1631 O  O1  . 4CM C 3 .   ? 9.724   -5.340  -4.364  1.00 27.63 ? 247 4CM A O1  1 
HETATM 1632 C  C2  . 4CM C 3 .   ? 7.901   -3.414  -8.037  1.00 23.77 ? 247 4CM A C2  1 
HETATM 1633 O  O2  . 4CM C 3 .   ? 7.642   -4.975  -3.045  1.00 27.70 ? 247 4CM A O2  1 
HETATM 1634 C  C3  . 4CM C 3 .   ? 8.336   -4.261  -6.983  1.00 25.51 ? 247 4CM A C3  1 
HETATM 1635 N  N1  . 4CM C 3 .   ? 5.208   -1.034  -8.847  1.00 20.61 ? 247 4CM A N1  1 
HETATM 1636 N  N2  . 4CM C 3 .   ? 6.949   -1.687  -10.100 1.00 19.82 ? 247 4CM A N2  1 
HETATM 1637 C  C4  . 4CM C 3 .   ? 7.603   -4.303  -5.739  1.00 25.57 ? 247 4CM A C4  1 
HETATM 1638 C  C5  . 4CM C 3 .   ? 6.414   -3.464  -5.560  1.00 23.76 ? 247 4CM A C5  1 
HETATM 1639 C  C6  . 4CM C 3 .   ? 5.989   -2.629  -6.628  1.00 22.09 ? 247 4CM A C6  1 
HETATM 1640 C  C7  . 4CM C 3 .   ? 6.275   -1.736  -8.979  1.00 20.55 ? 247 4CM A C7  1 
HETATM 1641 P  P1  . 4CM C 3 .   ? 8.195   -5.422  -4.419  1.00 25.87 ? 247 4CM A P1  1 
HETATM 1642 C  C8  . 4CM C 3 .   ? 7.604   -7.124  -4.856  1.00 22.35 ? 247 4CM A C8  1 
HETATM 1643 O  O   . HOH D 4 .   ? -2.769  6.802   -1.027  1.00 8.08  ? 248 HOH A O   1 
HETATM 1644 O  O   . HOH D 4 .   ? 8.604   7.454   -2.684  1.00 4.84  ? 249 HOH A O   1 
HETATM 1645 O  O   . HOH D 4 .   ? 10.006  6.799   11.079  1.00 8.67  ? 250 HOH A O   1 
HETATM 1646 O  O   . HOH D 4 .   ? 6.083   3.142   1.823   1.00 8.62  ? 251 HOH A O   1 
HETATM 1647 O  O   . HOH D 4 .   ? 9.781   4.252   9.793   1.00 9.38  ? 252 HOH A O   1 
HETATM 1648 O  O   . HOH D 4 .   ? 3.049   12.825  5.376   1.00 12.32 ? 253 HOH A O   1 
HETATM 1649 O  O   . HOH D 4 .   ? 1.368   9.786   6.910   1.00 12.61 ? 254 HOH A O   1 
HETATM 1650 O  O   . HOH D 4 .   ? 7.019   13.378  10.601  1.00 8.56  ? 255 HOH A O   1 
HETATM 1651 O  O   . HOH D 4 .   ? -10.298 -3.349  -4.969  1.00 9.37  ? 256 HOH A O   1 
HETATM 1652 O  O   . HOH D 4 .   ? 2.845   7.410   8.871   1.00 10.85 ? 257 HOH A O   1 
HETATM 1653 O  O   . HOH D 4 .   ? 8.421   10.619  -6.968  1.00 20.47 ? 258 HOH A O   1 
HETATM 1654 O  O   . HOH D 4 .   ? -3.182  -10.643 -4.870  1.00 9.21  ? 259 HOH A O   1 
HETATM 1655 O  O   . HOH D 4 .   ? 14.269  14.484  15.252  1.00 17.13 ? 260 HOH A O   1 
HETATM 1656 O  O   . HOH D 4 .   ? 5.272   14.783  1.815   1.00 9.50  ? 261 HOH A O   1 
HETATM 1657 O  O   . HOH D 4 .   ? 6.640   17.042  2.886   1.00 11.07 ? 262 HOH A O   1 
HETATM 1658 O  O   . HOH D 4 .   ? 2.800   -2.246  -7.295  1.00 14.75 ? 263 HOH A O   1 
HETATM 1659 O  O   . HOH D 4 .   ? 11.158  17.231  6.247   1.00 28.73 ? 264 HOH A O   1 
HETATM 1660 O  O   . HOH D 4 .   ? 0.524   11.960  4.915   1.00 13.25 ? 265 HOH A O   1 
HETATM 1661 O  O   . HOH D 4 .   ? 1.835   1.954   -10.795 1.00 8.72  ? 266 HOH A O   1 
HETATM 1662 O  O   . HOH D 4 .   ? -12.789 -6.922  17.317  1.00 22.73 ? 267 HOH A O   1 
HETATM 1663 O  O   . HOH D 4 .   ? 11.126  0.260   15.883  1.00 17.71 ? 268 HOH A O   1 
HETATM 1664 O  O   . HOH D 4 .   ? 9.834   -3.567  -1.778  1.00 42.08 ? 269 HOH A O   1 
HETATM 1665 O  O   . HOH D 4 .   ? 16.627  8.446   3.100   1.00 19.99 ? 270 HOH A O   1 
HETATM 1666 O  O   . HOH D 4 .   ? -0.711  -9.509  -5.722  1.00 13.93 ? 271 HOH A O   1 
HETATM 1667 O  O   . HOH D 4 .   ? -6.087  -4.442  -14.194 1.00 13.22 ? 272 HOH A O   1 
HETATM 1668 O  O   . HOH D 4 .   ? 3.839   7.616   19.970  1.00 23.54 ? 273 HOH A O   1 
HETATM 1669 O  O   . HOH D 4 .   ? 9.729   9.944   12.760  1.00 9.65  ? 274 HOH A O   1 
HETATM 1670 O  O   . HOH D 4 .   ? 3.109   0.119   21.620  1.00 17.86 ? 275 HOH A O   1 
HETATM 1671 O  O   . HOH D 4 .   ? -13.034 -12.208 1.441   1.00 16.18 ? 276 HOH A O   1 
HETATM 1672 O  O   . HOH D 4 .   ? -1.881  -19.413 -6.157  1.00 23.33 ? 277 HOH A O   1 
HETATM 1673 O  O   . HOH D 4 .   ? -6.909  10.274  -0.196  1.00 31.58 ? 278 HOH A O   1 
HETATM 1674 O  O   . HOH D 4 .   ? 13.635  -0.598  -12.757 1.00 22.60 ? 279 HOH A O   1 
HETATM 1675 O  O   . HOH D 4 .   ? 3.574   2.888   0.622   1.00 6.41  ? 280 HOH A O   1 
HETATM 1676 O  O   . HOH D 4 .   ? -7.104  3.003   -17.880 1.00 19.56 ? 281 HOH A O   1 
HETATM 1677 O  O   . HOH D 4 .   ? 3.854   16.155  10.924  1.00 20.14 ? 282 HOH A O   1 
HETATM 1678 O  O   . HOH D 4 .   ? 3.181   2.551   -14.183 1.00 14.00 ? 283 HOH A O   1 
HETATM 1679 O  O   . HOH D 4 .   ? -10.366 -14.137 1.384   1.00 17.11 ? 284 HOH A O   1 
HETATM 1680 O  O   . HOH D 4 .   ? 11.293  10.238  -9.313  1.00 21.12 ? 285 HOH A O   1 
HETATM 1681 O  O   . HOH D 4 .   ? -10.373 -5.992  17.116  1.00 20.80 ? 286 HOH A O   1 
HETATM 1682 O  O   . HOH D 4 .   ? -8.507  -20.576 3.070   1.00 47.53 ? 287 HOH A O   1 
HETATM 1683 O  O   . HOH D 4 .   ? 5.553   1.161   -15.115 1.00 15.66 ? 288 HOH A O   1 
HETATM 1684 O  O   . HOH D 4 .   ? 3.574   13.057  -10.875 1.00 22.66 ? 289 HOH A O   1 
HETATM 1685 O  O   . HOH D 4 .   ? 1.247   -14.183 -10.720 1.00 24.73 ? 290 HOH A O   1 
HETATM 1686 O  O   . HOH D 4 .   ? -12.301 2.108   7.290   1.00 47.75 ? 291 HOH A O   1 
HETATM 1687 O  O   . HOH D 4 .   ? -9.889  11.396  12.029  1.00 29.48 ? 292 HOH A O   1 
HETATM 1688 O  O   . HOH D 4 .   ? 14.216  3.855   12.046  1.00 13.73 ? 293 HOH A O   1 
HETATM 1689 O  O   . HOH D 4 .   ? -10.442 8.908   -7.509  1.00 31.93 ? 294 HOH A O   1 
HETATM 1690 O  O   . HOH D 4 .   ? 11.652  9.208   13.930  1.00 33.76 ? 295 HOH A O   1 
HETATM 1691 O  O   . HOH D 4 .   ? 10.601  -20.063 -4.569  1.00 14.19 ? 296 HOH A O   1 
HETATM 1692 O  O   . HOH D 4 .   ? -17.788 -5.874  -8.737  1.00 30.64 ? 297 HOH A O   1 
HETATM 1693 O  O   . HOH D 4 .   ? 10.276  -2.260  15.929  1.00 25.56 ? 298 HOH A O   1 
HETATM 1694 O  O   . HOH D 4 .   ? -0.165  11.657  8.666   1.00 18.18 ? 299 HOH A O   1 
HETATM 1695 O  O   . HOH D 4 .   ? -6.828  0.520   -19.776 1.00 23.18 ? 300 HOH A O   1 
HETATM 1696 O  O   . HOH D 4 .   ? 13.991  4.253   8.176   1.00 19.16 ? 301 HOH A O   1 
HETATM 1697 O  O   . HOH D 4 .   ? -11.247 9.087   -11.769 1.00 32.01 ? 302 HOH A O   1 
HETATM 1698 O  O   . HOH D 4 .   ? 7.269   -23.895 -3.967  1.00 40.85 ? 303 HOH A O   1 
HETATM 1699 O  O   . HOH D 4 .   ? -2.348  5.401   -18.010 1.00 19.25 ? 304 HOH A O   1 
HETATM 1700 O  O   . HOH D 4 .   ? -9.225  7.955   18.278  1.00 40.44 ? 305 HOH A O   1 
HETATM 1701 O  O   . HOH D 4 .   ? -1.773  -12.687 -17.116 1.00 15.87 ? 306 HOH A O   1 
HETATM 1702 O  O   . HOH D 4 .   ? -4.335  -1.049  5.439   1.00 91.09 ? 307 HOH A O   1 
HETATM 1703 O  O   . HOH D 4 .   ? 8.286   17.371  6.434   1.00 24.02 ? 308 HOH A O   1 
HETATM 1704 O  O   . HOH D 4 .   ? -13.224 8.403   -12.023 1.00 87.06 ? 309 HOH A O   1 
HETATM 1705 O  O   . HOH D 4 .   ? -0.184  11.770  -13.080 1.00 27.26 ? 310 HOH A O   1 
HETATM 1706 O  O   . HOH D 4 .   ? -7.677  -10.244 -13.372 1.00 37.48 ? 311 HOH A O   1 
HETATM 1707 O  O   . HOH D 4 .   ? 12.765  6.112   2.114   1.00 30.14 ? 312 HOH A O   1 
HETATM 1708 O  O   . HOH D 4 .   ? 1.014   20.394  3.223   1.00 41.33 ? 313 HOH A O   1 
HETATM 1709 O  O   . HOH D 4 .   ? 8.134   -1.483  -14.418 1.00 19.84 ? 314 HOH A O   1 
HETATM 1710 O  O   . HOH D 4 .   ? 14.017  13.484  18.284  1.00 27.05 ? 315 HOH A O   1 
HETATM 1711 O  O   . HOH D 4 .   ? 8.795   -17.944 -2.336  1.00 27.63 ? 316 HOH A O   1 
HETATM 1712 O  O   . HOH D 4 .   ? -0.644  -19.991 2.435   1.00 16.88 ? 317 HOH A O   1 
HETATM 1713 O  O   . HOH D 4 .   ? 7.246   -8.717  -21.243 1.00 32.98 ? 318 HOH A O   1 
HETATM 1714 O  O   . HOH D 4 .   ? 7.112   -8.282  -8.486  1.00 45.93 ? 319 HOH A O   1 
HETATM 1715 O  O   . HOH D 4 .   ? -0.829  8.007   9.513   1.00 16.97 ? 320 HOH A O   1 
HETATM 1716 O  O   . HOH D 4 .   ? -4.949  15.060  6.329   1.00 20.88 ? 321 HOH A O   1 
HETATM 1717 O  O   . HOH D 4 .   ? -11.623 9.640   8.522   1.00 58.85 ? 322 HOH A O   1 
HETATM 1718 O  O   . HOH D 4 .   ? 14.081  7.798   -12.737 1.00 27.84 ? 323 HOH A O   1 
HETATM 1719 O  O   . HOH D 4 .   ? -2.219  -0.552  2.445   1.00 15.46 ? 324 HOH A O   1 
HETATM 1720 O  O   . HOH D 4 .   ? -13.985 7.544   -9.492  1.00 44.87 ? 325 HOH A O   1 
HETATM 1721 O  O   . HOH D 4 .   ? 12.206  14.680  19.553  1.00 25.11 ? 326 HOH A O   1 
HETATM 1722 O  O   . HOH D 4 .   ? 5.024   14.001  12.068  1.00 15.00 ? 327 HOH A O   1 
HETATM 1723 O  O   . HOH D 4 .   ? -10.630 8.466   10.936  1.00 33.54 ? 328 HOH A O   1 
HETATM 1724 O  O   . HOH D 4 .   ? 6.765   -13.378 1.033   1.00 15.09 ? 329 HOH A O   1 
HETATM 1725 O  O   . HOH D 4 .   ? -8.948  -18.500 1.741   1.00 35.23 ? 330 HOH A O   1 
HETATM 1726 O  O   . HOH D 4 .   ? 15.715  14.018  13.157  1.00 29.44 ? 331 HOH A O   1 
HETATM 1727 O  O   . HOH D 4 .   ? 6.171   -11.032 -18.088 1.00 35.25 ? 332 HOH A O   1 
HETATM 1728 O  O   . HOH D 4 .   ? 7.873   19.856  -2.930  1.00 63.49 ? 333 HOH A O   1 
HETATM 1729 O  O   . HOH D 4 .   ? 5.962   1.474   20.507  1.00 41.19 ? 334 HOH A O   1 
HETATM 1730 O  O   . HOH D 4 .   ? -0.839  13.139  16.456  1.00 47.30 ? 335 HOH A O   1 
HETATM 1731 O  O   . HOH D 4 .   ? 5.649   -5.198  17.853  1.00 37.67 ? 336 HOH A O   1 
HETATM 1732 O  O   . HOH D 4 .   ? -11.208 -13.490 -1.293  1.00 45.90 ? 337 HOH A O   1 
HETATM 1733 O  O   . HOH D 4 .   ? -11.616 13.392  10.394  1.00 61.72 ? 338 HOH A O   1 
HETATM 1734 O  O   . HOH D 4 .   ? -17.105 2.020   -2.656  1.00 26.66 ? 339 HOH A O   1 
HETATM 1735 O  O   . HOH D 4 .   ? 14.168  6.608   10.426  1.00 25.68 ? 340 HOH A O   1 
# 
